data_2K2O
#
_entry.id   2K2O
#
_entity_poly.entity_id   1
_entity_poly.type   'polypeptide(L)'
_entity_poly.pdbx_seq_one_letter_code
;IDPFTADAGHTEFTDEVYQNESRYPGGDWKPAEDTYTDANGDKAASPSELTCPPGWEWEDDAWSYDINRAVDEKGWEYGI
TIPPDHKPKSWVAAEKMYHTHRRRRLVRKRKKDLTQTASSTAR
;
_entity_poly.pdbx_strand_id   A
#
# COMPACT_ATOMS: atom_id res chain seq x y z
N ILE A 1 10.04 15.09 -6.60
CA ILE A 1 9.26 16.27 -6.22
C ILE A 1 10.16 17.30 -5.56
N ASP A 2 10.81 18.11 -6.39
CA ASP A 2 11.58 19.25 -5.94
C ASP A 2 11.33 20.40 -6.91
N PRO A 3 11.48 21.66 -6.47
CA PRO A 3 11.20 22.82 -7.32
C PRO A 3 12.39 23.24 -8.19
N PHE A 4 13.34 22.35 -8.42
CA PHE A 4 14.48 22.71 -9.23
C PHE A 4 14.40 22.04 -10.59
N THR A 5 13.94 20.81 -10.60
CA THR A 5 13.68 20.11 -11.83
C THR A 5 12.18 19.91 -11.92
N ALA A 6 11.67 19.75 -13.12
CA ALA A 6 10.25 19.55 -13.29
C ALA A 6 9.97 18.05 -13.23
N ASP A 7 9.58 17.59 -12.05
CA ASP A 7 9.41 16.17 -11.80
C ASP A 7 8.18 15.58 -12.46
N ALA A 8 8.37 15.18 -13.68
CA ALA A 8 7.37 14.45 -14.44
C ALA A 8 8.08 13.49 -15.35
N GLY A 9 8.91 14.06 -16.23
CA GLY A 9 9.75 13.29 -17.11
C GLY A 9 10.75 12.54 -16.29
N HIS A 10 10.38 11.33 -15.96
CA HIS A 10 11.07 10.46 -15.02
C HIS A 10 10.28 9.20 -15.02
N THR A 11 8.95 9.40 -14.93
CA THR A 11 8.01 8.36 -14.73
C THR A 11 8.29 7.71 -13.40
N GLU A 12 7.69 8.21 -12.37
CA GLU A 12 7.84 7.56 -11.11
C GLU A 12 6.44 7.35 -10.55
N PHE A 13 6.12 6.15 -10.14
CA PHE A 13 4.79 5.86 -9.61
C PHE A 13 4.92 5.32 -8.20
N THR A 14 4.10 5.77 -7.29
CA THR A 14 4.13 5.22 -5.94
C THR A 14 3.61 3.79 -5.96
N ASP A 15 4.43 2.86 -5.55
CA ASP A 15 3.98 1.48 -5.54
C ASP A 15 3.48 1.24 -4.14
N GLU A 16 2.47 0.42 -3.97
CA GLU A 16 1.82 0.32 -2.69
C GLU A 16 1.18 -1.06 -2.49
N VAL A 17 0.97 -1.43 -1.24
CA VAL A 17 0.22 -2.64 -0.90
C VAL A 17 -0.29 -2.58 0.53
N TYR A 18 -1.57 -2.84 0.70
CA TYR A 18 -2.21 -2.75 1.99
C TYR A 18 -2.13 -4.06 2.74
N GLN A 19 -1.39 -4.05 3.82
CA GLN A 19 -1.35 -5.19 4.71
C GLN A 19 -2.49 -5.09 5.70
N ASN A 20 -3.09 -6.21 6.05
CA ASN A 20 -4.22 -6.21 6.97
C ASN A 20 -4.26 -7.41 7.90
N GLU A 21 -5.03 -7.24 8.96
CA GLU A 21 -5.25 -8.22 9.99
C GLU A 21 -6.77 -8.28 10.16
N SER A 22 -7.27 -9.33 10.77
CA SER A 22 -8.68 -9.40 11.04
C SER A 22 -8.93 -9.87 12.46
N ARG A 23 -9.97 -9.37 13.06
CA ARG A 23 -10.33 -9.66 14.43
C ARG A 23 -11.83 -9.51 14.56
N TYR A 24 -12.36 -10.06 15.62
CA TYR A 24 -13.75 -9.84 15.95
C TYR A 24 -13.87 -8.38 16.34
N PRO A 25 -15.03 -7.74 16.17
CA PRO A 25 -15.23 -6.36 16.58
C PRO A 25 -14.95 -6.12 18.06
N GLY A 26 -13.72 -5.71 18.35
CA GLY A 26 -13.31 -5.51 19.72
C GLY A 26 -12.64 -6.77 20.19
N GLY A 27 -11.50 -7.09 19.59
CA GLY A 27 -10.85 -8.33 19.86
C GLY A 27 -9.38 -8.32 19.49
N ASP A 28 -8.87 -9.50 19.25
CA ASP A 28 -7.44 -9.74 18.98
C ASP A 28 -7.23 -10.01 17.50
N TRP A 29 -6.35 -9.25 16.82
CA TRP A 29 -6.15 -9.42 15.40
C TRP A 29 -5.24 -10.60 15.15
N LYS A 30 -5.49 -11.25 14.04
CA LYS A 30 -4.70 -12.33 13.54
C LYS A 30 -4.41 -11.93 12.11
N PRO A 31 -3.56 -12.61 11.34
CA PRO A 31 -3.35 -12.26 9.94
C PRO A 31 -4.68 -12.36 9.19
N ALA A 32 -4.98 -11.38 8.35
CA ALA A 32 -6.21 -11.41 7.58
C ALA A 32 -6.31 -12.64 6.67
N GLU A 33 -7.47 -12.77 6.05
CA GLU A 33 -7.77 -13.88 5.18
C GLU A 33 -6.91 -13.75 3.95
N ASP A 34 -6.78 -12.52 3.52
CA ASP A 34 -5.84 -12.13 2.50
C ASP A 34 -4.97 -11.09 3.15
N THR A 35 -3.75 -11.46 3.52
CA THR A 35 -2.88 -10.57 4.29
C THR A 35 -2.44 -9.35 3.48
N TYR A 36 -1.90 -9.56 2.30
CA TYR A 36 -1.60 -8.45 1.43
C TYR A 36 -2.70 -8.28 0.40
N THR A 37 -3.23 -7.09 0.36
CA THR A 37 -4.41 -6.75 -0.42
C THR A 37 -4.29 -5.39 -1.07
N ASP A 38 -5.27 -5.10 -1.90
CA ASP A 38 -5.46 -3.80 -2.47
C ASP A 38 -6.46 -3.12 -1.54
N ALA A 39 -6.65 -1.82 -1.66
CA ALA A 39 -7.63 -1.09 -0.83
C ALA A 39 -9.01 -1.73 -0.88
N ASN A 40 -9.34 -2.39 -1.98
CA ASN A 40 -10.64 -3.03 -2.10
C ASN A 40 -10.63 -4.40 -1.40
N GLY A 41 -9.53 -5.15 -1.54
CA GLY A 41 -9.42 -6.44 -0.91
C GLY A 41 -8.77 -7.47 -1.78
N ASP A 42 -8.60 -7.13 -3.05
CA ASP A 42 -7.92 -8.03 -3.97
C ASP A 42 -6.52 -8.30 -3.50
N LYS A 43 -6.34 -9.52 -3.06
CA LYS A 43 -5.05 -10.06 -2.59
C LYS A 43 -3.93 -9.72 -3.58
N ALA A 44 -2.87 -9.11 -3.08
CA ALA A 44 -1.74 -8.73 -3.89
C ALA A 44 -0.46 -9.36 -3.34
N ALA A 45 0.64 -9.20 -4.08
CA ALA A 45 1.94 -9.72 -3.65
C ALA A 45 2.45 -8.94 -2.45
N SER A 46 3.38 -9.52 -1.73
CA SER A 46 3.91 -8.92 -0.55
C SER A 46 5.15 -8.10 -0.92
N PRO A 47 5.49 -7.06 -0.13
CA PRO A 47 6.62 -6.16 -0.39
C PRO A 47 7.95 -6.84 -0.73
N SER A 48 8.22 -8.01 -0.17
CA SER A 48 9.45 -8.73 -0.47
C SER A 48 9.41 -9.29 -1.89
N GLU A 49 8.27 -9.87 -2.22
CA GLU A 49 7.98 -10.38 -3.56
C GLU A 49 7.94 -9.23 -4.56
N LEU A 50 7.61 -8.05 -4.07
CA LEU A 50 7.59 -6.85 -4.87
C LEU A 50 9.02 -6.39 -5.13
N THR A 51 9.41 -6.51 -6.38
CA THR A 51 10.79 -6.28 -6.80
C THR A 51 10.84 -5.32 -7.98
N CYS A 52 12.01 -4.81 -8.26
CA CYS A 52 12.19 -3.91 -9.37
C CYS A 52 12.33 -4.69 -10.66
N PRO A 53 11.52 -4.34 -11.66
CA PRO A 53 11.62 -4.93 -12.99
C PRO A 53 12.72 -4.25 -13.79
N PRO A 54 13.15 -4.83 -14.91
CA PRO A 54 14.11 -4.16 -15.79
C PRO A 54 13.53 -2.85 -16.28
N GLY A 55 14.12 -1.75 -15.85
CA GLY A 55 13.66 -0.44 -16.25
C GLY A 55 13.09 0.36 -15.09
N TRP A 56 13.01 -0.25 -13.92
CA TRP A 56 12.48 0.44 -12.77
C TRP A 56 13.43 0.41 -11.60
N GLU A 57 13.58 1.58 -11.05
CA GLU A 57 14.49 1.90 -9.97
C GLU A 57 13.66 2.22 -8.74
N TRP A 58 13.95 1.64 -7.61
CA TRP A 58 13.26 2.07 -6.41
C TRP A 58 13.74 3.45 -5.98
N GLU A 59 12.79 4.25 -5.55
CA GLU A 59 13.11 5.61 -5.17
C GLU A 59 13.17 5.68 -3.66
N ASP A 60 12.16 5.10 -3.03
CA ASP A 60 12.04 5.13 -1.58
C ASP A 60 12.81 3.99 -0.97
N ASP A 61 13.11 4.12 0.30
CA ASP A 61 13.79 3.08 1.03
C ASP A 61 12.77 2.18 1.70
N ALA A 62 12.66 0.95 1.17
CA ALA A 62 11.75 -0.08 1.65
C ALA A 62 10.30 0.37 1.69
N TRP A 63 9.48 -0.56 2.08
CA TRP A 63 8.07 -0.30 2.22
C TRP A 63 7.83 0.22 3.60
N SER A 64 7.34 1.42 3.66
CA SER A 64 7.08 2.10 4.92
C SER A 64 5.57 2.17 5.04
N TYR A 65 5.00 2.97 5.90
CA TYR A 65 3.55 3.07 5.93
C TYR A 65 3.14 4.46 5.48
N ASP A 66 2.02 4.55 4.80
CA ASP A 66 1.58 5.81 4.24
C ASP A 66 0.80 6.59 5.26
N ILE A 67 1.29 7.76 5.58
CA ILE A 67 0.64 8.65 6.52
C ILE A 67 0.20 9.94 5.84
N ASN A 68 0.19 9.88 4.51
CA ASN A 68 -0.20 11.01 3.68
C ASN A 68 -1.66 10.80 3.25
N ARG A 69 -2.40 10.14 4.11
CA ARG A 69 -3.78 9.78 3.87
C ARG A 69 -4.56 9.99 5.15
N ALA A 70 -5.86 9.83 5.07
CA ALA A 70 -6.69 9.84 6.26
C ALA A 70 -6.59 8.45 6.88
N VAL A 71 -5.51 8.24 7.60
CA VAL A 71 -5.17 6.95 8.21
C VAL A 71 -4.68 7.16 9.62
N ASP A 72 -4.71 6.10 10.42
CA ASP A 72 -4.11 6.09 11.76
C ASP A 72 -2.64 6.49 11.69
N GLU A 73 -2.03 6.75 12.84
CA GLU A 73 -0.62 7.08 12.93
C GLU A 73 0.23 6.04 12.27
N LYS A 74 -0.19 4.81 12.37
CA LYS A 74 0.61 3.77 11.80
C LYS A 74 0.04 3.32 10.45
N GLY A 75 -0.98 4.04 9.97
CA GLY A 75 -1.53 3.82 8.64
C GLY A 75 -2.82 3.02 8.65
N TRP A 76 -3.05 2.30 9.72
CA TRP A 76 -4.24 1.44 9.86
C TRP A 76 -5.56 2.17 9.63
N GLU A 77 -6.33 1.70 8.66
CA GLU A 77 -7.64 2.26 8.37
C GLU A 77 -8.73 1.39 9.00
N TYR A 78 -9.86 2.04 9.27
CA TYR A 78 -11.06 1.48 9.91
C TYR A 78 -11.89 0.70 8.93
N GLY A 79 -11.67 -0.60 8.89
CA GLY A 79 -12.45 -1.44 8.02
C GLY A 79 -13.37 -2.31 8.82
N ILE A 80 -14.57 -1.88 8.95
CA ILE A 80 -15.55 -2.59 9.72
C ILE A 80 -16.44 -3.41 8.79
N THR A 81 -16.60 -4.68 9.13
CA THR A 81 -17.40 -5.57 8.32
C THR A 81 -18.70 -5.89 9.04
N ILE A 82 -19.68 -5.03 8.85
CA ILE A 82 -21.00 -5.26 9.42
C ILE A 82 -21.79 -6.28 8.60
N PRO A 83 -22.20 -7.38 9.25
CA PRO A 83 -23.00 -8.40 8.58
C PRO A 83 -24.41 -7.89 8.28
N PRO A 84 -24.92 -8.16 7.08
CA PRO A 84 -24.19 -8.89 6.06
C PRO A 84 -23.41 -8.00 5.10
N ASP A 85 -22.28 -8.56 4.73
CA ASP A 85 -21.31 -8.01 3.77
C ASP A 85 -20.03 -8.77 3.99
N HIS A 86 -19.20 -8.82 2.99
CA HIS A 86 -17.99 -9.60 3.06
C HIS A 86 -16.81 -8.72 3.38
N LYS A 87 -16.84 -7.51 2.86
CA LYS A 87 -15.75 -6.57 3.06
C LYS A 87 -16.18 -5.26 3.68
N PRO A 88 -15.23 -4.63 4.35
CA PRO A 88 -15.32 -3.23 4.73
C PRO A 88 -15.47 -2.37 3.48
N LYS A 89 -16.47 -1.51 3.47
CA LYS A 89 -16.68 -0.61 2.35
C LYS A 89 -16.57 0.82 2.82
N SER A 90 -16.03 0.95 4.01
CA SER A 90 -15.86 2.22 4.66
C SER A 90 -14.55 2.15 5.44
N TRP A 91 -13.77 3.23 5.35
CA TRP A 91 -12.47 3.35 6.03
C TRP A 91 -12.38 4.72 6.69
N VAL A 92 -11.82 4.75 7.89
CA VAL A 92 -11.70 5.98 8.69
C VAL A 92 -10.32 5.97 9.36
N ALA A 93 -9.80 7.11 9.76
CA ALA A 93 -8.42 7.19 10.27
C ALA A 93 -8.26 6.83 11.76
N ALA A 94 -9.29 6.31 12.40
CA ALA A 94 -9.19 6.05 13.84
C ALA A 94 -9.42 4.59 14.15
N GLU A 95 -8.57 4.02 15.00
CA GLU A 95 -8.77 2.68 15.49
C GLU A 95 -9.98 2.66 16.41
N LYS A 96 -11.05 2.13 15.86
CA LYS A 96 -12.33 2.00 16.53
C LYS A 96 -12.56 0.55 16.83
N MET A 97 -13.23 0.27 17.92
CA MET A 97 -13.48 -1.10 18.32
C MET A 97 -14.20 -1.91 17.26
N TYR A 98 -15.11 -1.29 16.51
CA TYR A 98 -15.83 -2.01 15.44
C TYR A 98 -14.91 -2.56 14.34
N HIS A 99 -13.62 -2.25 14.43
CA HIS A 99 -12.64 -2.77 13.48
C HIS A 99 -12.68 -4.29 13.39
N THR A 100 -13.18 -4.80 12.28
CA THR A 100 -13.15 -6.23 12.00
C THR A 100 -11.90 -6.49 11.15
N HIS A 101 -11.53 -5.42 10.48
CA HIS A 101 -10.42 -5.34 9.55
C HIS A 101 -9.73 -4.00 9.70
N ARG A 102 -8.46 -3.98 9.43
CA ARG A 102 -7.71 -2.75 9.35
C ARG A 102 -6.59 -2.98 8.39
N ARG A 103 -6.27 -2.02 7.59
CA ARG A 103 -5.17 -2.23 6.67
C ARG A 103 -4.48 -0.96 6.39
N ARG A 104 -3.29 -1.06 5.88
CA ARG A 104 -2.52 0.13 5.65
C ARG A 104 -1.63 -0.04 4.45
N ARG A 105 -1.38 1.05 3.77
CA ARG A 105 -0.59 1.03 2.59
C ARG A 105 0.88 1.10 2.97
N LEU A 106 1.61 0.06 2.67
CA LEU A 106 3.03 0.14 2.72
C LEU A 106 3.44 0.81 1.44
N VAL A 107 4.25 1.82 1.54
CA VAL A 107 4.61 2.62 0.39
C VAL A 107 6.04 2.46 0.01
N ARG A 108 6.20 2.28 -1.27
CA ARG A 108 7.51 2.39 -1.88
C ARG A 108 7.36 2.85 -3.30
N LYS A 109 7.61 4.13 -3.50
CA LYS A 109 7.47 4.73 -4.79
C LYS A 109 8.71 4.38 -5.60
N ARG A 110 8.57 4.37 -6.90
CA ARG A 110 9.57 3.86 -7.79
C ARG A 110 9.66 4.86 -8.90
N LYS A 111 10.67 4.78 -9.67
CA LYS A 111 10.97 5.76 -10.66
C LYS A 111 11.68 5.06 -11.79
N LYS A 112 11.40 5.45 -13.01
CA LYS A 112 12.05 4.82 -14.17
C LYS A 112 13.30 5.61 -14.48
N ASP A 113 13.32 6.76 -13.84
CA ASP A 113 14.31 7.82 -14.02
C ASP A 113 14.43 8.19 -15.51
N LEU A 114 13.34 7.88 -16.22
CA LEU A 114 13.13 8.09 -17.65
C LEU A 114 14.06 7.24 -18.54
N THR A 115 15.34 7.24 -18.21
CA THR A 115 16.37 6.64 -19.05
C THR A 115 16.44 5.10 -18.94
N GLN A 116 15.94 4.51 -17.85
CA GLN A 116 16.09 3.07 -17.65
C GLN A 116 15.35 2.25 -18.70
N THR A 117 14.05 2.41 -18.82
CA THR A 117 13.35 1.83 -19.96
C THR A 117 12.88 2.93 -20.90
N ALA A 118 13.80 3.39 -21.72
CA ALA A 118 13.51 4.43 -22.68
C ALA A 118 13.41 3.81 -24.06
N SER A 119 14.22 2.78 -24.28
CA SER A 119 14.24 2.05 -25.51
C SER A 119 13.70 0.65 -25.28
N SER A 120 13.04 0.11 -26.29
CA SER A 120 12.42 -1.18 -26.17
C SER A 120 13.06 -2.17 -27.16
N THR A 121 13.02 -3.44 -26.80
CA THR A 121 13.54 -4.50 -27.65
C THR A 121 12.64 -4.66 -28.87
N ALA A 122 13.13 -4.29 -30.03
CA ALA A 122 12.36 -4.35 -31.25
C ALA A 122 12.53 -5.70 -31.93
N ARG A 123 11.44 -6.45 -31.98
CA ARG A 123 11.40 -7.74 -32.63
C ARG A 123 10.16 -7.79 -33.50
N ILE A 1 22.43 16.80 -16.81
CA ILE A 1 22.24 16.12 -15.53
C ILE A 1 20.78 16.17 -15.12
N ASP A 2 20.17 15.01 -15.06
CA ASP A 2 18.76 14.86 -14.73
C ASP A 2 18.54 15.22 -13.25
N PRO A 3 17.43 15.94 -12.94
CA PRO A 3 17.05 16.32 -11.57
C PRO A 3 17.27 15.22 -10.56
N PHE A 4 18.35 15.42 -9.86
CA PHE A 4 18.91 14.51 -8.88
C PHE A 4 17.86 13.98 -7.89
N THR A 5 17.27 14.88 -7.15
CA THR A 5 16.30 14.48 -6.16
C THR A 5 14.90 14.94 -6.56
N ALA A 6 14.82 16.00 -7.36
CA ALA A 6 13.55 16.49 -7.84
C ALA A 6 12.93 15.51 -8.81
N ASP A 7 11.65 15.22 -8.61
CA ASP A 7 10.94 14.29 -9.48
C ASP A 7 10.37 15.05 -10.66
N ALA A 8 11.13 15.10 -11.74
CA ALA A 8 10.71 15.84 -12.91
C ALA A 8 10.34 14.92 -14.06
N GLY A 9 11.34 14.35 -14.70
CA GLY A 9 11.14 13.50 -15.85
C GLY A 9 11.74 12.16 -15.65
N HIS A 10 11.46 11.59 -14.50
CA HIS A 10 11.95 10.28 -14.20
C HIS A 10 10.93 9.24 -14.57
N THR A 11 9.66 9.60 -14.52
CA THR A 11 8.57 8.66 -14.59
C THR A 11 8.65 7.77 -13.39
N GLU A 12 8.04 8.20 -12.36
CA GLU A 12 8.02 7.46 -11.16
C GLU A 12 6.58 7.19 -10.83
N PHE A 13 6.37 6.33 -9.90
CA PHE A 13 5.06 5.91 -9.49
C PHE A 13 5.15 5.57 -8.03
N THR A 14 4.32 6.17 -7.22
CA THR A 14 4.28 5.78 -5.84
C THR A 14 3.48 4.50 -5.76
N ASP A 15 4.16 3.45 -5.39
CA ASP A 15 3.55 2.14 -5.39
C ASP A 15 3.00 1.94 -4.00
N GLU A 16 2.12 1.00 -3.80
CA GLU A 16 1.46 0.88 -2.53
C GLU A 16 0.79 -0.49 -2.42
N VAL A 17 0.84 -1.07 -1.24
CA VAL A 17 0.17 -2.34 -0.95
C VAL A 17 -0.37 -2.27 0.45
N TYR A 18 -1.64 -2.54 0.62
CA TYR A 18 -2.23 -2.50 1.94
C TYR A 18 -2.00 -3.81 2.64
N GLN A 19 -1.89 -3.72 3.93
CA GLN A 19 -1.62 -4.85 4.76
C GLN A 19 -2.78 -5.01 5.72
N ASN A 20 -3.43 -6.14 5.69
CA ASN A 20 -4.64 -6.38 6.46
C ASN A 20 -4.42 -7.34 7.61
N GLU A 21 -5.15 -7.06 8.65
CA GLU A 21 -5.30 -7.92 9.83
C GLU A 21 -6.77 -7.86 10.21
N SER A 22 -7.23 -8.82 10.98
CA SER A 22 -8.63 -8.87 11.33
C SER A 22 -8.78 -9.42 12.74
N ARG A 23 -9.84 -9.00 13.38
CA ARG A 23 -10.19 -9.39 14.73
C ARG A 23 -11.71 -9.45 14.83
N TYR A 24 -12.21 -10.15 15.82
CA TYR A 24 -13.64 -10.07 16.11
C TYR A 24 -13.85 -8.73 16.81
N PRO A 25 -15.07 -8.21 16.92
CA PRO A 25 -15.31 -7.02 17.72
C PRO A 25 -15.11 -7.32 19.20
N GLY A 26 -13.88 -7.17 19.66
CA GLY A 26 -13.53 -7.53 21.01
C GLY A 26 -12.29 -8.42 21.01
N GLY A 27 -11.78 -8.70 19.81
CA GLY A 27 -10.56 -9.48 19.67
C GLY A 27 -9.40 -8.56 19.42
N ASP A 28 -8.23 -9.07 19.10
CA ASP A 28 -7.12 -8.23 18.67
C ASP A 28 -6.70 -8.73 17.30
N TRP A 29 -6.10 -7.84 16.51
CA TRP A 29 -5.75 -8.12 15.13
C TRP A 29 -4.77 -9.27 15.00
N LYS A 30 -5.06 -10.12 14.05
CA LYS A 30 -4.26 -11.27 13.71
C LYS A 30 -4.20 -11.27 12.19
N PRO A 31 -3.33 -12.06 11.54
CA PRO A 31 -3.22 -12.10 10.09
C PRO A 31 -4.57 -12.25 9.39
N ALA A 32 -4.83 -11.36 8.45
CA ALA A 32 -6.06 -11.40 7.68
C ALA A 32 -6.01 -12.54 6.65
N GLU A 33 -6.87 -12.48 5.65
CA GLU A 33 -6.95 -13.52 4.65
C GLU A 33 -6.01 -13.17 3.55
N ASP A 34 -6.21 -11.96 3.09
CA ASP A 34 -5.46 -11.47 2.01
C ASP A 34 -4.54 -10.43 2.60
N THR A 35 -3.35 -10.86 2.98
CA THR A 35 -2.43 -10.01 3.71
C THR A 35 -2.10 -8.74 2.93
N TYR A 36 -1.58 -8.87 1.72
CA TYR A 36 -1.28 -7.71 0.92
C TYR A 36 -2.30 -7.52 -0.20
N THR A 37 -2.74 -6.29 -0.40
CA THR A 37 -3.89 -5.94 -1.25
C THR A 37 -3.74 -4.56 -1.88
N ASP A 38 -4.77 -4.22 -2.62
CA ASP A 38 -4.96 -2.90 -3.21
C ASP A 38 -6.08 -2.30 -2.41
N ALA A 39 -6.30 -0.99 -2.49
CA ALA A 39 -7.43 -0.36 -1.78
C ALA A 39 -8.76 -1.04 -2.14
N ASN A 40 -8.85 -1.59 -3.35
CA ASN A 40 -10.03 -2.31 -3.80
C ASN A 40 -10.06 -3.76 -3.31
N GLY A 41 -8.98 -4.26 -2.72
CA GLY A 41 -8.98 -5.63 -2.24
C GLY A 41 -8.27 -6.55 -3.17
N ASP A 42 -7.84 -6.01 -4.30
CA ASP A 42 -7.04 -6.74 -5.27
C ASP A 42 -5.78 -7.22 -4.60
N LYS A 43 -5.79 -8.49 -4.21
CA LYS A 43 -4.68 -9.11 -3.51
C LYS A 43 -3.39 -8.91 -4.29
N ALA A 44 -2.39 -8.44 -3.59
CA ALA A 44 -1.12 -8.11 -4.18
C ALA A 44 -0.04 -8.97 -3.57
N ALA A 45 1.14 -8.90 -4.14
CA ALA A 45 2.27 -9.63 -3.61
C ALA A 45 2.75 -8.94 -2.36
N SER A 46 3.49 -9.63 -1.53
CA SER A 46 3.98 -9.03 -0.33
C SER A 46 5.29 -8.29 -0.68
N PRO A 47 5.62 -7.24 0.08
CA PRO A 47 6.74 -6.31 -0.22
C PRO A 47 8.10 -6.93 -0.55
N SER A 48 8.43 -8.10 -0.03
CA SER A 48 9.71 -8.72 -0.33
C SER A 48 9.59 -9.57 -1.60
N GLU A 49 8.42 -10.19 -1.76
CA GLU A 49 8.07 -10.90 -2.99
C GLU A 49 7.96 -9.90 -4.16
N LEU A 50 7.66 -8.65 -3.83
CA LEU A 50 7.58 -7.56 -4.77
C LEU A 50 8.97 -7.13 -5.18
N THR A 51 9.21 -7.19 -6.48
CA THR A 51 10.51 -6.93 -7.06
C THR A 51 10.40 -5.84 -8.12
N CYS A 52 11.53 -5.34 -8.58
CA CYS A 52 11.52 -4.33 -9.61
C CYS A 52 11.61 -4.96 -10.97
N PRO A 53 10.77 -4.52 -11.91
CA PRO A 53 10.82 -5.00 -13.30
C PRO A 53 12.00 -4.36 -14.06
N PRO A 54 12.31 -4.83 -15.28
CA PRO A 54 13.46 -4.34 -16.06
C PRO A 54 13.47 -2.83 -16.33
N GLY A 55 12.34 -2.15 -16.22
CA GLY A 55 12.31 -0.73 -16.45
C GLY A 55 11.93 0.05 -15.21
N TRP A 56 11.96 -0.57 -14.05
CA TRP A 56 11.64 0.14 -12.82
C TRP A 56 12.73 -0.06 -11.76
N GLU A 57 13.21 1.06 -11.25
CA GLU A 57 14.32 1.21 -10.33
C GLU A 57 13.76 1.54 -8.95
N TRP A 58 13.99 0.69 -7.97
CA TRP A 58 13.52 1.03 -6.63
C TRP A 58 14.31 2.18 -6.04
N GLU A 59 13.66 3.34 -6.01
CA GLU A 59 14.23 4.50 -5.38
C GLU A 59 14.22 4.29 -3.88
N ASP A 60 13.04 3.91 -3.41
CA ASP A 60 12.77 3.80 -1.99
C ASP A 60 13.44 2.57 -1.41
N ASP A 61 13.89 2.69 -0.19
CA ASP A 61 14.59 1.63 0.53
C ASP A 61 13.68 0.49 0.96
N ALA A 62 12.46 0.80 1.37
CA ALA A 62 11.58 -0.22 1.92
C ALA A 62 10.16 0.28 2.00
N TRP A 63 9.22 -0.64 1.88
CA TRP A 63 7.82 -0.28 1.97
C TRP A 63 7.57 0.23 3.37
N SER A 64 7.13 1.46 3.44
CA SER A 64 6.96 2.14 4.70
C SER A 64 5.48 2.41 4.83
N TYR A 65 5.03 3.15 5.80
CA TYR A 65 3.60 3.36 5.95
C TYR A 65 3.26 4.80 5.61
N ASP A 66 2.12 4.98 5.00
CA ASP A 66 1.76 6.29 4.45
C ASP A 66 0.69 6.96 5.30
N ILE A 67 0.94 8.22 5.61
CA ILE A 67 0.00 9.03 6.38
C ILE A 67 -0.65 10.10 5.52
N ASN A 68 -0.82 9.82 4.24
CA ASN A 68 -1.32 10.82 3.31
C ASN A 68 -2.75 10.45 2.95
N ARG A 69 -3.40 9.82 3.91
CA ARG A 69 -4.77 9.34 3.80
C ARG A 69 -5.47 9.63 5.11
N ALA A 70 -6.71 9.23 5.24
CA ALA A 70 -7.41 9.33 6.51
C ALA A 70 -7.07 8.09 7.30
N VAL A 71 -5.89 8.08 7.86
CA VAL A 71 -5.33 6.93 8.52
C VAL A 71 -4.64 7.30 9.83
N ASP A 72 -4.54 6.32 10.71
CA ASP A 72 -3.74 6.40 11.93
C ASP A 72 -2.30 6.78 11.62
N GLU A 73 -1.57 7.17 12.65
CA GLU A 73 -0.15 7.50 12.57
C GLU A 73 0.66 6.40 11.92
N LYS A 74 0.19 5.19 12.00
CA LYS A 74 0.89 4.09 11.39
C LYS A 74 0.19 3.60 10.12
N GLY A 75 -0.75 4.39 9.63
CA GLY A 75 -1.44 4.11 8.38
C GLY A 75 -2.69 3.29 8.55
N TRP A 76 -2.85 2.72 9.73
CA TRP A 76 -4.00 1.89 10.04
C TRP A 76 -5.33 2.64 9.91
N GLU A 77 -6.15 2.20 8.97
CA GLU A 77 -7.47 2.73 8.73
C GLU A 77 -8.58 1.80 9.23
N TYR A 78 -9.74 2.44 9.43
CA TYR A 78 -10.97 1.93 10.03
C TYR A 78 -11.84 1.16 9.07
N GLY A 79 -11.81 -0.16 9.17
CA GLY A 79 -12.73 -0.97 8.41
C GLY A 79 -13.46 -1.92 9.33
N ILE A 80 -14.75 -2.09 9.13
CA ILE A 80 -15.49 -3.03 9.93
C ILE A 80 -16.34 -3.85 8.99
N THR A 81 -16.60 -5.07 9.33
CA THR A 81 -17.40 -5.92 8.51
C THR A 81 -18.54 -6.52 9.33
N ILE A 82 -19.73 -6.00 9.14
CA ILE A 82 -20.89 -6.49 9.86
C ILE A 82 -21.65 -7.51 9.01
N PRO A 83 -21.68 -8.77 9.47
CA PRO A 83 -22.34 -9.85 8.72
C PRO A 83 -23.85 -9.68 8.62
N PRO A 84 -24.42 -9.96 7.44
CA PRO A 84 -23.67 -10.38 6.27
C PRO A 84 -23.20 -9.23 5.40
N ASP A 85 -21.98 -9.41 4.98
CA ASP A 85 -21.19 -8.51 4.13
C ASP A 85 -19.76 -9.00 4.26
N HIS A 86 -18.90 -8.84 3.27
CA HIS A 86 -17.55 -9.42 3.39
C HIS A 86 -16.49 -8.32 3.50
N LYS A 87 -16.71 -7.22 2.80
CA LYS A 87 -15.79 -6.11 2.81
C LYS A 87 -16.19 -5.04 3.79
N PRO A 88 -15.21 -4.44 4.46
CA PRO A 88 -15.42 -3.17 5.13
C PRO A 88 -15.77 -2.15 4.08
N LYS A 89 -16.92 -1.51 4.23
CA LYS A 89 -17.39 -0.56 3.22
C LYS A 89 -16.64 0.76 3.27
N SER A 90 -15.88 0.94 4.33
CA SER A 90 -15.37 2.24 4.65
C SER A 90 -14.05 2.12 5.37
N TRP A 91 -13.22 3.15 5.20
CA TRP A 91 -11.94 3.33 5.87
C TRP A 91 -11.83 4.79 6.27
N VAL A 92 -11.45 5.03 7.52
CA VAL A 92 -11.48 6.36 8.13
C VAL A 92 -10.35 6.38 9.16
N ALA A 93 -10.03 7.52 9.74
CA ALA A 93 -9.02 7.58 10.78
C ALA A 93 -9.73 7.52 12.12
N ALA A 94 -9.81 6.32 12.67
CA ALA A 94 -10.55 6.08 13.91
C ALA A 94 -10.24 4.68 14.42
N GLU A 95 -10.73 4.39 15.61
CA GLU A 95 -10.57 3.07 16.20
C GLU A 95 -11.73 2.79 17.11
N LYS A 96 -12.67 2.07 16.54
CA LYS A 96 -13.92 1.72 17.18
C LYS A 96 -14.00 0.23 17.36
N MET A 97 -14.59 -0.19 18.47
CA MET A 97 -14.80 -1.59 18.82
C MET A 97 -15.34 -2.44 17.70
N TYR A 98 -16.19 -1.86 16.86
CA TYR A 98 -16.79 -2.59 15.74
C TYR A 98 -15.73 -3.05 14.75
N HIS A 99 -14.52 -2.51 14.92
CA HIS A 99 -13.36 -2.88 14.11
C HIS A 99 -13.18 -4.37 14.02
N THR A 100 -13.50 -4.89 12.87
CA THR A 100 -13.30 -6.28 12.58
C THR A 100 -12.13 -6.42 11.61
N HIS A 101 -11.80 -5.32 10.95
CA HIS A 101 -10.75 -5.29 9.93
C HIS A 101 -9.90 -4.04 10.01
N ARG A 102 -8.65 -4.18 9.67
CA ARG A 102 -7.76 -3.05 9.68
C ARG A 102 -6.72 -3.21 8.59
N ARG A 103 -6.28 -2.10 8.02
CA ARG A 103 -5.24 -2.18 7.00
C ARG A 103 -4.50 -0.88 6.93
N ARG A 104 -3.40 -0.89 6.25
CA ARG A 104 -2.61 0.31 6.08
C ARG A 104 -1.89 0.26 4.75
N ARG A 105 -1.51 1.40 4.20
CA ARG A 105 -0.77 1.46 2.98
C ARG A 105 0.73 1.40 3.25
N LEU A 106 1.40 0.50 2.59
CA LEU A 106 2.83 0.49 2.56
C LEU A 106 3.25 1.07 1.22
N VAL A 107 4.11 2.05 1.25
CA VAL A 107 4.49 2.76 0.05
C VAL A 107 5.88 2.40 -0.40
N ARG A 108 6.02 2.26 -1.69
CA ARG A 108 7.33 2.11 -2.29
C ARG A 108 7.43 2.99 -3.52
N LYS A 109 8.12 4.10 -3.42
CA LYS A 109 8.26 5.03 -4.54
C LYS A 109 9.19 4.36 -5.56
N ARG A 110 8.87 4.41 -6.84
CA ARG A 110 9.63 3.65 -7.82
C ARG A 110 9.85 4.51 -9.02
N LYS A 111 10.99 4.36 -9.62
CA LYS A 111 11.42 5.14 -10.75
C LYS A 111 11.41 4.34 -11.97
N LYS A 112 11.20 4.98 -13.06
CA LYS A 112 11.56 4.36 -14.30
C LYS A 112 12.89 5.01 -14.65
N ASP A 113 13.08 6.11 -13.94
CA ASP A 113 14.18 7.07 -14.07
C ASP A 113 14.39 7.49 -15.51
N LEU A 114 13.36 7.20 -16.33
CA LEU A 114 13.32 7.33 -17.78
C LEU A 114 14.44 6.55 -18.50
N THR A 115 15.63 6.53 -17.93
CA THR A 115 16.80 5.88 -18.46
C THR A 115 16.75 4.34 -18.32
N GLN A 116 15.85 3.79 -17.49
CA GLN A 116 15.74 2.32 -17.37
C GLN A 116 15.41 1.72 -18.74
N THR A 117 14.48 2.36 -19.42
CA THR A 117 14.07 1.91 -20.72
C THR A 117 15.01 2.46 -21.78
N ALA A 118 15.84 1.59 -22.30
CA ALA A 118 16.76 1.93 -23.35
C ALA A 118 16.76 0.81 -24.37
N SER A 119 16.04 1.02 -25.44
CA SER A 119 15.95 0.05 -26.50
C SER A 119 17.27 -0.02 -27.25
N SER A 120 18.03 -1.04 -26.95
CA SER A 120 19.34 -1.23 -27.53
C SER A 120 19.23 -1.65 -28.99
N THR A 121 20.31 -1.47 -29.71
CA THR A 121 20.37 -1.82 -31.10
C THR A 121 21.78 -2.31 -31.41
N ALA A 122 21.89 -3.34 -32.22
CA ALA A 122 23.18 -3.90 -32.56
C ALA A 122 23.42 -3.76 -34.05
N ARG A 123 22.46 -4.18 -34.83
CA ARG A 123 22.59 -4.17 -36.26
C ARG A 123 21.45 -3.38 -36.86
N ILE A 1 17.08 23.57 2.39
CA ILE A 1 17.42 24.52 1.31
C ILE A 1 17.79 23.80 0.02
N ASP A 2 18.32 22.59 0.12
CA ASP A 2 18.66 21.80 -1.05
C ASP A 2 17.38 21.14 -1.55
N PRO A 3 17.06 21.29 -2.85
CA PRO A 3 15.79 20.82 -3.41
C PRO A 3 15.66 19.30 -3.39
N PHE A 4 14.47 18.85 -3.69
CA PHE A 4 14.16 17.44 -3.64
C PHE A 4 13.99 16.93 -5.06
N THR A 5 13.48 15.72 -5.20
CA THR A 5 13.30 15.11 -6.50
C THR A 5 12.42 15.98 -7.42
N ALA A 6 13.01 16.37 -8.54
CA ALA A 6 12.34 17.16 -9.55
C ALA A 6 12.33 16.35 -10.84
N ASP A 7 11.55 16.73 -11.82
CA ASP A 7 11.43 15.93 -13.01
C ASP A 7 12.23 16.47 -14.18
N ALA A 8 12.92 15.57 -14.84
CA ALA A 8 13.66 15.87 -16.04
C ALA A 8 13.32 14.79 -17.07
N GLY A 9 12.13 14.24 -16.93
CA GLY A 9 11.68 13.17 -17.78
C GLY A 9 11.80 11.83 -17.11
N HIS A 10 11.05 11.63 -16.03
CA HIS A 10 11.01 10.33 -15.39
C HIS A 10 9.57 9.97 -15.14
N THR A 11 9.32 8.70 -15.11
CA THR A 11 8.11 8.23 -14.54
C THR A 11 8.44 7.71 -13.16
N GLU A 12 7.77 8.22 -12.17
CA GLU A 12 7.86 7.69 -10.84
C GLU A 12 6.47 7.77 -10.24
N PHE A 13 6.04 6.70 -9.65
CA PHE A 13 4.73 6.57 -9.09
C PHE A 13 4.87 6.10 -7.66
N THR A 14 4.15 6.67 -6.73
CA THR A 14 4.21 6.18 -5.38
C THR A 14 3.36 4.92 -5.34
N ASP A 15 3.94 3.83 -4.90
CA ASP A 15 3.25 2.57 -4.96
C ASP A 15 2.82 2.28 -3.55
N GLU A 16 1.86 1.44 -3.34
CA GLU A 16 1.37 1.21 -2.01
C GLU A 16 0.82 -0.21 -1.89
N VAL A 17 0.86 -0.74 -0.70
CA VAL A 17 0.30 -2.04 -0.41
C VAL A 17 -0.44 -1.91 0.91
N TYR A 18 -1.07 -2.96 1.39
CA TYR A 18 -1.89 -2.87 2.58
C TYR A 18 -1.76 -4.12 3.42
N GLN A 19 -1.17 -3.97 4.60
CA GLN A 19 -1.09 -5.03 5.59
C GLN A 19 -2.41 -5.16 6.33
N ASN A 20 -2.96 -6.36 6.39
CA ASN A 20 -4.27 -6.61 7.02
C ASN A 20 -4.20 -7.58 8.19
N GLU A 21 -5.14 -7.41 9.10
CA GLU A 21 -5.41 -8.29 10.22
C GLU A 21 -6.92 -8.36 10.37
N SER A 22 -7.41 -9.35 11.06
CA SER A 22 -8.84 -9.52 11.26
C SER A 22 -9.17 -9.91 12.70
N ARG A 23 -10.27 -9.38 13.22
CA ARG A 23 -10.70 -9.61 14.56
C ARG A 23 -12.20 -9.49 14.62
N TYR A 24 -12.78 -10.06 15.64
CA TYR A 24 -14.19 -9.87 15.94
C TYR A 24 -14.39 -8.41 16.31
N PRO A 25 -15.61 -7.89 16.25
CA PRO A 25 -15.89 -6.53 16.67
C PRO A 25 -15.57 -6.33 18.15
N GLY A 26 -14.40 -5.79 18.44
CA GLY A 26 -14.01 -5.59 19.82
C GLY A 26 -13.29 -6.83 20.31
N GLY A 27 -12.17 -7.14 19.69
CA GLY A 27 -11.46 -8.36 20.01
C GLY A 27 -9.98 -8.25 19.66
N ASP A 28 -9.36 -9.40 19.52
CA ASP A 28 -7.92 -9.50 19.23
C ASP A 28 -7.71 -9.85 17.76
N TRP A 29 -6.82 -9.15 17.08
CA TRP A 29 -6.57 -9.41 15.69
C TRP A 29 -5.65 -10.59 15.54
N LYS A 30 -5.84 -11.32 14.49
CA LYS A 30 -4.95 -12.37 14.06
C LYS A 30 -4.68 -12.03 12.62
N PRO A 31 -3.53 -12.38 12.05
CA PRO A 31 -3.21 -12.04 10.66
C PRO A 31 -4.34 -12.43 9.72
N ALA A 32 -4.59 -11.57 8.74
CA ALA A 32 -5.67 -11.79 7.78
C ALA A 32 -5.40 -13.03 6.92
N GLU A 33 -6.30 -13.30 6.00
CA GLU A 33 -6.18 -14.49 5.17
C GLU A 33 -5.38 -14.10 3.99
N ASP A 34 -5.69 -12.93 3.54
CA ASP A 34 -4.95 -12.37 2.49
C ASP A 34 -4.38 -11.08 3.04
N THR A 35 -3.21 -11.22 3.64
CA THR A 35 -2.59 -10.14 4.41
C THR A 35 -2.23 -8.95 3.53
N TYR A 36 -1.42 -9.14 2.50
CA TYR A 36 -1.06 -8.04 1.64
C TYR A 36 -1.99 -7.95 0.44
N THR A 37 -2.50 -6.74 0.23
CA THR A 37 -3.57 -6.50 -0.71
C THR A 37 -3.47 -5.11 -1.30
N ASP A 38 -4.41 -4.85 -2.19
CA ASP A 38 -4.63 -3.57 -2.82
C ASP A 38 -5.79 -2.94 -2.04
N ALA A 39 -6.14 -1.68 -2.31
CA ALA A 39 -7.29 -1.04 -1.69
C ALA A 39 -8.56 -1.87 -1.87
N ASN A 40 -8.65 -2.59 -2.99
CA ASN A 40 -9.84 -3.43 -3.23
C ASN A 40 -9.71 -4.79 -2.54
N GLY A 41 -8.54 -5.09 -1.99
CA GLY A 41 -8.31 -6.39 -1.43
C GLY A 41 -8.11 -7.40 -2.50
N ASP A 42 -7.15 -7.17 -3.34
CA ASP A 42 -6.79 -8.13 -4.33
C ASP A 42 -5.51 -8.69 -3.79
N LYS A 43 -5.57 -9.93 -3.34
CA LYS A 43 -4.40 -10.63 -2.79
C LYS A 43 -3.18 -10.44 -3.69
N ALA A 44 -2.19 -9.78 -3.14
CA ALA A 44 -0.96 -9.50 -3.84
C ALA A 44 0.22 -10.07 -3.07
N ALA A 45 1.40 -9.82 -3.59
CA ALA A 45 2.61 -10.24 -2.92
C ALA A 45 2.94 -9.25 -1.81
N SER A 46 3.78 -9.65 -0.88
CA SER A 46 4.14 -8.76 0.20
C SER A 46 5.23 -7.83 -0.32
N PRO A 47 5.46 -6.67 0.31
CA PRO A 47 6.47 -5.68 -0.13
C PRO A 47 7.84 -6.27 -0.50
N SER A 48 8.24 -7.31 0.19
CA SER A 48 9.52 -7.97 -0.06
C SER A 48 9.45 -8.76 -1.37
N GLU A 49 8.36 -9.52 -1.49
CA GLU A 49 8.06 -10.31 -2.68
C GLU A 49 7.81 -9.41 -3.88
N LEU A 50 7.25 -8.23 -3.63
CA LEU A 50 6.96 -7.23 -4.64
C LEU A 50 8.24 -6.77 -5.34
N THR A 51 8.36 -7.15 -6.60
CA THR A 51 9.53 -6.85 -7.38
C THR A 51 9.28 -5.73 -8.38
N CYS A 52 10.34 -5.18 -8.91
CA CYS A 52 10.27 -4.17 -9.94
C CYS A 52 10.47 -4.83 -11.31
N PRO A 53 9.65 -4.46 -12.31
CA PRO A 53 9.78 -4.95 -13.69
C PRO A 53 11.00 -4.35 -14.37
N PRO A 54 11.34 -4.74 -15.62
CA PRO A 54 12.52 -4.21 -16.32
C PRO A 54 12.59 -2.68 -16.36
N GLY A 55 11.49 -2.05 -16.69
CA GLY A 55 11.44 -0.60 -16.72
C GLY A 55 11.46 0.01 -15.35
N TRP A 56 10.58 -0.43 -14.48
CA TRP A 56 10.49 0.14 -13.14
C TRP A 56 11.64 -0.23 -12.22
N GLU A 57 11.98 0.74 -11.41
CA GLU A 57 13.06 0.68 -10.46
C GLU A 57 12.51 1.22 -9.14
N TRP A 58 13.10 0.88 -8.03
CA TRP A 58 12.70 1.49 -6.78
C TRP A 58 13.52 2.75 -6.51
N GLU A 59 12.93 3.68 -5.78
CA GLU A 59 13.62 4.91 -5.42
C GLU A 59 13.47 5.15 -3.91
N ASP A 60 12.33 4.75 -3.38
CA ASP A 60 12.03 4.85 -1.96
C ASP A 60 12.87 3.83 -1.21
N ASP A 61 13.19 4.11 0.03
CA ASP A 61 14.05 3.26 0.84
C ASP A 61 13.39 1.91 1.12
N ALA A 62 12.13 1.95 1.53
CA ALA A 62 11.40 0.75 1.96
C ALA A 62 9.92 1.05 2.02
N TRP A 63 9.12 0.02 2.23
CA TRP A 63 7.68 0.20 2.30
C TRP A 63 7.31 0.60 3.71
N SER A 64 7.35 1.88 3.95
CA SER A 64 7.08 2.45 5.26
C SER A 64 5.61 2.82 5.33
N TYR A 65 4.99 2.69 6.46
CA TYR A 65 3.57 2.97 6.55
C TYR A 65 3.30 4.46 6.48
N ASP A 66 2.30 4.78 5.69
CA ASP A 66 1.95 6.14 5.34
C ASP A 66 1.12 6.79 6.41
N ILE A 67 1.39 8.07 6.65
CA ILE A 67 0.63 8.88 7.57
C ILE A 67 0.25 10.23 6.96
N ASN A 68 0.55 10.40 5.68
CA ASN A 68 0.33 11.68 5.00
C ASN A 68 -1.03 11.72 4.33
N ARG A 69 -1.92 10.85 4.74
CA ARG A 69 -3.25 10.74 4.17
C ARG A 69 -4.18 10.39 5.33
N ALA A 70 -5.46 10.19 5.07
CA ALA A 70 -6.39 9.84 6.15
C ALA A 70 -6.25 8.38 6.57
N VAL A 71 -5.30 8.14 7.45
CA VAL A 71 -5.00 6.82 8.01
C VAL A 71 -4.57 7.02 9.47
N ASP A 72 -4.70 5.98 10.28
CA ASP A 72 -4.23 6.02 11.69
C ASP A 72 -2.75 6.41 11.77
N GLU A 73 -2.23 6.62 12.96
CA GLU A 73 -0.84 7.00 13.14
C GLU A 73 0.05 5.90 12.69
N LYS A 74 -0.43 4.70 12.85
CA LYS A 74 0.32 3.58 12.39
C LYS A 74 -0.08 3.20 10.95
N GLY A 75 -1.02 3.95 10.38
CA GLY A 75 -1.41 3.76 8.99
C GLY A 75 -2.73 3.03 8.87
N TRP A 76 -3.06 2.30 9.92
CA TRP A 76 -4.29 1.50 10.00
C TRP A 76 -5.56 2.27 9.62
N GLU A 77 -6.27 1.72 8.67
CA GLU A 77 -7.55 2.25 8.24
C GLU A 77 -8.66 1.47 8.89
N TYR A 78 -9.81 2.12 8.96
CA TYR A 78 -11.05 1.63 9.51
C TYR A 78 -11.76 0.79 8.46
N GLY A 79 -11.42 -0.48 8.39
CA GLY A 79 -12.04 -1.34 7.41
C GLY A 79 -12.96 -2.32 8.05
N ILE A 80 -14.15 -1.88 8.31
CA ILE A 80 -15.10 -2.69 9.00
C ILE A 80 -15.96 -3.48 8.01
N THR A 81 -16.08 -4.77 8.27
CA THR A 81 -16.83 -5.66 7.45
C THR A 81 -17.74 -6.47 8.36
N ILE A 82 -19.04 -6.41 8.13
CA ILE A 82 -19.99 -7.07 9.02
C ILE A 82 -20.70 -8.18 8.26
N PRO A 83 -20.25 -9.44 8.41
CA PRO A 83 -20.82 -10.57 7.65
C PRO A 83 -22.30 -10.80 7.95
N PRO A 84 -23.13 -10.98 6.90
CA PRO A 84 -22.68 -10.90 5.51
C PRO A 84 -22.52 -9.47 5.05
N ASP A 85 -21.52 -9.29 4.23
CA ASP A 85 -21.12 -7.97 3.78
C ASP A 85 -20.58 -8.12 2.37
N HIS A 86 -20.07 -7.05 1.83
CA HIS A 86 -19.54 -7.02 0.50
C HIS A 86 -18.07 -6.73 0.56
N LYS A 87 -17.75 -5.56 1.09
CA LYS A 87 -16.41 -5.05 1.21
C LYS A 87 -16.58 -3.98 2.27
N PRO A 88 -15.55 -3.54 3.01
CA PRO A 88 -15.76 -2.44 3.94
C PRO A 88 -16.24 -1.21 3.19
N LYS A 89 -17.40 -0.73 3.58
CA LYS A 89 -18.06 0.41 2.93
C LYS A 89 -17.31 1.70 3.11
N SER A 90 -16.62 1.78 4.21
CA SER A 90 -16.09 3.01 4.69
C SER A 90 -14.75 2.76 5.35
N TRP A 91 -13.84 3.69 5.10
CA TRP A 91 -12.50 3.70 5.69
C TRP A 91 -12.32 5.05 6.35
N VAL A 92 -11.71 5.04 7.52
CA VAL A 92 -11.52 6.25 8.31
C VAL A 92 -10.12 6.14 8.90
N ALA A 93 -9.61 7.22 9.45
CA ALA A 93 -8.22 7.30 9.88
C ALA A 93 -8.02 6.94 11.35
N ALA A 94 -8.89 6.16 11.95
CA ALA A 94 -8.71 5.80 13.35
C ALA A 94 -8.99 4.32 13.56
N GLU A 95 -8.15 3.67 14.35
CA GLU A 95 -8.37 2.28 14.70
C GLU A 95 -9.16 2.23 16.02
N LYS A 96 -10.19 1.41 16.03
CA LYS A 96 -11.17 1.34 17.13
C LYS A 96 -11.76 -0.05 17.18
N MET A 97 -12.61 -0.32 18.15
CA MET A 97 -13.21 -1.63 18.33
C MET A 97 -14.41 -1.82 17.41
N TYR A 98 -14.61 -0.84 16.55
CA TYR A 98 -15.66 -0.88 15.53
C TYR A 98 -15.07 -1.50 14.28
N HIS A 99 -13.86 -1.99 14.44
CA HIS A 99 -13.17 -2.69 13.39
C HIS A 99 -13.48 -4.17 13.41
N THR A 100 -12.98 -4.79 12.38
CA THR A 100 -13.11 -6.20 12.09
C THR A 100 -11.96 -6.55 11.15
N HIS A 101 -11.65 -5.60 10.30
CA HIS A 101 -10.49 -5.62 9.45
C HIS A 101 -9.82 -4.27 9.58
N ARG A 102 -8.52 -4.21 9.40
CA ARG A 102 -7.82 -2.96 9.37
C ARG A 102 -6.66 -3.16 8.45
N ARG A 103 -6.24 -2.13 7.76
CA ARG A 103 -5.07 -2.30 6.93
C ARG A 103 -4.33 -1.03 6.77
N ARG A 104 -3.05 -1.13 6.56
CA ARG A 104 -2.28 0.06 6.44
C ARG A 104 -1.45 0.05 5.20
N ARG A 105 -1.34 1.23 4.61
CA ARG A 105 -0.59 1.45 3.42
C ARG A 105 0.89 1.51 3.73
N LEU A 106 1.65 0.66 3.10
CA LEU A 106 3.08 0.80 3.14
C LEU A 106 3.42 1.38 1.78
N VAL A 107 4.17 2.43 1.78
CA VAL A 107 4.46 3.17 0.58
C VAL A 107 5.86 2.91 0.10
N ARG A 108 5.97 2.67 -1.17
CA ARG A 108 7.26 2.56 -1.80
C ARG A 108 7.21 3.34 -3.10
N LYS A 109 7.79 4.50 -3.12
CA LYS A 109 7.82 5.29 -4.34
C LYS A 109 8.78 4.58 -5.30
N ARG A 110 8.40 4.51 -6.55
CA ARG A 110 9.15 3.73 -7.49
C ARG A 110 9.36 4.61 -8.68
N LYS A 111 10.49 4.52 -9.28
CA LYS A 111 10.83 5.36 -10.36
C LYS A 111 11.38 4.52 -11.49
N LYS A 112 10.93 4.78 -12.69
CA LYS A 112 11.34 4.02 -13.86
C LYS A 112 12.66 4.60 -14.36
N ASP A 113 12.83 5.85 -13.95
CA ASP A 113 13.92 6.78 -14.34
C ASP A 113 13.86 7.16 -15.81
N LEU A 114 13.42 6.18 -16.56
CA LEU A 114 13.12 6.18 -17.99
C LEU A 114 14.38 5.84 -18.77
N THR A 115 15.39 5.43 -18.05
CA THR A 115 16.65 5.11 -18.66
C THR A 115 16.87 3.63 -18.51
N GLN A 116 15.97 3.04 -17.73
CA GLN A 116 16.06 1.65 -17.39
C GLN A 116 15.38 0.81 -18.44
N THR A 117 14.28 1.32 -18.95
CA THR A 117 13.60 0.68 -20.02
C THR A 117 14.07 1.33 -21.32
N ALA A 118 14.44 0.51 -22.28
CA ALA A 118 14.90 1.01 -23.56
C ALA A 118 13.72 1.21 -24.49
N SER A 119 13.34 2.45 -24.67
CA SER A 119 12.22 2.79 -25.53
C SER A 119 12.64 2.76 -27.00
N SER A 120 13.94 2.83 -27.22
CA SER A 120 14.50 2.71 -28.53
C SER A 120 14.98 1.28 -28.77
N THR A 121 14.15 0.50 -29.43
CA THR A 121 14.49 -0.85 -29.77
C THR A 121 14.92 -0.91 -31.24
N ALA A 122 16.07 -1.48 -31.49
CA ALA A 122 16.63 -1.51 -32.83
C ALA A 122 17.06 -2.92 -33.21
N ARG A 123 17.44 -3.72 -32.23
CA ARG A 123 17.91 -5.06 -32.49
C ARG A 123 16.78 -6.04 -32.26
N ILE A 1 6.87 18.40 -15.05
CA ILE A 1 7.96 18.42 -14.08
C ILE A 1 7.68 19.54 -13.08
N ASP A 2 7.29 19.19 -11.88
CA ASP A 2 6.96 20.19 -10.87
C ASP A 2 7.94 20.20 -9.72
N PRO A 3 8.12 21.38 -9.11
CA PRO A 3 9.01 21.56 -7.94
C PRO A 3 8.56 20.76 -6.72
N PHE A 4 7.25 20.53 -6.64
CA PHE A 4 6.63 19.86 -5.50
C PHE A 4 7.22 18.48 -5.24
N THR A 5 7.49 17.74 -6.29
CA THR A 5 8.09 16.45 -6.15
C THR A 5 9.53 16.55 -6.62
N ALA A 6 10.40 15.71 -6.11
CA ALA A 6 11.77 15.73 -6.52
C ALA A 6 11.95 14.75 -7.65
N ASP A 7 11.68 15.23 -8.86
CA ASP A 7 11.66 14.37 -10.03
C ASP A 7 12.80 14.70 -10.97
N ALA A 8 12.88 15.96 -11.37
CA ALA A 8 13.87 16.46 -12.33
C ALA A 8 13.61 15.92 -13.73
N GLY A 9 13.85 14.64 -13.94
CA GLY A 9 13.69 14.07 -15.26
C GLY A 9 13.47 12.58 -15.25
N HIS A 10 12.45 12.14 -14.55
CA HIS A 10 12.09 10.73 -14.58
C HIS A 10 10.59 10.64 -14.67
N THR A 11 10.11 9.43 -14.83
CA THR A 11 8.74 9.16 -14.51
C THR A 11 8.75 8.39 -13.22
N GLU A 12 8.09 8.87 -12.20
CA GLU A 12 8.00 8.10 -10.99
C GLU A 12 6.59 7.57 -10.84
N PHE A 13 6.41 6.79 -9.83
CA PHE A 13 5.12 6.26 -9.48
C PHE A 13 5.23 5.83 -8.04
N THR A 14 4.43 6.39 -7.17
CA THR A 14 4.38 5.86 -5.83
C THR A 14 3.63 4.54 -5.90
N ASP A 15 4.26 3.47 -5.45
CA ASP A 15 3.62 2.18 -5.51
C ASP A 15 3.09 1.92 -4.12
N GLU A 16 2.08 1.11 -3.97
CA GLU A 16 1.43 0.99 -2.70
C GLU A 16 0.74 -0.35 -2.55
N VAL A 17 0.70 -0.82 -1.33
CA VAL A 17 0.09 -2.09 -0.98
C VAL A 17 -0.55 -1.88 0.38
N TYR A 18 -1.16 -2.89 0.93
CA TYR A 18 -1.82 -2.79 2.20
C TYR A 18 -1.51 -4.01 3.02
N GLN A 19 -1.51 -3.82 4.32
CA GLN A 19 -1.22 -4.89 5.25
C GLN A 19 -2.41 -5.01 6.19
N ASN A 20 -2.97 -6.19 6.21
CA ASN A 20 -4.19 -6.48 6.94
C ASN A 20 -3.98 -7.42 8.09
N GLU A 21 -4.71 -7.12 9.13
CA GLU A 21 -4.87 -7.93 10.31
C GLU A 21 -6.35 -7.92 10.63
N SER A 22 -6.84 -8.86 11.43
CA SER A 22 -8.26 -8.93 11.68
C SER A 22 -8.57 -9.48 13.06
N ARG A 23 -9.77 -9.17 13.52
CA ARG A 23 -10.29 -9.58 14.80
C ARG A 23 -11.80 -9.57 14.74
N TYR A 24 -12.43 -10.28 15.63
CA TYR A 24 -13.86 -10.13 15.81
C TYR A 24 -14.08 -8.84 16.57
N PRO A 25 -15.30 -8.30 16.61
CA PRO A 25 -15.62 -7.17 17.47
C PRO A 25 -15.43 -7.56 18.94
N GLY A 26 -14.20 -7.46 19.42
CA GLY A 26 -13.89 -7.88 20.76
C GLY A 26 -12.63 -8.74 20.76
N GLY A 27 -12.08 -9.01 19.57
CA GLY A 27 -10.86 -9.78 19.49
C GLY A 27 -9.70 -8.82 19.40
N ASP A 28 -8.49 -9.27 19.17
CA ASP A 28 -7.42 -8.35 18.88
C ASP A 28 -6.79 -8.84 17.59
N TRP A 29 -6.05 -7.98 16.91
CA TRP A 29 -5.57 -8.24 15.58
C TRP A 29 -4.62 -9.43 15.48
N LYS A 30 -4.89 -10.24 14.49
CA LYS A 30 -4.14 -11.44 14.16
C LYS A 30 -3.99 -11.39 12.64
N PRO A 31 -3.27 -12.31 11.98
CA PRO A 31 -3.19 -12.32 10.51
C PRO A 31 -4.58 -12.36 9.86
N ALA A 32 -4.83 -11.42 8.96
CA ALA A 32 -6.14 -11.33 8.30
C ALA A 32 -6.32 -12.30 7.12
N GLU A 33 -5.45 -13.32 7.01
CA GLU A 33 -5.46 -14.35 5.93
C GLU A 33 -4.85 -13.74 4.70
N ASP A 34 -5.52 -12.72 4.24
CA ASP A 34 -5.10 -12.03 3.06
C ASP A 34 -4.38 -10.82 3.58
N THR A 35 -3.12 -11.01 3.90
CA THR A 35 -2.36 -9.99 4.56
C THR A 35 -2.01 -8.84 3.63
N TYR A 36 -1.33 -9.10 2.54
CA TYR A 36 -1.01 -8.02 1.65
C TYR A 36 -2.01 -7.95 0.51
N THR A 37 -2.63 -6.80 0.36
CA THR A 37 -3.76 -6.62 -0.54
C THR A 37 -3.60 -5.33 -1.33
N ASP A 38 -4.48 -5.15 -2.29
CA ASP A 38 -4.53 -3.93 -3.07
C ASP A 38 -5.61 -3.07 -2.41
N ALA A 39 -5.82 -1.86 -2.89
CA ALA A 39 -6.86 -0.96 -2.36
C ALA A 39 -8.26 -1.61 -2.27
N ASN A 40 -8.53 -2.63 -3.08
CA ASN A 40 -9.83 -3.31 -3.03
C ASN A 40 -9.76 -4.57 -2.17
N GLY A 41 -8.58 -4.90 -1.68
CA GLY A 41 -8.41 -6.09 -0.86
C GLY A 41 -8.00 -7.27 -1.67
N ASP A 42 -7.89 -7.08 -2.97
CA ASP A 42 -7.40 -8.11 -3.88
C ASP A 42 -6.03 -8.50 -3.38
N LYS A 43 -5.94 -9.66 -2.75
CA LYS A 43 -4.69 -10.14 -2.21
C LYS A 43 -3.59 -10.11 -3.27
N ALA A 44 -2.45 -9.60 -2.86
CA ALA A 44 -1.32 -9.43 -3.74
C ALA A 44 -0.10 -10.04 -3.08
N ALA A 45 1.04 -9.85 -3.71
CA ALA A 45 2.28 -10.34 -3.13
C ALA A 45 2.69 -9.41 -2.00
N SER A 46 3.51 -9.90 -1.09
CA SER A 46 3.97 -9.07 -0.01
C SER A 46 5.07 -8.16 -0.55
N PRO A 47 5.35 -7.01 0.10
CA PRO A 47 6.38 -6.05 -0.34
C PRO A 47 7.76 -6.68 -0.58
N SER A 48 8.00 -7.84 -0.01
CA SER A 48 9.22 -8.59 -0.24
C SER A 48 9.21 -9.13 -1.67
N GLU A 49 8.17 -9.91 -1.95
CA GLU A 49 7.97 -10.55 -3.25
C GLU A 49 7.64 -9.51 -4.33
N LEU A 50 7.04 -8.39 -3.92
CA LEU A 50 6.76 -7.30 -4.81
C LEU A 50 8.04 -6.77 -5.40
N THR A 51 8.22 -6.99 -6.68
CA THR A 51 9.43 -6.63 -7.37
C THR A 51 9.18 -5.57 -8.44
N CYS A 52 10.24 -5.14 -9.07
CA CYS A 52 10.15 -4.17 -10.13
C CYS A 52 10.26 -4.86 -11.49
N PRO A 53 9.51 -4.37 -12.49
CA PRO A 53 9.63 -4.83 -13.87
C PRO A 53 10.91 -4.24 -14.50
N PRO A 54 11.22 -4.52 -15.78
CA PRO A 54 12.43 -3.99 -16.41
C PRO A 54 12.57 -2.47 -16.35
N GLY A 55 11.54 -1.76 -16.75
CA GLY A 55 11.62 -0.32 -16.76
C GLY A 55 11.53 0.29 -15.38
N TRP A 56 10.59 -0.16 -14.59
CA TRP A 56 10.44 0.37 -13.24
C TRP A 56 11.58 0.01 -12.30
N GLU A 57 12.08 1.04 -11.65
CA GLU A 57 13.25 1.02 -10.79
C GLU A 57 12.86 1.43 -9.38
N TRP A 58 13.48 0.82 -8.40
CA TRP A 58 13.28 1.23 -7.02
C TRP A 58 14.24 2.32 -6.61
N GLU A 59 13.80 3.12 -5.65
CA GLU A 59 14.60 4.19 -5.10
C GLU A 59 14.46 4.25 -3.59
N ASP A 60 13.27 3.97 -3.11
CA ASP A 60 12.95 4.10 -1.71
C ASP A 60 13.48 2.97 -0.86
N ASP A 61 13.79 3.30 0.39
CA ASP A 61 14.33 2.39 1.39
C ASP A 61 13.48 1.14 1.60
N ALA A 62 12.20 1.34 1.83
CA ALA A 62 11.31 0.23 2.15
C ALA A 62 9.88 0.67 2.11
N TRP A 63 9.00 -0.30 2.12
CA TRP A 63 7.58 -0.03 2.13
C TRP A 63 7.22 0.44 3.53
N SER A 64 6.81 1.68 3.62
CA SER A 64 6.58 2.33 4.88
C SER A 64 5.16 2.85 4.92
N TYR A 65 4.55 2.90 6.08
CA TYR A 65 3.13 3.24 6.16
C TYR A 65 2.92 4.72 5.91
N ASP A 66 1.99 4.99 5.00
CA ASP A 66 1.77 6.32 4.46
C ASP A 66 0.79 7.09 5.33
N ILE A 67 1.12 8.33 5.61
CA ILE A 67 0.28 9.20 6.42
C ILE A 67 -0.24 10.37 5.61
N ASN A 68 -0.33 10.21 4.29
CA ASN A 68 -0.72 11.31 3.42
C ASN A 68 -2.19 11.16 3.00
N ARG A 69 -2.92 10.32 3.71
CA ARG A 69 -4.31 9.99 3.35
C ARG A 69 -5.14 9.97 4.62
N ALA A 70 -6.42 9.63 4.52
CA ALA A 70 -7.29 9.51 5.68
C ALA A 70 -7.01 8.18 6.38
N VAL A 71 -5.90 8.16 7.07
CA VAL A 71 -5.39 7.00 7.77
C VAL A 71 -4.78 7.44 9.10
N ASP A 72 -4.80 6.55 10.06
CA ASP A 72 -4.13 6.74 11.35
C ASP A 72 -2.64 7.08 11.17
N GLU A 73 -2.00 7.50 12.25
CA GLU A 73 -0.57 7.79 12.27
C GLU A 73 0.23 6.63 11.75
N LYS A 74 -0.27 5.47 11.97
CA LYS A 74 0.47 4.31 11.57
C LYS A 74 -0.14 3.69 10.31
N GLY A 75 -1.00 4.46 9.64
CA GLY A 75 -1.56 4.09 8.36
C GLY A 75 -2.85 3.31 8.48
N TRP A 76 -3.08 2.81 9.68
CA TRP A 76 -4.26 1.99 9.98
C TRP A 76 -5.59 2.68 9.69
N GLU A 77 -6.28 2.23 8.66
CA GLU A 77 -7.62 2.66 8.33
C GLU A 77 -8.67 1.64 8.80
N TYR A 78 -9.90 2.13 8.91
CA TYR A 78 -11.05 1.42 9.48
C TYR A 78 -11.61 0.37 8.54
N GLY A 79 -11.32 -0.90 8.76
CA GLY A 79 -11.95 -1.92 7.95
C GLY A 79 -12.98 -2.70 8.71
N ILE A 80 -14.17 -2.22 8.68
CA ILE A 80 -15.24 -2.88 9.38
C ILE A 80 -16.03 -3.76 8.42
N THR A 81 -16.19 -5.01 8.78
CA THR A 81 -16.94 -5.95 7.98
C THR A 81 -18.14 -6.43 8.79
N ILE A 82 -19.20 -5.65 8.79
CA ILE A 82 -20.39 -6.01 9.52
C ILE A 82 -21.46 -6.51 8.55
N PRO A 83 -22.06 -7.65 8.85
CA PRO A 83 -23.09 -8.26 8.01
C PRO A 83 -24.36 -7.40 7.91
N PRO A 84 -25.00 -7.42 6.74
CA PRO A 84 -24.53 -8.14 5.58
C PRO A 84 -23.64 -7.32 4.69
N ASP A 85 -22.59 -7.98 4.31
CA ASP A 85 -21.50 -7.51 3.44
C ASP A 85 -20.32 -8.41 3.73
N HIS A 86 -19.26 -8.34 2.95
CA HIS A 86 -18.08 -9.15 3.18
C HIS A 86 -16.84 -8.42 2.71
N LYS A 87 -16.87 -7.11 2.86
CA LYS A 87 -15.82 -6.22 2.41
C LYS A 87 -15.91 -4.91 3.14
N PRO A 88 -14.81 -4.45 3.74
CA PRO A 88 -14.76 -3.11 4.33
C PRO A 88 -14.81 -2.07 3.24
N LYS A 89 -15.76 -1.17 3.33
CA LYS A 89 -15.97 -0.19 2.27
C LYS A 89 -15.91 1.24 2.76
N SER A 90 -15.52 1.43 4.00
CA SER A 90 -15.45 2.75 4.56
C SER A 90 -14.18 2.88 5.39
N TRP A 91 -13.30 3.76 4.97
CA TRP A 91 -11.96 3.88 5.55
C TRP A 91 -11.75 5.29 6.07
N VAL A 92 -11.21 5.36 7.28
CA VAL A 92 -11.00 6.60 7.99
C VAL A 92 -9.89 6.36 8.99
N ALA A 93 -9.53 7.40 9.72
CA ALA A 93 -8.54 7.29 10.76
C ALA A 93 -9.29 7.07 12.06
N ALA A 94 -9.28 5.86 12.56
CA ALA A 94 -10.03 5.50 13.75
C ALA A 94 -9.63 4.11 14.23
N GLU A 95 -10.21 3.71 15.37
CA GLU A 95 -10.02 2.42 15.94
C GLU A 95 -11.13 2.18 16.96
N LYS A 96 -12.06 1.37 16.54
CA LYS A 96 -13.26 1.03 17.29
C LYS A 96 -13.50 -0.45 17.21
N MET A 97 -14.23 -0.97 18.17
CA MET A 97 -14.54 -2.39 18.32
C MET A 97 -15.03 -3.06 17.07
N TYR A 98 -15.88 -2.38 16.31
CA TYR A 98 -16.45 -2.92 15.07
C TYR A 98 -15.37 -3.27 14.06
N HIS A 99 -14.17 -2.75 14.28
CA HIS A 99 -13.01 -3.13 13.48
C HIS A 99 -12.81 -4.62 13.46
N THR A 100 -13.26 -5.23 12.39
CA THR A 100 -13.14 -6.64 12.18
C THR A 100 -11.91 -6.89 11.33
N HIS A 101 -11.54 -5.85 10.62
CA HIS A 101 -10.42 -5.84 9.68
C HIS A 101 -9.71 -4.52 9.83
N ARG A 102 -8.47 -4.50 9.44
CA ARG A 102 -7.73 -3.27 9.45
C ARG A 102 -6.60 -3.39 8.49
N ARG A 103 -6.22 -2.29 7.89
CA ARG A 103 -5.11 -2.31 6.98
C ARG A 103 -4.44 -0.99 6.97
N ARG A 104 -3.28 -0.97 6.40
CA ARG A 104 -2.51 0.24 6.27
C ARG A 104 -1.76 0.19 4.97
N ARG A 105 -1.50 1.34 4.38
CA ARG A 105 -0.79 1.40 3.13
C ARG A 105 0.71 1.44 3.37
N LEU A 106 1.39 0.46 2.84
CA LEU A 106 2.83 0.49 2.81
C LEU A 106 3.20 1.00 1.43
N VAL A 107 3.97 2.04 1.40
CA VAL A 107 4.33 2.70 0.15
C VAL A 107 5.77 2.48 -0.19
N ARG A 108 5.97 2.31 -1.45
CA ARG A 108 7.31 2.22 -1.98
C ARG A 108 7.38 3.08 -3.22
N LYS A 109 8.00 4.24 -3.13
CA LYS A 109 8.05 5.11 -4.28
C LYS A 109 9.08 4.52 -5.25
N ARG A 110 8.84 4.69 -6.52
CA ARG A 110 9.61 4.03 -7.55
C ARG A 110 9.64 4.99 -8.69
N LYS A 111 10.42 4.71 -9.68
CA LYS A 111 10.49 5.56 -10.85
C LYS A 111 11.01 4.75 -11.98
N LYS A 112 10.65 5.12 -13.18
CA LYS A 112 11.03 4.38 -14.36
C LYS A 112 12.40 4.85 -14.76
N ASP A 113 12.78 5.92 -14.09
CA ASP A 113 14.06 6.61 -14.22
C ASP A 113 14.20 7.38 -15.53
N LEU A 114 13.38 6.95 -16.46
CA LEU A 114 13.18 7.49 -17.79
C LEU A 114 14.29 7.05 -18.76
N THR A 115 15.37 6.48 -18.23
CA THR A 115 16.47 6.05 -19.07
C THR A 115 16.91 4.67 -18.61
N GLN A 116 16.12 4.11 -17.71
CA GLN A 116 16.31 2.77 -17.24
C GLN A 116 15.99 1.83 -18.40
N THR A 117 14.75 1.91 -18.84
CA THR A 117 14.28 1.17 -19.98
C THR A 117 14.63 1.98 -21.23
N ALA A 118 15.90 1.93 -21.58
CA ALA A 118 16.41 2.65 -22.72
C ALA A 118 16.17 1.84 -23.98
N SER A 119 15.95 0.56 -23.81
CA SER A 119 15.61 -0.28 -24.91
C SER A 119 14.13 -0.12 -25.23
N SER A 120 13.85 0.37 -26.41
CA SER A 120 12.50 0.54 -26.86
C SER A 120 12.10 -0.72 -27.62
N THR A 121 10.95 -1.28 -27.27
CA THR A 121 10.50 -2.48 -27.93
C THR A 121 9.92 -2.16 -29.32
N ALA A 122 9.59 -0.89 -29.54
CA ALA A 122 9.08 -0.45 -30.81
C ALA A 122 10.13 0.38 -31.56
N ARG A 123 9.82 0.76 -32.78
CA ARG A 123 10.72 1.53 -33.60
C ARG A 123 9.89 2.48 -34.46
N ILE A 1 19.07 25.02 -11.85
CA ILE A 1 18.55 23.67 -11.59
C ILE A 1 17.18 23.77 -10.95
N ASP A 2 17.12 24.32 -9.72
CA ASP A 2 15.88 24.46 -8.94
C ASP A 2 15.37 23.11 -8.46
N PRO A 3 15.03 22.98 -7.16
CA PRO A 3 14.45 21.74 -6.62
C PRO A 3 13.09 21.46 -7.23
N PHE A 4 12.47 22.53 -7.73
CA PHE A 4 11.17 22.48 -8.37
C PHE A 4 11.23 21.65 -9.65
N THR A 5 12.37 21.69 -10.31
CA THR A 5 12.57 20.88 -11.48
C THR A 5 13.15 19.54 -11.04
N ALA A 6 12.26 18.69 -10.56
CA ALA A 6 12.64 17.38 -10.07
C ALA A 6 12.70 16.39 -11.21
N ASP A 7 12.04 16.74 -12.30
CA ASP A 7 11.99 15.87 -13.45
C ASP A 7 12.67 16.50 -14.64
N ALA A 8 13.71 15.83 -15.09
CA ALA A 8 14.43 16.22 -16.27
C ALA A 8 14.23 15.18 -17.36
N GLY A 9 13.27 14.29 -17.12
CA GLY A 9 12.98 13.24 -18.06
C GLY A 9 13.13 11.87 -17.45
N HIS A 10 12.46 11.67 -16.34
CA HIS A 10 12.40 10.36 -15.72
C HIS A 10 11.01 9.85 -16.00
N THR A 11 10.56 9.00 -15.11
CA THR A 11 9.22 8.54 -15.02
C THR A 11 9.22 7.91 -13.66
N GLU A 12 8.47 8.40 -12.73
CA GLU A 12 8.43 7.77 -11.45
C GLU A 12 7.01 7.85 -10.89
N PHE A 13 6.52 6.77 -10.34
CA PHE A 13 5.17 6.70 -9.83
C PHE A 13 5.19 5.98 -8.49
N THR A 14 4.45 6.47 -7.53
CA THR A 14 4.37 5.84 -6.21
C THR A 14 3.48 4.59 -6.27
N ASP A 15 3.96 3.50 -5.68
CA ASP A 15 3.17 2.27 -5.65
C ASP A 15 2.78 2.08 -4.20
N GLU A 16 1.82 1.24 -3.92
CA GLU A 16 1.29 1.11 -2.59
C GLU A 16 0.76 -0.31 -2.39
N VAL A 17 0.81 -0.79 -1.16
CA VAL A 17 0.25 -2.07 -0.81
C VAL A 17 -0.44 -1.87 0.52
N TYR A 18 -1.10 -2.87 1.03
CA TYR A 18 -1.85 -2.74 2.24
C TYR A 18 -1.66 -3.98 3.07
N GLN A 19 -1.65 -3.81 4.36
CA GLN A 19 -1.36 -4.89 5.28
C GLN A 19 -2.54 -5.06 6.20
N ASN A 20 -3.12 -6.22 6.18
CA ASN A 20 -4.35 -6.51 6.88
C ASN A 20 -4.16 -7.41 8.07
N GLU A 21 -4.90 -7.07 9.09
CA GLU A 21 -5.06 -7.85 10.29
C GLU A 21 -6.56 -7.84 10.55
N SER A 22 -7.08 -8.79 11.31
CA SER A 22 -8.51 -8.85 11.50
C SER A 22 -8.85 -9.28 12.93
N ARG A 23 -10.00 -8.83 13.38
CA ARG A 23 -10.52 -9.14 14.68
C ARG A 23 -12.02 -9.15 14.62
N TYR A 24 -12.63 -9.82 15.56
CA TYR A 24 -14.07 -9.74 15.69
C TYR A 24 -14.36 -8.44 16.40
N PRO A 25 -15.60 -7.95 16.39
CA PRO A 25 -15.96 -6.79 17.20
C PRO A 25 -15.82 -7.13 18.68
N GLY A 26 -14.65 -6.86 19.23
CA GLY A 26 -14.36 -7.22 20.59
C GLY A 26 -13.12 -8.09 20.67
N GLY A 27 -12.50 -8.36 19.52
CA GLY A 27 -11.29 -9.16 19.51
C GLY A 27 -10.10 -8.24 19.37
N ASP A 28 -8.89 -8.74 19.23
CA ASP A 28 -7.78 -7.90 18.86
C ASP A 28 -7.24 -8.46 17.54
N TRP A 29 -6.40 -7.73 16.85
CA TRP A 29 -5.98 -8.09 15.52
C TRP A 29 -5.05 -9.29 15.51
N LYS A 30 -5.28 -10.14 14.55
CA LYS A 30 -4.48 -11.30 14.26
C LYS A 30 -4.20 -11.19 12.77
N PRO A 31 -3.39 -12.04 12.15
CA PRO A 31 -3.22 -12.00 10.69
C PRO A 31 -4.56 -12.16 9.98
N ALA A 32 -4.81 -11.31 8.99
CA ALA A 32 -6.03 -11.38 8.18
C ALA A 32 -6.09 -12.64 7.32
N GLU A 33 -7.07 -12.66 6.42
CA GLU A 33 -7.28 -13.80 5.54
C GLU A 33 -6.50 -13.57 4.26
N ASP A 34 -6.48 -12.32 3.85
CA ASP A 34 -5.61 -11.84 2.78
C ASP A 34 -4.76 -10.78 3.43
N THR A 35 -3.50 -11.06 3.69
CA THR A 35 -2.65 -10.11 4.37
C THR A 35 -2.41 -8.88 3.51
N TYR A 36 -1.75 -9.03 2.38
CA TYR A 36 -1.52 -7.88 1.56
C TYR A 36 -2.61 -7.74 0.52
N THR A 37 -3.11 -6.52 0.34
CA THR A 37 -4.24 -6.24 -0.53
C THR A 37 -4.05 -4.86 -1.12
N ASP A 38 -5.01 -4.43 -1.89
CA ASP A 38 -5.07 -3.07 -2.36
C ASP A 38 -6.13 -2.37 -1.50
N ALA A 39 -6.39 -1.10 -1.77
CA ALA A 39 -7.44 -0.33 -1.08
C ALA A 39 -8.81 -1.02 -1.11
N ASN A 40 -9.06 -1.86 -2.10
CA ASN A 40 -10.34 -2.54 -2.21
C ASN A 40 -10.33 -3.84 -1.42
N GLY A 41 -9.33 -4.69 -1.65
CA GLY A 41 -9.29 -5.97 -0.97
C GLY A 41 -8.70 -7.05 -1.82
N ASP A 42 -8.44 -6.73 -3.07
CA ASP A 42 -7.76 -7.65 -3.96
C ASP A 42 -6.38 -7.89 -3.40
N LYS A 43 -6.20 -9.10 -2.89
CA LYS A 43 -4.93 -9.53 -2.35
C LYS A 43 -3.80 -9.19 -3.30
N ALA A 44 -2.90 -8.39 -2.80
CA ALA A 44 -1.71 -8.02 -3.51
C ALA A 44 -0.67 -9.05 -3.16
N ALA A 45 0.48 -8.98 -3.76
CA ALA A 45 1.46 -10.01 -3.52
C ALA A 45 2.09 -9.90 -2.15
N SER A 46 2.56 -8.72 -1.89
CA SER A 46 3.39 -8.33 -0.72
C SER A 46 4.51 -7.40 -1.17
N PRO A 47 5.07 -6.57 -0.26
CA PRO A 47 6.25 -5.76 -0.59
C PRO A 47 7.44 -6.62 -1.00
N SER A 48 7.48 -7.86 -0.52
CA SER A 48 8.52 -8.78 -0.94
C SER A 48 8.26 -9.27 -2.37
N GLU A 49 7.06 -9.78 -2.60
CA GLU A 49 6.67 -10.28 -3.93
C GLU A 49 6.36 -9.14 -4.91
N LEU A 50 6.60 -7.92 -4.49
CA LEU A 50 6.52 -6.79 -5.37
C LEU A 50 7.93 -6.50 -5.84
N THR A 51 8.17 -6.72 -7.09
CA THR A 51 9.50 -6.59 -7.64
C THR A 51 9.60 -5.40 -8.57
N CYS A 52 10.80 -5.12 -9.03
CA CYS A 52 11.01 -4.10 -10.02
C CYS A 52 11.36 -4.79 -11.34
N PRO A 53 10.66 -4.43 -12.41
CA PRO A 53 10.91 -4.96 -13.75
C PRO A 53 12.19 -4.35 -14.33
N PRO A 54 12.76 -4.91 -15.41
CA PRO A 54 13.99 -4.40 -16.03
C PRO A 54 13.98 -2.90 -16.31
N GLY A 55 12.81 -2.33 -16.57
CA GLY A 55 12.72 -0.92 -16.87
C GLY A 55 12.12 -0.12 -15.74
N TRP A 56 12.18 -0.64 -14.52
CA TRP A 56 11.77 0.13 -13.35
C TRP A 56 12.77 -0.06 -12.23
N GLU A 57 13.14 1.05 -11.65
CA GLU A 57 14.14 1.16 -10.62
C GLU A 57 13.42 1.53 -9.35
N TRP A 58 13.82 1.02 -8.23
CA TRP A 58 13.27 1.55 -7.00
C TRP A 58 13.90 2.89 -6.65
N GLU A 59 13.08 3.83 -6.19
CA GLU A 59 13.62 5.10 -5.79
C GLU A 59 13.53 5.18 -4.29
N ASP A 60 12.49 4.58 -3.73
CA ASP A 60 12.34 4.49 -2.30
C ASP A 60 13.06 3.23 -1.85
N ASP A 61 13.42 3.18 -0.60
CA ASP A 61 14.25 2.09 -0.10
C ASP A 61 13.42 0.92 0.37
N ALA A 62 12.23 1.19 0.89
CA ALA A 62 11.40 0.16 1.47
C ALA A 62 9.95 0.59 1.46
N TRP A 63 9.06 -0.33 1.77
CA TRP A 63 7.66 -0.01 1.87
C TRP A 63 7.36 0.28 3.33
N SER A 64 7.09 1.53 3.62
CA SER A 64 6.82 1.99 4.97
C SER A 64 5.47 2.68 4.96
N TYR A 65 4.81 2.80 6.09
CA TYR A 65 3.42 3.22 6.12
C TYR A 65 3.22 4.70 5.84
N ASP A 66 2.13 4.98 5.15
CA ASP A 66 1.77 6.31 4.69
C ASP A 66 0.83 6.95 5.70
N ILE A 67 1.24 8.08 6.25
CA ILE A 67 0.46 8.76 7.25
C ILE A 67 -0.22 10.00 6.70
N ASN A 68 -0.17 10.16 5.39
CA ASN A 68 -0.75 11.32 4.72
C ASN A 68 -2.18 10.96 4.28
N ARG A 69 -2.85 10.22 5.14
CA ARG A 69 -4.18 9.68 4.88
C ARG A 69 -4.94 9.69 6.18
N ALA A 70 -6.19 9.29 6.14
CA ALA A 70 -6.98 9.14 7.34
C ALA A 70 -6.58 7.84 8.01
N VAL A 71 -5.53 7.92 8.81
CA VAL A 71 -4.99 6.77 9.50
C VAL A 71 -4.87 7.03 10.99
N ASP A 72 -4.26 6.10 11.67
CA ASP A 72 -4.02 6.13 13.11
C ASP A 72 -2.59 6.65 13.30
N GLU A 73 -2.10 6.66 14.53
CA GLU A 73 -0.74 7.09 14.81
C GLU A 73 0.22 6.11 14.19
N LYS A 74 -0.17 4.87 14.18
CA LYS A 74 0.68 3.85 13.62
C LYS A 74 0.41 3.63 12.14
N GLY A 75 -0.45 4.45 11.58
CA GLY A 75 -0.78 4.32 10.17
C GLY A 75 -1.55 3.05 9.91
N TRP A 76 -2.82 3.09 10.20
CA TRP A 76 -3.76 1.99 10.03
C TRP A 76 -5.11 2.63 9.79
N GLU A 77 -5.94 2.03 8.96
CA GLU A 77 -7.25 2.55 8.65
C GLU A 77 -8.40 1.62 9.04
N TYR A 78 -9.53 2.28 9.20
CA TYR A 78 -10.82 1.79 9.69
C TYR A 78 -11.55 0.93 8.67
N GLY A 79 -11.49 -0.36 8.85
CA GLY A 79 -12.27 -1.22 8.01
C GLY A 79 -13.24 -2.03 8.82
N ILE A 80 -14.50 -1.76 8.67
CA ILE A 80 -15.47 -2.56 9.33
C ILE A 80 -16.38 -3.16 8.27
N THR A 81 -16.83 -4.36 8.51
CA THR A 81 -17.74 -4.99 7.61
C THR A 81 -18.76 -5.72 8.47
N ILE A 82 -20.00 -5.67 8.06
CA ILE A 82 -21.04 -6.32 8.82
C ILE A 82 -21.53 -7.57 8.12
N PRO A 83 -21.59 -8.68 8.85
CA PRO A 83 -22.00 -9.96 8.32
C PRO A 83 -23.49 -10.02 8.00
N PRO A 84 -23.84 -10.65 6.87
CA PRO A 84 -22.86 -11.18 5.95
C PRO A 84 -22.52 -10.18 4.85
N ASP A 85 -21.35 -10.38 4.29
CA ASP A 85 -20.87 -9.59 3.16
C ASP A 85 -19.64 -10.22 2.56
N HIS A 86 -18.48 -9.76 3.02
CA HIS A 86 -17.17 -10.19 2.55
C HIS A 86 -16.11 -9.24 3.08
N LYS A 87 -16.05 -8.06 2.49
CA LYS A 87 -14.97 -7.13 2.76
C LYS A 87 -15.46 -5.73 3.10
N PRO A 88 -14.79 -5.08 4.07
CA PRO A 88 -14.96 -3.66 4.34
C PRO A 88 -14.72 -2.85 3.08
N LYS A 89 -15.47 -1.80 2.92
CA LYS A 89 -15.37 -1.01 1.72
C LYS A 89 -14.64 0.27 2.07
N SER A 90 -15.10 0.81 3.18
CA SER A 90 -14.74 2.12 3.64
C SER A 90 -13.62 2.08 4.66
N TRP A 91 -12.75 3.10 4.60
CA TRP A 91 -11.57 3.23 5.47
C TRP A 91 -11.52 4.68 5.94
N VAL A 92 -11.24 4.86 7.23
CA VAL A 92 -11.31 6.17 7.91
C VAL A 92 -10.21 6.17 8.99
N ALA A 93 -9.94 7.26 9.67
CA ALA A 93 -8.86 7.32 10.66
C ALA A 93 -9.17 6.68 12.02
N ALA A 94 -10.44 6.49 12.35
CA ALA A 94 -10.80 6.12 13.73
C ALA A 94 -10.91 4.61 13.95
N GLU A 95 -9.95 4.04 14.65
CA GLU A 95 -10.02 2.67 15.10
C GLU A 95 -11.05 2.54 16.22
N LYS A 96 -12.04 1.70 15.98
CA LYS A 96 -13.19 1.51 16.86
C LYS A 96 -13.31 0.06 17.23
N MET A 97 -13.88 -0.18 18.38
CA MET A 97 -14.12 -1.53 18.88
C MET A 97 -14.93 -2.38 17.92
N TYR A 98 -15.94 -1.79 17.25
CA TYR A 98 -16.73 -2.55 16.28
C TYR A 98 -15.97 -2.85 14.99
N HIS A 99 -14.66 -2.78 15.04
CA HIS A 99 -13.86 -3.15 13.90
C HIS A 99 -13.88 -4.64 13.64
N THR A 100 -13.24 -4.98 12.56
CA THR A 100 -13.24 -6.32 12.01
C THR A 100 -12.03 -6.49 11.11
N HIS A 101 -11.68 -5.42 10.43
CA HIS A 101 -10.55 -5.43 9.51
C HIS A 101 -9.74 -4.17 9.63
N ARG A 102 -8.47 -4.27 9.42
CA ARG A 102 -7.63 -3.12 9.46
C ARG A 102 -6.55 -3.30 8.45
N ARG A 103 -6.15 -2.24 7.80
CA ARG A 103 -5.05 -2.32 6.87
C ARG A 103 -4.35 -1.01 6.81
N ARG A 104 -3.18 -1.02 6.24
CA ARG A 104 -2.41 0.19 6.11
C ARG A 104 -1.64 0.20 4.81
N ARG A 105 -1.44 1.36 4.27
CA ARG A 105 -0.70 1.51 3.06
C ARG A 105 0.79 1.57 3.35
N LEU A 106 1.52 0.62 2.81
CA LEU A 106 2.94 0.70 2.80
C LEU A 106 3.28 1.23 1.42
N VAL A 107 4.04 2.28 1.38
CA VAL A 107 4.34 2.96 0.13
C VAL A 107 5.74 2.67 -0.34
N ARG A 108 5.86 2.57 -1.63
CA ARG A 108 7.18 2.56 -2.24
C ARG A 108 7.13 3.19 -3.60
N LYS A 109 7.80 4.31 -3.71
CA LYS A 109 7.89 5.02 -4.97
C LYS A 109 8.91 4.31 -5.86
N ARG A 110 8.76 4.46 -7.13
CA ARG A 110 9.61 3.80 -8.07
C ARG A 110 9.83 4.76 -9.18
N LYS A 111 10.92 4.62 -9.83
CA LYS A 111 11.35 5.54 -10.82
C LYS A 111 11.99 4.77 -11.93
N LYS A 112 11.70 5.12 -13.14
CA LYS A 112 12.23 4.42 -14.30
C LYS A 112 13.54 5.07 -14.69
N ASP A 113 13.59 6.32 -14.29
CA ASP A 113 14.63 7.29 -14.68
C ASP A 113 14.75 7.39 -16.22
N LEU A 114 13.75 6.81 -16.88
CA LEU A 114 13.61 6.67 -18.33
C LEU A 114 14.69 5.75 -18.93
N THR A 115 15.91 5.88 -18.47
CA THR A 115 17.05 5.16 -19.00
C THR A 115 17.41 3.91 -18.17
N GLN A 116 16.42 3.27 -17.55
CA GLN A 116 16.66 1.99 -16.86
C GLN A 116 17.22 0.96 -17.84
N THR A 117 16.56 0.82 -18.97
CA THR A 117 17.02 -0.08 -19.98
C THR A 117 16.87 0.55 -21.37
N ALA A 118 17.85 1.36 -21.73
CA ALA A 118 17.87 2.00 -23.03
C ALA A 118 18.95 1.34 -23.87
N SER A 119 18.57 0.87 -25.04
CA SER A 119 19.50 0.18 -25.92
C SER A 119 19.51 0.81 -27.30
N SER A 120 18.94 1.99 -27.41
CA SER A 120 18.89 2.69 -28.67
C SER A 120 20.22 3.40 -28.90
N THR A 121 20.81 3.19 -30.07
CA THR A 121 22.07 3.82 -30.41
C THR A 121 21.84 5.29 -30.72
N ALA A 122 22.47 6.16 -29.95
CA ALA A 122 22.30 7.58 -30.08
C ALA A 122 22.99 8.14 -31.32
N ARG A 123 22.26 8.18 -32.41
CA ARG A 123 22.73 8.78 -33.64
C ARG A 123 21.72 9.83 -34.07
N ILE A 1 13.55 23.34 3.57
CA ILE A 1 13.18 21.94 3.83
C ILE A 1 12.56 21.32 2.59
N ASP A 2 12.93 21.83 1.44
CA ASP A 2 12.35 21.40 0.18
C ASP A 2 13.45 21.09 -0.84
N PRO A 3 13.49 19.84 -1.33
CA PRO A 3 14.43 19.42 -2.35
C PRO A 3 14.09 20.06 -3.69
N PHE A 4 15.03 20.87 -4.14
CA PHE A 4 14.90 21.61 -5.39
C PHE A 4 14.61 20.67 -6.55
N THR A 5 13.48 20.93 -7.20
CA THR A 5 12.92 20.12 -8.27
C THR A 5 12.67 18.67 -7.85
N ALA A 6 11.41 18.33 -7.69
CA ALA A 6 11.06 16.98 -7.34
C ALA A 6 11.14 16.13 -8.58
N ASP A 7 10.76 16.72 -9.70
CA ASP A 7 10.89 16.05 -10.97
C ASP A 7 11.70 16.89 -11.94
N ALA A 8 12.95 16.55 -12.08
CA ALA A 8 13.81 17.22 -13.04
C ALA A 8 13.78 16.50 -14.38
N GLY A 9 12.90 15.52 -14.48
CA GLY A 9 12.78 14.74 -15.70
C GLY A 9 13.04 13.29 -15.47
N HIS A 10 12.39 12.76 -14.46
CA HIS A 10 12.46 11.34 -14.18
C HIS A 10 11.21 10.73 -14.73
N THR A 11 10.85 9.64 -14.13
CA THR A 11 9.56 9.05 -14.26
C THR A 11 9.44 8.30 -12.98
N GLU A 12 8.46 8.58 -12.19
CA GLU A 12 8.27 7.83 -10.98
C GLU A 12 6.78 7.73 -10.74
N PHE A 13 6.37 6.66 -10.12
CA PHE A 13 4.99 6.47 -9.74
C PHE A 13 5.02 5.77 -8.40
N THR A 14 4.16 6.13 -7.49
CA THR A 14 4.14 5.45 -6.22
C THR A 14 3.45 4.10 -6.36
N ASP A 15 4.12 3.06 -5.89
CA ASP A 15 3.56 1.73 -5.96
C ASP A 15 2.96 1.51 -4.58
N GLU A 16 1.90 0.75 -4.46
CA GLU A 16 1.21 0.64 -3.21
C GLU A 16 0.57 -0.72 -3.06
N VAL A 17 0.44 -1.14 -1.83
CA VAL A 17 -0.21 -2.38 -1.47
C VAL A 17 -0.85 -2.12 -0.13
N TYR A 18 -1.50 -3.09 0.46
CA TYR A 18 -2.17 -2.89 1.70
C TYR A 18 -1.99 -4.12 2.57
N GLN A 19 -2.01 -3.88 3.86
CA GLN A 19 -1.74 -4.88 4.87
C GLN A 19 -2.99 -4.99 5.73
N ASN A 20 -3.64 -6.14 5.68
CA ASN A 20 -4.90 -6.36 6.38
C ASN A 20 -4.68 -7.24 7.62
N GLU A 21 -5.46 -6.98 8.63
CA GLU A 21 -5.56 -7.82 9.84
C GLU A 21 -7.00 -7.81 10.27
N SER A 22 -7.40 -8.79 11.05
CA SER A 22 -8.76 -8.90 11.50
C SER A 22 -8.86 -9.38 12.94
N ARG A 23 -9.85 -8.87 13.62
CA ARG A 23 -10.13 -9.18 14.99
C ARG A 23 -11.62 -9.10 15.18
N TYR A 24 -12.11 -9.69 16.25
CA TYR A 24 -13.51 -9.54 16.60
C TYR A 24 -13.69 -8.08 17.01
N PRO A 25 -14.91 -7.55 16.95
CA PRO A 25 -15.18 -6.20 17.44
C PRO A 25 -14.84 -6.07 18.92
N GLY A 26 -13.60 -5.72 19.21
CA GLY A 26 -13.13 -5.66 20.56
C GLY A 26 -12.29 -6.89 20.82
N GLY A 27 -11.10 -6.95 20.22
CA GLY A 27 -10.29 -8.13 20.34
C GLY A 27 -8.83 -7.88 19.96
N ASP A 28 -8.24 -8.90 19.38
CA ASP A 28 -6.83 -8.94 18.99
C ASP A 28 -6.69 -9.40 17.55
N TRP A 29 -5.90 -8.67 16.77
CA TRP A 29 -5.77 -8.92 15.35
C TRP A 29 -4.91 -10.13 15.06
N LYS A 30 -5.22 -10.74 13.94
CA LYS A 30 -4.51 -11.87 13.38
C LYS A 30 -4.56 -11.61 11.88
N PRO A 31 -3.61 -12.11 11.07
CA PRO A 31 -3.60 -11.88 9.62
C PRO A 31 -4.95 -12.18 8.97
N ALA A 32 -5.44 -11.19 8.24
CA ALA A 32 -6.80 -11.20 7.69
C ALA A 32 -6.99 -12.11 6.46
N GLU A 33 -6.13 -13.13 6.31
CA GLU A 33 -6.17 -14.15 5.23
C GLU A 33 -5.57 -13.57 3.99
N ASP A 34 -6.21 -12.52 3.54
CA ASP A 34 -5.76 -11.87 2.37
C ASP A 34 -5.00 -10.67 2.85
N THR A 35 -3.82 -10.90 3.38
CA THR A 35 -3.06 -9.86 4.02
C THR A 35 -2.68 -8.76 3.03
N TYR A 36 -1.95 -9.10 1.99
CA TYR A 36 -1.58 -8.10 1.02
C TYR A 36 -2.56 -8.07 -0.13
N THR A 37 -3.11 -6.89 -0.33
CA THR A 37 -4.22 -6.64 -1.23
C THR A 37 -4.05 -5.30 -1.92
N ASP A 38 -4.95 -5.08 -2.85
CA ASP A 38 -5.12 -3.81 -3.51
C ASP A 38 -6.17 -3.09 -2.68
N ALA A 39 -6.40 -1.81 -2.93
CA ALA A 39 -7.45 -1.07 -2.24
C ALA A 39 -8.80 -1.78 -2.34
N ASN A 40 -9.02 -2.51 -3.42
CA ASN A 40 -10.26 -3.23 -3.64
C ASN A 40 -10.23 -4.67 -3.11
N GLY A 41 -9.18 -5.06 -2.39
CA GLY A 41 -9.14 -6.40 -1.80
C GLY A 41 -8.54 -7.43 -2.71
N ASP A 42 -8.26 -7.05 -3.94
CA ASP A 42 -7.52 -7.90 -4.86
C ASP A 42 -6.23 -8.35 -4.22
N LYS A 43 -6.24 -9.59 -3.76
CA LYS A 43 -5.09 -10.18 -3.11
C LYS A 43 -3.90 -10.09 -4.05
N ALA A 44 -2.85 -9.52 -3.54
CA ALA A 44 -1.65 -9.31 -4.32
C ALA A 44 -0.49 -9.92 -3.58
N ALA A 45 0.67 -9.88 -4.19
CA ALA A 45 1.88 -10.38 -3.59
C ALA A 45 2.29 -9.46 -2.45
N SER A 46 3.11 -9.96 -1.56
CA SER A 46 3.55 -9.18 -0.45
C SER A 46 4.83 -8.44 -0.87
N PRO A 47 5.20 -7.36 -0.17
CA PRO A 47 6.33 -6.48 -0.53
C PRO A 47 7.66 -7.18 -0.88
N SER A 48 7.94 -8.36 -0.33
CA SER A 48 9.17 -9.07 -0.69
C SER A 48 9.01 -9.71 -2.07
N GLU A 49 7.85 -10.31 -2.28
CA GLU A 49 7.48 -10.93 -3.54
C GLU A 49 7.36 -9.86 -4.63
N LEU A 50 7.00 -8.66 -4.23
CA LEU A 50 6.92 -7.51 -5.10
C LEU A 50 8.33 -7.04 -5.48
N THR A 51 8.65 -7.16 -6.75
CA THR A 51 9.98 -6.86 -7.24
C THR A 51 9.94 -5.76 -8.30
N CYS A 52 11.11 -5.27 -8.67
CA CYS A 52 11.22 -4.25 -9.71
C CYS A 52 11.31 -4.88 -11.10
N PRO A 53 10.66 -4.26 -12.08
CA PRO A 53 10.73 -4.72 -13.48
C PRO A 53 11.93 -4.10 -14.20
N PRO A 54 12.30 -4.61 -15.39
CA PRO A 54 13.34 -4.01 -16.21
C PRO A 54 12.90 -2.62 -16.67
N GLY A 55 13.52 -1.59 -16.10
CA GLY A 55 13.13 -0.24 -16.41
C GLY A 55 12.57 0.50 -15.21
N TRP A 56 12.60 -0.12 -14.03
CA TRP A 56 12.12 0.54 -12.82
C TRP A 56 13.03 0.26 -11.63
N GLU A 57 13.27 1.32 -10.89
CA GLU A 57 14.19 1.37 -9.77
C GLU A 57 13.39 1.66 -8.53
N TRP A 58 13.62 0.94 -7.44
CA TRP A 58 12.96 1.31 -6.21
C TRP A 58 13.68 2.46 -5.58
N GLU A 59 13.08 3.63 -5.68
CA GLU A 59 13.67 4.80 -5.07
C GLU A 59 13.42 4.73 -3.57
N ASP A 60 12.21 4.35 -3.20
CA ASP A 60 11.84 4.25 -1.80
C ASP A 60 12.63 3.10 -1.20
N ASP A 61 13.04 3.26 0.03
CA ASP A 61 13.88 2.28 0.71
C ASP A 61 13.12 1.01 1.05
N ALA A 62 11.86 1.12 1.45
CA ALA A 62 11.11 -0.02 1.93
C ALA A 62 9.64 0.31 2.02
N TRP A 63 8.82 -0.71 1.88
CA TRP A 63 7.39 -0.52 1.95
C TRP A 63 7.05 -0.09 3.35
N SER A 64 6.59 1.12 3.47
CA SER A 64 6.40 1.75 4.73
C SER A 64 4.94 2.16 4.82
N TYR A 65 4.41 2.39 5.98
CA TYR A 65 2.98 2.67 6.07
C TYR A 65 2.66 4.06 5.58
N ASP A 66 1.55 4.17 4.90
CA ASP A 66 1.08 5.41 4.33
C ASP A 66 0.38 6.21 5.39
N ILE A 67 0.90 7.39 5.60
CA ILE A 67 0.32 8.35 6.51
C ILE A 67 0.16 9.64 5.73
N ASN A 68 -0.30 9.46 4.52
CA ASN A 68 -0.38 10.54 3.57
C ASN A 68 -1.85 10.86 3.34
N ARG A 69 -2.69 10.20 4.14
CA ARG A 69 -4.12 10.23 3.97
C ARG A 69 -4.77 10.40 5.34
N ALA A 70 -6.08 10.37 5.35
CA ALA A 70 -6.85 10.40 6.58
C ALA A 70 -6.79 9.02 7.23
N VAL A 71 -5.69 8.77 7.93
CA VAL A 71 -5.40 7.47 8.53
C VAL A 71 -4.87 7.61 9.95
N ASP A 72 -4.94 6.49 10.68
CA ASP A 72 -4.37 6.34 12.02
C ASP A 72 -2.87 6.66 12.02
N GLU A 73 -2.27 6.68 13.20
CA GLU A 73 -0.85 6.95 13.39
C GLU A 73 -0.01 6.04 12.54
N LYS A 74 -0.46 4.84 12.40
CA LYS A 74 0.32 3.89 11.70
C LYS A 74 -0.26 3.59 10.32
N GLY A 75 -1.20 4.42 9.88
CA GLY A 75 -1.73 4.33 8.54
C GLY A 75 -2.97 3.46 8.49
N TRP A 76 -3.21 2.77 9.59
CA TRP A 76 -4.37 1.92 9.74
C TRP A 76 -5.66 2.68 9.48
N GLU A 77 -6.50 2.07 8.70
CA GLU A 77 -7.75 2.62 8.31
C GLU A 77 -8.89 1.75 8.82
N TYR A 78 -9.99 2.43 9.03
CA TYR A 78 -11.23 1.91 9.60
C TYR A 78 -11.90 0.96 8.65
N GLY A 79 -11.60 -0.32 8.75
CA GLY A 79 -12.26 -1.26 7.90
C GLY A 79 -13.14 -2.20 8.67
N ILE A 80 -14.31 -1.76 9.05
CA ILE A 80 -15.12 -2.68 9.81
C ILE A 80 -16.02 -3.44 8.86
N THR A 81 -16.34 -4.64 9.23
CA THR A 81 -17.18 -5.46 8.43
C THR A 81 -18.38 -5.93 9.26
N ILE A 82 -19.50 -5.25 9.12
CA ILE A 82 -20.71 -5.66 9.80
C ILE A 82 -21.31 -6.90 9.12
N PRO A 83 -21.63 -7.93 9.91
CA PRO A 83 -22.19 -9.19 9.40
C PRO A 83 -23.63 -9.03 8.91
N PRO A 84 -23.97 -9.72 7.80
CA PRO A 84 -23.03 -10.54 7.05
C PRO A 84 -22.37 -9.75 5.94
N ASP A 85 -21.16 -10.15 5.65
CA ASP A 85 -20.29 -9.51 4.65
C ASP A 85 -18.87 -10.00 4.90
N HIS A 86 -18.00 -9.89 3.93
CA HIS A 86 -16.60 -10.25 4.11
C HIS A 86 -15.72 -9.17 3.51
N LYS A 87 -16.19 -7.94 3.62
CA LYS A 87 -15.52 -6.79 3.00
C LYS A 87 -15.93 -5.48 3.67
N PRO A 88 -14.96 -4.72 4.16
CA PRO A 88 -15.20 -3.34 4.59
C PRO A 88 -15.42 -2.44 3.39
N LYS A 89 -16.45 -1.62 3.44
CA LYS A 89 -16.71 -0.70 2.35
C LYS A 89 -16.06 0.63 2.67
N SER A 90 -16.32 1.10 3.88
CA SER A 90 -15.84 2.38 4.35
C SER A 90 -14.51 2.21 5.07
N TRP A 91 -13.70 3.25 4.97
CA TRP A 91 -12.39 3.39 5.62
C TRP A 91 -12.30 4.82 6.14
N VAL A 92 -11.79 4.99 7.35
CA VAL A 92 -11.78 6.27 8.04
C VAL A 92 -10.48 6.34 8.85
N ALA A 93 -10.12 7.49 9.42
CA ALA A 93 -8.89 7.65 10.18
C ALA A 93 -8.99 7.11 11.61
N ALA A 94 -10.20 6.82 12.07
CA ALA A 94 -10.40 6.42 13.45
C ALA A 94 -10.35 4.92 13.64
N GLU A 95 -9.29 4.44 14.28
CA GLU A 95 -9.22 3.05 14.66
C GLU A 95 -10.00 2.84 15.95
N LYS A 96 -11.17 2.25 15.79
CA LYS A 96 -12.13 2.03 16.86
C LYS A 96 -12.20 0.57 17.27
N MET A 97 -12.74 0.34 18.43
CA MET A 97 -12.92 -0.99 18.98
C MET A 97 -13.69 -1.92 18.07
N TYR A 98 -14.80 -1.46 17.47
CA TYR A 98 -15.59 -2.33 16.58
C TYR A 98 -14.93 -2.62 15.23
N HIS A 99 -13.64 -2.38 15.18
CA HIS A 99 -12.85 -2.74 14.05
C HIS A 99 -12.75 -4.26 13.92
N THR A 100 -13.32 -4.77 12.86
CA THR A 100 -13.24 -6.18 12.56
C THR A 100 -12.04 -6.41 11.65
N HIS A 101 -11.70 -5.36 10.94
CA HIS A 101 -10.57 -5.34 10.02
C HIS A 101 -9.88 -4.00 10.10
N ARG A 102 -8.61 -4.01 9.84
CA ARG A 102 -7.84 -2.81 9.69
C ARG A 102 -6.87 -3.09 8.60
N ARG A 103 -6.53 -2.09 7.87
CA ARG A 103 -5.58 -2.28 6.80
C ARG A 103 -4.88 -0.97 6.61
N ARG A 104 -3.80 -0.96 5.90
CA ARG A 104 -3.09 0.27 5.63
C ARG A 104 -2.30 0.10 4.38
N ARG A 105 -1.92 1.18 3.76
CA ARG A 105 -1.12 1.08 2.57
C ARG A 105 0.34 1.01 2.95
N LEU A 106 1.05 0.08 2.35
CA LEU A 106 2.47 0.10 2.41
C LEU A 106 2.90 0.63 1.07
N VAL A 107 3.75 1.61 1.11
CA VAL A 107 4.14 2.35 -0.06
C VAL A 107 5.55 2.05 -0.45
N ARG A 108 5.74 1.99 -1.74
CA ARG A 108 7.06 1.89 -2.30
C ARG A 108 7.11 2.74 -3.54
N LYS A 109 7.65 3.93 -3.41
CA LYS A 109 7.71 4.87 -4.50
C LYS A 109 8.77 4.35 -5.48
N ARG A 110 8.47 4.36 -6.76
CA ARG A 110 9.36 3.73 -7.71
C ARG A 110 9.64 4.72 -8.78
N LYS A 111 10.83 4.72 -9.26
CA LYS A 111 11.28 5.71 -10.18
C LYS A 111 12.09 5.04 -11.26
N LYS A 112 11.90 5.48 -12.48
CA LYS A 112 12.59 4.91 -13.65
C LYS A 112 13.86 5.73 -13.86
N ASP A 113 13.80 6.88 -13.22
CA ASP A 113 14.74 8.00 -13.36
C ASP A 113 14.92 8.43 -14.82
N LEU A 114 14.08 7.87 -15.69
CA LEU A 114 14.08 8.06 -17.14
C LEU A 114 15.32 7.41 -17.81
N THR A 115 16.44 7.40 -17.10
CA THR A 115 17.70 6.92 -17.65
C THR A 115 17.80 5.38 -17.64
N GLN A 116 16.80 4.68 -17.09
CA GLN A 116 16.84 3.23 -17.11
C GLN A 116 16.47 2.69 -18.48
N THR A 117 15.70 3.48 -19.22
CA THR A 117 15.27 3.13 -20.57
C THR A 117 14.32 4.19 -21.10
N ALA A 118 14.34 4.41 -22.40
CA ALA A 118 13.44 5.35 -23.02
C ALA A 118 12.12 4.68 -23.40
N SER A 119 12.19 3.67 -24.27
CA SER A 119 11.00 2.98 -24.72
C SER A 119 11.25 1.48 -24.88
N SER A 120 12.31 0.98 -24.29
CA SER A 120 12.68 -0.42 -24.48
C SER A 120 12.67 -1.17 -23.15
N THR A 121 12.78 -2.48 -23.22
CA THR A 121 12.92 -3.30 -22.05
C THR A 121 14.40 -3.59 -21.81
N ALA A 122 14.82 -3.55 -20.55
CA ALA A 122 16.23 -3.79 -20.21
C ALA A 122 16.52 -5.28 -20.09
N ARG A 123 15.56 -6.08 -20.49
CA ARG A 123 15.67 -7.51 -20.46
C ARG A 123 14.76 -8.06 -21.53
N ILE A 1 1.54 18.09 -4.33
CA ILE A 1 2.31 17.45 -5.40
C ILE A 1 2.92 18.54 -6.26
N ASP A 2 4.24 18.46 -6.46
CA ASP A 2 5.02 19.44 -7.23
C ASP A 2 5.05 20.81 -6.54
N PRO A 3 6.11 21.09 -5.75
CA PRO A 3 6.31 22.42 -5.18
C PRO A 3 6.50 23.42 -6.29
N PHE A 4 7.53 23.17 -7.08
CA PHE A 4 7.76 23.88 -8.32
C PHE A 4 7.85 22.81 -9.39
N THR A 5 8.73 21.84 -9.15
CA THR A 5 8.87 20.67 -10.01
C THR A 5 9.24 19.46 -9.16
N ALA A 6 8.31 18.54 -9.00
CA ALA A 6 8.61 17.32 -8.29
C ALA A 6 9.19 16.34 -9.28
N ASP A 7 8.78 16.51 -10.52
CA ASP A 7 9.32 15.77 -11.63
C ASP A 7 10.13 16.71 -12.52
N ALA A 8 11.26 16.24 -13.00
CA ALA A 8 12.11 17.03 -13.86
C ALA A 8 12.38 16.28 -15.16
N GLY A 9 11.65 15.21 -15.39
CA GLY A 9 11.87 14.40 -16.58
C GLY A 9 12.20 12.99 -16.23
N HIS A 10 11.46 12.46 -15.29
CA HIS A 10 11.57 11.06 -14.95
C HIS A 10 10.25 10.44 -15.31
N THR A 11 9.95 9.41 -14.59
CA THR A 11 8.69 8.79 -14.58
C THR A 11 8.71 8.07 -13.27
N GLU A 12 7.97 8.51 -12.31
CA GLU A 12 7.96 7.82 -11.06
C GLU A 12 6.50 7.75 -10.62
N PHE A 13 6.13 6.69 -10.00
CA PHE A 13 4.80 6.49 -9.51
C PHE A 13 4.95 5.88 -8.14
N THR A 14 4.17 6.33 -7.19
CA THR A 14 4.23 5.75 -5.88
C THR A 14 3.55 4.38 -5.94
N ASP A 15 4.21 3.38 -5.43
CA ASP A 15 3.61 2.05 -5.47
C ASP A 15 3.09 1.80 -4.07
N GLU A 16 2.12 0.93 -3.92
CA GLU A 16 1.48 0.76 -2.63
C GLU A 16 0.97 -0.65 -2.46
N VAL A 17 0.87 -1.07 -1.22
CA VAL A 17 0.31 -2.37 -0.86
C VAL A 17 -0.39 -2.17 0.48
N TYR A 18 -1.02 -3.18 1.04
CA TYR A 18 -1.79 -3.02 2.26
C TYR A 18 -1.67 -4.23 3.15
N GLN A 19 -1.05 -4.06 4.31
CA GLN A 19 -1.00 -5.10 5.33
C GLN A 19 -2.29 -5.11 6.15
N ASN A 20 -2.84 -6.30 6.34
CA ASN A 20 -4.12 -6.53 7.02
C ASN A 20 -3.99 -7.44 8.23
N GLU A 21 -4.94 -7.26 9.13
CA GLU A 21 -5.20 -8.14 10.27
C GLU A 21 -6.72 -8.19 10.40
N SER A 22 -7.25 -9.28 10.95
CA SER A 22 -8.69 -9.42 11.14
C SER A 22 -9.01 -9.82 12.58
N ARG A 23 -10.11 -9.32 13.09
CA ARG A 23 -10.50 -9.55 14.46
C ARG A 23 -12.02 -9.53 14.54
N TYR A 24 -12.53 -10.09 15.62
CA TYR A 24 -13.95 -10.01 15.92
C TYR A 24 -14.27 -8.54 16.21
N PRO A 25 -15.54 -8.13 16.18
CA PRO A 25 -15.89 -6.75 16.51
C PRO A 25 -15.62 -6.44 17.97
N GLY A 26 -14.40 -5.96 18.23
CA GLY A 26 -14.00 -5.69 19.58
C GLY A 26 -13.20 -6.88 20.08
N GLY A 27 -11.98 -7.05 19.56
CA GLY A 27 -11.22 -8.22 19.91
C GLY A 27 -9.75 -8.08 19.58
N ASP A 28 -9.14 -9.22 19.33
CA ASP A 28 -7.71 -9.32 19.05
C ASP A 28 -7.51 -9.64 17.57
N TRP A 29 -6.56 -8.97 16.93
CA TRP A 29 -6.33 -9.18 15.53
C TRP A 29 -5.41 -10.36 15.34
N LYS A 30 -5.64 -11.08 14.28
CA LYS A 30 -4.87 -12.22 13.87
C LYS A 30 -4.51 -11.92 12.43
N PRO A 31 -3.60 -12.68 11.78
CA PRO A 31 -3.31 -12.46 10.37
C PRO A 31 -4.59 -12.60 9.55
N ALA A 32 -4.90 -11.57 8.80
CA ALA A 32 -6.15 -11.47 8.02
C ALA A 32 -6.34 -12.50 6.90
N GLU A 33 -5.50 -13.55 6.81
CA GLU A 33 -5.58 -14.61 5.79
C GLU A 33 -4.97 -14.12 4.53
N ASP A 34 -5.43 -12.98 4.12
CA ASP A 34 -4.83 -12.35 3.02
C ASP A 34 -4.19 -11.11 3.59
N THR A 35 -2.92 -11.21 3.90
CA THR A 35 -2.23 -10.14 4.58
C THR A 35 -1.97 -8.98 3.63
N TYR A 36 -1.29 -9.22 2.54
CA TYR A 36 -1.03 -8.17 1.58
C TYR A 36 -2.07 -8.15 0.49
N THR A 37 -2.70 -7.00 0.38
CA THR A 37 -3.83 -6.79 -0.50
C THR A 37 -3.69 -5.45 -1.18
N ASP A 38 -4.57 -5.21 -2.09
CA ASP A 38 -4.74 -3.93 -2.74
C ASP A 38 -5.86 -3.24 -1.97
N ALA A 39 -6.15 -1.98 -2.23
CA ALA A 39 -7.29 -1.29 -1.62
C ALA A 39 -8.57 -2.10 -1.84
N ASN A 40 -8.65 -2.79 -2.96
CA ASN A 40 -9.79 -3.63 -3.31
C ASN A 40 -9.74 -5.00 -2.63
N GLY A 41 -8.69 -5.27 -1.87
CA GLY A 41 -8.58 -6.54 -1.19
C GLY A 41 -7.89 -7.59 -2.01
N ASP A 42 -7.66 -7.26 -3.28
CA ASP A 42 -6.92 -8.13 -4.19
C ASP A 42 -5.60 -8.52 -3.58
N LYS A 43 -5.57 -9.75 -3.10
CA LYS A 43 -4.38 -10.36 -2.52
C LYS A 43 -3.22 -10.20 -3.50
N ALA A 44 -2.18 -9.56 -3.03
CA ALA A 44 -1.02 -9.28 -3.85
C ALA A 44 0.21 -9.85 -3.18
N ALA A 45 1.37 -9.56 -3.72
CA ALA A 45 2.60 -10.03 -3.13
C ALA A 45 3.01 -9.09 -2.01
N SER A 46 3.89 -9.53 -1.14
CA SER A 46 4.32 -8.72 -0.04
C SER A 46 5.54 -7.90 -0.50
N PRO A 47 5.82 -6.77 0.17
CA PRO A 47 6.87 -5.79 -0.19
C PRO A 47 8.25 -6.34 -0.63
N SER A 48 8.68 -7.48 -0.10
CA SER A 48 10.00 -8.00 -0.42
C SER A 48 9.91 -8.84 -1.69
N GLU A 49 8.77 -9.52 -1.81
CA GLU A 49 8.41 -10.28 -2.99
C GLU A 49 8.02 -9.32 -4.12
N LEU A 50 7.85 -8.07 -3.76
CA LEU A 50 7.49 -7.04 -4.70
C LEU A 50 8.77 -6.45 -5.26
N THR A 51 9.02 -6.71 -6.53
CA THR A 51 10.25 -6.34 -7.18
C THR A 51 10.02 -5.30 -8.28
N CYS A 52 11.05 -4.99 -9.05
CA CYS A 52 10.94 -4.01 -10.09
C CYS A 52 11.13 -4.64 -11.48
N PRO A 53 10.20 -4.36 -12.41
CA PRO A 53 10.25 -4.89 -13.78
C PRO A 53 11.38 -4.23 -14.57
N PRO A 54 11.70 -4.74 -15.78
CA PRO A 54 12.76 -4.15 -16.63
C PRO A 54 12.65 -2.63 -16.79
N GLY A 55 11.44 -2.12 -16.79
CA GLY A 55 11.24 -0.69 -16.94
C GLY A 55 10.72 -0.02 -15.69
N TRP A 56 11.12 -0.49 -14.52
CA TRP A 56 10.87 0.23 -13.26
C TRP A 56 12.01 0.01 -12.29
N GLU A 57 12.35 1.06 -11.58
CA GLU A 57 13.46 1.07 -10.65
C GLU A 57 12.93 1.52 -9.29
N TRP A 58 13.48 1.04 -8.21
CA TRP A 58 13.06 1.53 -6.91
C TRP A 58 13.62 2.90 -6.59
N GLU A 59 12.79 3.68 -5.92
CA GLU A 59 13.13 5.03 -5.55
C GLU A 59 13.35 5.13 -4.05
N ASP A 60 12.43 4.50 -3.32
CA ASP A 60 12.36 4.66 -1.88
C ASP A 60 13.18 3.58 -1.17
N ASP A 61 13.54 3.86 0.07
CA ASP A 61 14.32 2.96 0.93
C ASP A 61 13.60 1.65 1.22
N ALA A 62 12.36 1.72 1.71
CA ALA A 62 11.64 0.53 2.15
C ALA A 62 10.16 0.82 2.26
N TRP A 63 9.37 -0.23 2.25
CA TRP A 63 7.93 -0.05 2.35
C TRP A 63 7.59 0.31 3.78
N SER A 64 7.08 1.48 3.94
CA SER A 64 6.79 2.03 5.24
C SER A 64 5.33 2.41 5.23
N TYR A 65 4.72 2.56 6.36
CA TYR A 65 3.30 2.87 6.37
C TYR A 65 3.06 4.31 5.99
N ASP A 66 2.10 4.50 5.12
CA ASP A 66 1.76 5.80 4.59
C ASP A 66 0.88 6.54 5.57
N ILE A 67 1.30 7.72 5.94
CA ILE A 67 0.58 8.53 6.89
C ILE A 67 0.22 9.88 6.28
N ASN A 68 0.41 9.95 4.97
CA ASN A 68 0.15 11.16 4.19
C ASN A 68 -1.33 11.19 3.76
N ARG A 69 -2.15 10.47 4.50
CA ARG A 69 -3.55 10.27 4.18
C ARG A 69 -4.35 10.18 5.45
N ALA A 70 -5.64 9.93 5.33
CA ALA A 70 -6.51 9.74 6.47
C ALA A 70 -6.38 8.31 6.95
N VAL A 71 -5.35 8.07 7.75
CA VAL A 71 -5.02 6.77 8.31
C VAL A 71 -4.69 6.91 9.79
N ASP A 72 -4.76 5.81 10.53
CA ASP A 72 -4.27 5.72 11.91
C ASP A 72 -2.79 6.14 11.97
N GLU A 73 -2.26 6.34 13.15
CA GLU A 73 -0.87 6.71 13.32
C GLU A 73 0.05 5.67 12.74
N LYS A 74 -0.36 4.43 12.81
CA LYS A 74 0.45 3.38 12.26
C LYS A 74 0.00 3.03 10.84
N GLY A 75 -0.97 3.78 10.32
CA GLY A 75 -1.40 3.64 8.94
C GLY A 75 -2.70 2.86 8.82
N TRP A 76 -3.01 2.10 9.85
CA TRP A 76 -4.22 1.27 9.89
C TRP A 76 -5.51 2.06 9.56
N GLU A 77 -6.21 1.62 8.55
CA GLU A 77 -7.46 2.26 8.19
C GLU A 77 -8.64 1.46 8.75
N TYR A 78 -9.69 2.21 9.04
CA TYR A 78 -10.93 1.76 9.67
C TYR A 78 -11.77 1.02 8.67
N GLY A 79 -11.54 -0.27 8.53
CA GLY A 79 -12.30 -1.03 7.59
C GLY A 79 -13.18 -2.01 8.28
N ILE A 80 -14.38 -1.60 8.58
CA ILE A 80 -15.23 -2.47 9.33
C ILE A 80 -16.26 -3.08 8.38
N THR A 81 -16.73 -4.26 8.69
CA THR A 81 -17.81 -4.84 7.93
C THR A 81 -18.77 -5.47 8.92
N ILE A 82 -20.06 -5.26 8.72
CA ILE A 82 -21.04 -5.83 9.63
C ILE A 82 -21.92 -6.79 8.85
N PRO A 83 -21.73 -8.11 9.07
CA PRO A 83 -22.50 -9.14 8.38
C PRO A 83 -24.01 -9.06 8.68
N PRO A 84 -24.85 -9.22 7.64
CA PRO A 84 -24.38 -9.48 6.29
C PRO A 84 -24.00 -8.22 5.55
N ASP A 85 -22.96 -8.38 4.79
CA ASP A 85 -22.37 -7.32 4.00
C ASP A 85 -21.55 -7.96 2.88
N HIS A 86 -20.23 -8.04 3.09
CA HIS A 86 -19.28 -8.71 2.17
C HIS A 86 -17.83 -8.33 2.44
N LYS A 87 -17.54 -7.04 2.62
CA LYS A 87 -16.17 -6.52 2.67
C LYS A 87 -16.26 -5.13 3.26
N PRO A 88 -15.33 -4.69 4.11
CA PRO A 88 -15.34 -3.31 4.58
C PRO A 88 -15.44 -2.32 3.43
N LYS A 89 -16.47 -1.51 3.50
CA LYS A 89 -16.81 -0.57 2.45
C LYS A 89 -16.48 0.85 2.87
N SER A 90 -15.88 0.96 4.01
CA SER A 90 -15.56 2.23 4.59
C SER A 90 -14.20 2.12 5.23
N TRP A 91 -13.39 3.15 5.05
CA TRP A 91 -12.06 3.27 5.64
C TRP A 91 -11.95 4.69 6.18
N VAL A 92 -11.43 4.81 7.38
CA VAL A 92 -11.39 6.07 8.14
C VAL A 92 -10.05 6.10 8.89
N ALA A 93 -9.64 7.23 9.43
CA ALA A 93 -8.32 7.33 10.07
C ALA A 93 -8.32 6.97 11.57
N ALA A 94 -9.39 6.41 12.10
CA ALA A 94 -9.44 6.14 13.54
C ALA A 94 -9.69 4.68 13.86
N GLU A 95 -8.87 4.13 14.75
CA GLU A 95 -9.04 2.78 15.23
C GLU A 95 -10.14 2.76 16.29
N LYS A 96 -11.22 2.12 15.93
CA LYS A 96 -12.42 2.06 16.73
C LYS A 96 -12.83 0.62 16.96
N MET A 97 -13.61 0.42 17.99
CA MET A 97 -14.09 -0.88 18.42
C MET A 97 -14.76 -1.65 17.31
N TYR A 98 -15.63 -0.99 16.52
CA TYR A 98 -16.27 -1.61 15.35
C TYR A 98 -15.33 -2.34 14.40
N HIS A 99 -14.03 -2.16 14.56
CA HIS A 99 -13.08 -2.83 13.69
C HIS A 99 -13.23 -4.33 13.76
N THR A 100 -12.81 -4.89 12.67
CA THR A 100 -13.00 -6.27 12.29
C THR A 100 -11.95 -6.55 11.24
N HIS A 101 -11.70 -5.52 10.47
CA HIS A 101 -10.66 -5.53 9.48
C HIS A 101 -9.97 -4.18 9.49
N ARG A 102 -8.71 -4.15 9.10
CA ARG A 102 -8.01 -2.89 8.96
C ARG A 102 -6.83 -3.13 8.07
N ARG A 103 -6.40 -2.11 7.38
CA ARG A 103 -5.23 -2.28 6.54
C ARG A 103 -4.51 -1.00 6.39
N ARG A 104 -3.22 -1.11 6.25
CA ARG A 104 -2.40 0.06 6.13
C ARG A 104 -1.58 -0.02 4.88
N ARG A 105 -1.44 1.11 4.22
CA ARG A 105 -0.70 1.15 3.00
C ARG A 105 0.78 1.22 3.31
N LEU A 106 1.52 0.28 2.78
CA LEU A 106 2.93 0.37 2.80
C LEU A 106 3.29 0.95 1.46
N VAL A 107 4.04 2.00 1.50
CA VAL A 107 4.38 2.75 0.32
C VAL A 107 5.80 2.52 -0.09
N ARG A 108 5.97 2.40 -1.37
CA ARG A 108 7.30 2.37 -1.93
C ARG A 108 7.27 3.11 -3.24
N LYS A 109 7.74 4.33 -3.25
CA LYS A 109 7.73 5.12 -4.47
C LYS A 109 8.78 4.53 -5.41
N ARG A 110 8.54 4.59 -6.71
CA ARG A 110 9.39 3.93 -7.66
C ARG A 110 9.53 4.84 -8.85
N LYS A 111 10.63 4.75 -9.54
CA LYS A 111 10.95 5.64 -10.63
C LYS A 111 11.54 4.83 -11.76
N LYS A 112 11.19 5.15 -12.97
CA LYS A 112 11.64 4.41 -14.16
C LYS A 112 12.94 4.99 -14.66
N ASP A 113 13.31 6.07 -14.00
CA ASP A 113 14.46 6.92 -14.35
C ASP A 113 13.96 7.87 -15.40
N LEU A 114 13.71 7.24 -16.51
CA LEU A 114 13.11 7.77 -17.73
C LEU A 114 13.66 7.00 -18.92
N THR A 115 14.88 6.50 -18.80
CA THR A 115 15.55 5.93 -19.96
C THR A 115 15.78 4.45 -19.78
N GLN A 116 15.10 3.89 -18.79
CA GLN A 116 15.23 2.50 -18.44
C GLN A 116 14.60 1.64 -19.53
N THR A 117 13.58 2.20 -20.14
CA THR A 117 12.99 1.65 -21.33
C THR A 117 13.43 2.53 -22.50
N ALA A 118 14.33 2.02 -23.31
CA ALA A 118 14.96 2.83 -24.34
C ALA A 118 14.07 3.07 -25.55
N SER A 119 13.98 4.32 -25.93
CA SER A 119 13.31 4.71 -27.14
C SER A 119 14.31 4.60 -28.28
N SER A 120 14.41 3.41 -28.83
CA SER A 120 15.38 3.14 -29.87
C SER A 120 14.72 3.29 -31.23
N THR A 121 13.69 2.49 -31.47
CA THR A 121 12.95 2.53 -32.71
C THR A 121 11.66 3.32 -32.50
N ALA A 122 11.30 3.47 -31.24
CA ALA A 122 10.13 4.25 -30.86
C ALA A 122 10.61 5.46 -30.08
N ARG A 123 9.68 6.23 -29.56
CA ARG A 123 10.02 7.39 -28.76
C ARG A 123 9.03 7.50 -27.61
N ILE A 1 14.33 25.03 0.64
CA ILE A 1 13.60 24.76 -0.61
C ILE A 1 14.15 23.51 -1.28
N ASP A 2 13.36 22.45 -1.24
CA ASP A 2 13.74 21.18 -1.84
C ASP A 2 12.73 20.73 -2.86
N PRO A 3 13.19 20.25 -4.03
CA PRO A 3 12.31 19.70 -5.06
C PRO A 3 11.58 18.42 -4.60
N PHE A 4 12.24 17.66 -3.72
CA PHE A 4 11.72 16.40 -3.16
C PHE A 4 11.60 15.31 -4.23
N THR A 5 10.59 15.43 -5.08
CA THR A 5 10.39 14.48 -6.15
C THR A 5 11.34 14.79 -7.28
N ALA A 6 11.36 16.06 -7.65
CA ALA A 6 12.16 16.58 -8.74
C ALA A 6 11.79 15.89 -10.04
N ASP A 7 10.77 16.40 -10.69
CA ASP A 7 10.18 15.81 -11.91
C ASP A 7 11.06 16.01 -13.15
N ALA A 8 12.37 16.00 -12.95
CA ALA A 8 13.32 16.24 -14.01
C ALA A 8 13.69 14.94 -14.72
N GLY A 9 12.98 14.65 -15.80
CA GLY A 9 13.26 13.50 -16.63
C GLY A 9 13.09 12.16 -15.95
N HIS A 10 12.17 12.09 -15.02
CA HIS A 10 11.78 10.80 -14.49
C HIS A 10 10.29 10.77 -14.40
N THR A 11 9.75 9.64 -14.68
CA THR A 11 8.42 9.37 -14.32
C THR A 11 8.58 8.49 -13.10
N GLU A 12 8.12 8.93 -11.98
CA GLU A 12 8.22 8.16 -10.79
C GLU A 12 6.80 8.07 -10.21
N PHE A 13 6.35 6.91 -9.83
CA PHE A 13 5.02 6.75 -9.28
C PHE A 13 5.16 6.08 -7.93
N THR A 14 4.40 6.52 -6.96
CA THR A 14 4.39 5.89 -5.67
C THR A 14 3.64 4.56 -5.76
N ASP A 15 4.31 3.49 -5.38
CA ASP A 15 3.69 2.17 -5.44
C ASP A 15 3.21 1.90 -4.03
N GLU A 16 2.16 1.14 -3.86
CA GLU A 16 1.61 0.95 -2.55
C GLU A 16 1.08 -0.49 -2.38
N VAL A 17 1.19 -1.01 -1.19
CA VAL A 17 0.67 -2.31 -0.84
C VAL A 17 -0.02 -2.15 0.49
N TYR A 18 -0.69 -3.15 0.99
CA TYR A 18 -1.43 -3.02 2.21
C TYR A 18 -1.20 -4.20 3.11
N GLN A 19 -1.21 -3.92 4.40
CA GLN A 19 -1.01 -4.90 5.45
C GLN A 19 -2.30 -5.06 6.20
N ASN A 20 -2.87 -6.23 6.16
CA ASN A 20 -4.15 -6.47 6.80
C ASN A 20 -4.00 -7.21 8.11
N GLU A 21 -4.76 -6.74 9.06
CA GLU A 21 -4.96 -7.36 10.35
C GLU A 21 -6.44 -7.23 10.67
N SER A 22 -6.95 -8.17 11.41
CA SER A 22 -8.36 -8.30 11.59
C SER A 22 -8.67 -8.76 12.99
N ARG A 23 -9.86 -8.44 13.47
CA ARG A 23 -10.33 -8.80 14.77
C ARG A 23 -11.79 -9.15 14.67
N TYR A 24 -12.25 -9.92 15.63
CA TYR A 24 -13.65 -10.29 15.72
C TYR A 24 -14.41 -9.08 16.26
N PRO A 25 -15.76 -9.12 16.32
CA PRO A 25 -16.57 -8.09 16.99
C PRO A 25 -16.36 -8.08 18.51
N GLY A 26 -15.10 -8.08 18.90
CA GLY A 26 -14.70 -8.14 20.27
C GLY A 26 -13.30 -8.71 20.38
N GLY A 27 -12.43 -8.36 19.42
CA GLY A 27 -11.08 -8.88 19.45
C GLY A 27 -10.10 -7.76 19.23
N ASP A 28 -8.84 -8.10 19.08
CA ASP A 28 -7.82 -7.12 18.77
C ASP A 28 -7.20 -7.57 17.45
N TRP A 29 -6.46 -6.71 16.79
CA TRP A 29 -5.95 -7.01 15.48
C TRP A 29 -4.88 -8.06 15.55
N LYS A 30 -5.08 -9.12 14.82
CA LYS A 30 -4.12 -10.18 14.67
C LYS A 30 -3.94 -10.31 13.17
N PRO A 31 -2.84 -10.90 12.68
CA PRO A 31 -2.61 -11.02 11.23
C PRO A 31 -3.82 -11.55 10.47
N ALA A 32 -4.08 -10.94 9.32
CA ALA A 32 -5.23 -11.33 8.51
C ALA A 32 -4.96 -12.63 7.77
N GLU A 33 -5.74 -12.91 6.74
CA GLU A 33 -5.60 -14.16 6.01
C GLU A 33 -4.73 -13.91 4.84
N ASP A 34 -4.94 -12.74 4.29
CA ASP A 34 -4.18 -12.35 3.18
C ASP A 34 -3.43 -11.14 3.65
N THR A 35 -2.16 -11.33 3.99
CA THR A 35 -1.38 -10.29 4.61
C THR A 35 -1.27 -9.06 3.72
N TYR A 36 -0.79 -9.24 2.50
CA TYR A 36 -0.63 -8.15 1.58
C TYR A 36 -1.71 -8.16 0.52
N THR A 37 -2.26 -6.98 0.27
CA THR A 37 -3.39 -6.81 -0.63
C THR A 37 -3.25 -5.44 -1.27
N ASP A 38 -4.24 -5.07 -2.05
CA ASP A 38 -4.31 -3.73 -2.60
C ASP A 38 -5.43 -3.01 -1.84
N ALA A 39 -5.74 -1.79 -2.26
CA ALA A 39 -6.85 -1.03 -1.69
C ALA A 39 -8.18 -1.80 -1.68
N ASN A 40 -8.37 -2.69 -2.65
CA ASN A 40 -9.58 -3.52 -2.70
C ASN A 40 -9.51 -4.67 -1.70
N GLY A 41 -8.42 -5.40 -1.72
CA GLY A 41 -8.28 -6.56 -0.86
C GLY A 41 -7.77 -7.74 -1.61
N ASP A 42 -7.60 -7.52 -2.90
CA ASP A 42 -7.02 -8.50 -3.77
C ASP A 42 -5.63 -8.85 -3.29
N LYS A 43 -5.55 -10.05 -2.73
CA LYS A 43 -4.30 -10.64 -2.27
C LYS A 43 -3.22 -10.49 -3.34
N ALA A 44 -2.24 -9.69 -3.02
CA ALA A 44 -1.17 -9.37 -3.92
C ALA A 44 0.11 -9.98 -3.39
N ALA A 45 1.18 -9.81 -4.11
CA ALA A 45 2.46 -10.30 -3.65
C ALA A 45 2.95 -9.45 -2.50
N SER A 46 3.79 -10.01 -1.67
CA SER A 46 4.36 -9.31 -0.56
C SER A 46 5.46 -8.40 -1.08
N PRO A 47 5.88 -7.39 -0.29
CA PRO A 47 6.95 -6.48 -0.70
C PRO A 47 8.26 -7.21 -0.98
N SER A 48 8.44 -8.37 -0.38
CA SER A 48 9.59 -9.21 -0.66
C SER A 48 9.47 -9.74 -2.09
N GLU A 49 8.28 -10.28 -2.37
CA GLU A 49 7.93 -10.80 -3.70
C GLU A 49 7.88 -9.70 -4.77
N LEU A 50 7.47 -8.51 -4.38
CA LEU A 50 7.34 -7.38 -5.29
C LEU A 50 8.70 -6.91 -5.80
N THR A 51 8.90 -7.11 -7.09
CA THR A 51 10.13 -6.76 -7.75
C THR A 51 9.84 -5.70 -8.81
N CYS A 52 10.87 -5.14 -9.39
CA CYS A 52 10.68 -4.13 -10.42
C CYS A 52 10.53 -4.76 -11.79
N PRO A 53 9.60 -4.25 -12.59
CA PRO A 53 9.38 -4.76 -13.95
C PRO A 53 10.36 -4.13 -14.92
N PRO A 54 10.52 -4.70 -16.12
CA PRO A 54 11.33 -4.09 -17.18
C PRO A 54 10.73 -2.75 -17.57
N GLY A 55 11.34 -1.69 -17.11
CA GLY A 55 10.83 -0.37 -17.37
C GLY A 55 10.66 0.41 -16.09
N TRP A 56 10.84 -0.25 -14.96
CA TRP A 56 10.68 0.40 -13.67
C TRP A 56 11.79 0.02 -12.72
N GLU A 57 12.23 1.01 -11.99
CA GLU A 57 13.37 0.99 -11.10
C GLU A 57 12.89 1.41 -9.70
N TRP A 58 13.33 0.74 -8.65
CA TRP A 58 12.97 1.19 -7.31
C TRP A 58 13.94 2.27 -6.84
N GLU A 59 13.48 3.04 -5.87
CA GLU A 59 14.27 4.12 -5.32
C GLU A 59 14.08 4.18 -3.81
N ASP A 60 12.87 3.91 -3.36
CA ASP A 60 12.59 3.92 -1.93
C ASP A 60 13.34 2.74 -1.31
N ASP A 61 13.72 2.88 -0.06
CA ASP A 61 14.45 1.83 0.65
C ASP A 61 13.57 0.62 0.89
N ALA A 62 12.34 0.85 1.32
CA ALA A 62 11.47 -0.24 1.72
C ALA A 62 10.04 0.24 1.85
N TRP A 63 9.13 -0.71 1.80
CA TRP A 63 7.71 -0.39 1.87
C TRP A 63 7.35 -0.07 3.31
N SER A 64 7.43 1.19 3.65
CA SER A 64 7.14 1.67 4.98
C SER A 64 5.78 2.32 4.98
N TYR A 65 5.20 2.48 6.12
CA TYR A 65 3.82 2.92 6.21
C TYR A 65 3.66 4.39 5.87
N ASP A 66 2.60 4.66 5.14
CA ASP A 66 2.34 6.00 4.62
C ASP A 66 1.31 6.71 5.48
N ILE A 67 1.63 7.93 5.87
CA ILE A 67 0.77 8.71 6.74
C ILE A 67 0.21 9.93 6.03
N ASN A 68 0.25 9.91 4.70
CA ASN A 68 -0.15 11.05 3.88
C ASN A 68 -1.62 10.86 3.48
N ARG A 69 -2.39 10.27 4.39
CA ARG A 69 -3.80 9.97 4.18
C ARG A 69 -4.53 10.12 5.51
N ALA A 70 -5.83 9.88 5.50
CA ALA A 70 -6.62 9.83 6.70
C ALA A 70 -6.44 8.45 7.32
N VAL A 71 -5.35 8.32 8.04
CA VAL A 71 -4.92 7.05 8.59
C VAL A 71 -4.61 7.20 10.08
N ASP A 72 -4.04 6.16 10.65
CA ASP A 72 -3.70 6.12 12.06
C ASP A 72 -2.24 6.54 12.14
N GLU A 73 -1.64 6.45 13.31
CA GLU A 73 -0.23 6.79 13.51
C GLU A 73 0.66 5.99 12.61
N LYS A 74 0.27 4.77 12.35
CA LYS A 74 1.09 3.94 11.54
C LYS A 74 0.45 3.62 10.18
N GLY A 75 -0.46 4.46 9.70
CA GLY A 75 -0.99 4.29 8.35
C GLY A 75 -2.22 3.41 8.32
N TRP A 76 -2.48 2.74 9.44
CA TRP A 76 -3.68 1.93 9.63
C TRP A 76 -4.97 2.68 9.29
N GLU A 77 -5.92 1.97 8.72
CA GLU A 77 -7.24 2.49 8.43
C GLU A 77 -8.25 1.52 8.96
N TYR A 78 -9.30 2.08 9.45
CA TYR A 78 -10.27 1.42 10.28
C TYR A 78 -11.53 1.12 9.51
N GLY A 79 -11.83 -0.15 9.33
CA GLY A 79 -12.97 -0.56 8.57
C GLY A 79 -13.80 -1.62 9.29
N ILE A 80 -15.09 -1.53 9.11
CA ILE A 80 -16.02 -2.53 9.62
C ILE A 80 -16.27 -3.55 8.55
N THR A 81 -16.99 -4.59 8.91
CA THR A 81 -17.35 -5.65 8.00
C THR A 81 -18.40 -6.47 8.76
N ILE A 82 -19.66 -6.23 8.47
CA ILE A 82 -20.73 -6.90 9.19
C ILE A 82 -21.54 -7.80 8.25
N PRO A 83 -21.40 -9.13 8.39
CA PRO A 83 -22.07 -10.11 7.53
C PRO A 83 -23.60 -10.07 7.62
N PRO A 84 -24.30 -10.22 6.47
CA PRO A 84 -23.66 -10.40 5.18
C PRO A 84 -23.12 -9.10 4.65
N ASP A 85 -22.07 -9.21 3.88
CA ASP A 85 -21.34 -8.03 3.42
C ASP A 85 -20.30 -8.48 2.39
N HIS A 86 -19.22 -7.73 2.25
CA HIS A 86 -18.17 -8.00 1.29
C HIS A 86 -16.86 -7.47 1.78
N LYS A 87 -16.64 -6.19 1.56
CA LYS A 87 -15.44 -5.54 2.03
C LYS A 87 -15.87 -4.31 2.80
N PRO A 88 -15.05 -3.82 3.73
CA PRO A 88 -15.32 -2.57 4.43
C PRO A 88 -15.50 -1.42 3.44
N LYS A 89 -16.63 -0.76 3.55
CA LYS A 89 -16.95 0.36 2.68
C LYS A 89 -16.67 1.68 3.38
N SER A 90 -16.12 1.57 4.56
CA SER A 90 -15.82 2.74 5.34
C SER A 90 -14.51 2.54 6.09
N TRP A 91 -13.60 3.47 5.84
CA TRP A 91 -12.26 3.52 6.42
C TRP A 91 -12.13 4.87 7.11
N VAL A 92 -11.62 4.84 8.33
CA VAL A 92 -11.46 6.02 9.17
C VAL A 92 -10.18 5.79 9.95
N ALA A 93 -9.91 6.52 10.99
CA ALA A 93 -8.74 6.22 11.78
C ALA A 93 -9.11 5.26 12.90
N ALA A 94 -10.32 5.43 13.44
CA ALA A 94 -10.75 4.71 14.64
C ALA A 94 -12.06 5.23 15.16
N GLU A 95 -12.57 4.49 16.16
CA GLU A 95 -13.78 4.83 16.94
C GLU A 95 -14.37 3.61 17.65
N LYS A 96 -14.79 2.60 16.89
CA LYS A 96 -15.63 1.56 17.46
C LYS A 96 -15.14 0.16 17.14
N MET A 97 -15.42 -0.72 18.08
CA MET A 97 -15.08 -2.13 18.01
C MET A 97 -15.79 -2.86 16.90
N TYR A 98 -16.94 -2.34 16.45
CA TYR A 98 -17.64 -2.92 15.32
C TYR A 98 -16.81 -2.90 14.05
N HIS A 99 -15.66 -2.25 14.09
CA HIS A 99 -14.80 -2.17 12.95
C HIS A 99 -13.87 -3.39 13.08
N THR A 100 -14.10 -4.39 12.27
CA THR A 100 -13.44 -5.68 12.43
C THR A 100 -12.25 -5.88 11.49
N HIS A 101 -12.04 -4.95 10.59
CA HIS A 101 -11.00 -5.09 9.56
C HIS A 101 -10.13 -3.85 9.51
N ARG A 102 -8.84 -4.02 9.29
CA ARG A 102 -7.94 -2.89 9.19
C ARG A 102 -6.77 -3.24 8.27
N ARG A 103 -6.29 -2.26 7.55
CA ARG A 103 -5.14 -2.41 6.66
C ARG A 103 -4.42 -1.10 6.65
N ARG A 104 -3.24 -1.09 6.15
CA ARG A 104 -2.43 0.10 6.08
C ARG A 104 -1.58 0.09 4.84
N ARG A 105 -1.26 1.25 4.33
CA ARG A 105 -0.47 1.36 3.14
C ARG A 105 1.02 1.39 3.46
N LEU A 106 1.76 0.54 2.79
CA LEU A 106 3.20 0.66 2.76
C LEU A 106 3.52 1.21 1.40
N VAL A 107 4.42 2.12 1.37
CA VAL A 107 4.79 2.79 0.14
C VAL A 107 6.18 2.47 -0.29
N ARG A 108 6.31 2.32 -1.57
CA ARG A 108 7.61 2.16 -2.19
C ARG A 108 7.59 3.00 -3.45
N LYS A 109 8.18 4.16 -3.41
CA LYS A 109 8.16 5.02 -4.58
C LYS A 109 9.14 4.44 -5.60
N ARG A 110 8.82 4.59 -6.87
CA ARG A 110 9.56 3.92 -7.93
C ARG A 110 9.62 4.90 -9.07
N LYS A 111 10.45 4.66 -10.03
CA LYS A 111 10.60 5.56 -11.15
C LYS A 111 11.12 4.83 -12.34
N LYS A 112 10.84 5.38 -13.48
CA LYS A 112 11.26 4.80 -14.75
C LYS A 112 12.69 5.25 -14.99
N ASP A 113 12.98 6.35 -14.31
CA ASP A 113 14.18 7.16 -14.41
C ASP A 113 14.59 7.41 -15.87
N LEU A 114 13.59 7.32 -16.74
CA LEU A 114 13.66 7.48 -18.19
C LEU A 114 14.49 6.40 -18.89
N THR A 115 15.60 6.00 -18.28
CA THR A 115 16.51 5.04 -18.85
C THR A 115 15.92 3.62 -18.89
N GLN A 116 14.94 3.33 -18.06
CA GLN A 116 14.34 2.02 -18.10
C GLN A 116 13.05 2.00 -18.87
N THR A 117 13.00 1.10 -19.81
CA THR A 117 11.79 0.77 -20.54
C THR A 117 11.82 -0.74 -20.80
N ALA A 118 13.04 -1.28 -20.78
CA ALA A 118 13.28 -2.70 -20.90
C ALA A 118 14.43 -3.04 -19.98
N SER A 119 14.61 -4.31 -19.66
CA SER A 119 15.66 -4.72 -18.74
C SER A 119 16.49 -5.85 -19.34
N SER A 120 16.49 -5.90 -20.65
CA SER A 120 17.18 -6.94 -21.39
C SER A 120 18.35 -6.31 -22.13
N THR A 121 18.95 -5.31 -21.48
CA THR A 121 20.01 -4.50 -22.05
C THR A 121 21.28 -5.34 -22.26
N ALA A 122 21.56 -6.22 -21.32
CA ALA A 122 22.73 -7.05 -21.40
C ALA A 122 22.39 -8.39 -22.02
N ARG A 123 23.25 -8.88 -22.88
CA ARG A 123 23.03 -10.14 -23.54
C ARG A 123 24.39 -10.83 -23.71
N ILE A 1 13.81 26.05 -7.35
CA ILE A 1 12.58 25.55 -6.71
C ILE A 1 12.32 24.12 -7.14
N ASP A 2 11.54 23.41 -6.36
CA ASP A 2 11.25 22.01 -6.63
C ASP A 2 10.15 21.89 -7.67
N PRO A 3 10.16 20.81 -8.47
CA PRO A 3 9.18 20.59 -9.53
C PRO A 3 7.78 20.38 -9.00
N PHE A 4 6.96 21.35 -9.27
CA PHE A 4 5.56 21.34 -8.88
C PHE A 4 4.79 20.50 -9.88
N THR A 5 5.40 20.34 -11.04
CA THR A 5 4.85 19.52 -12.11
C THR A 5 5.07 18.03 -11.81
N ALA A 6 5.86 17.75 -10.75
CA ALA A 6 6.25 16.39 -10.34
C ALA A 6 7.13 15.72 -11.40
N ASP A 7 6.54 15.28 -12.50
CA ASP A 7 7.28 14.63 -13.54
C ASP A 7 7.85 15.64 -14.51
N ALA A 8 9.13 15.93 -14.34
CA ALA A 8 9.85 16.84 -15.21
C ALA A 8 10.87 16.05 -16.02
N GLY A 9 10.74 14.74 -15.98
CA GLY A 9 11.69 13.87 -16.61
C GLY A 9 12.11 12.81 -15.62
N HIS A 10 11.21 11.88 -15.39
CA HIS A 10 11.41 10.83 -14.40
C HIS A 10 10.50 9.69 -14.74
N THR A 11 9.21 10.00 -14.73
CA THR A 11 8.15 9.03 -14.74
C THR A 11 8.25 8.25 -13.46
N GLU A 12 7.62 8.73 -12.44
CA GLU A 12 7.66 8.04 -11.19
C GLU A 12 6.32 7.33 -11.03
N PHE A 13 6.24 6.46 -10.07
CA PHE A 13 5.01 5.75 -9.78
C PHE A 13 4.99 5.33 -8.32
N THR A 14 4.02 5.76 -7.55
CA THR A 14 3.90 5.28 -6.19
C THR A 14 3.25 3.90 -6.23
N ASP A 15 3.95 2.92 -5.70
CA ASP A 15 3.44 1.57 -5.67
C ASP A 15 3.00 1.36 -4.24
N GLU A 16 1.96 0.59 -4.02
CA GLU A 16 1.40 0.47 -2.69
C GLU A 16 0.87 -0.95 -2.45
N VAL A 17 0.94 -1.42 -1.22
CA VAL A 17 0.40 -2.73 -0.85
C VAL A 17 -0.02 -2.73 0.61
N TYR A 18 -1.18 -3.24 0.88
CA TYR A 18 -1.76 -3.22 2.20
C TYR A 18 -1.47 -4.47 3.02
N GLN A 19 -1.46 -4.25 4.32
CA GLN A 19 -1.31 -5.30 5.31
C GLN A 19 -2.64 -5.38 6.02
N ASN A 20 -3.36 -6.47 5.85
CA ASN A 20 -4.70 -6.62 6.43
C ASN A 20 -4.75 -7.55 7.64
N GLU A 21 -5.53 -7.15 8.64
CA GLU A 21 -5.77 -7.93 9.85
C GLU A 21 -7.27 -7.88 10.14
N SER A 22 -7.79 -8.89 10.80
CA SER A 22 -9.20 -8.95 11.11
C SER A 22 -9.45 -9.60 12.46
N ARG A 23 -10.35 -9.02 13.21
CA ARG A 23 -10.66 -9.40 14.57
C ARG A 23 -12.16 -9.31 14.75
N TYR A 24 -12.68 -9.96 15.77
CA TYR A 24 -14.08 -9.76 16.15
C TYR A 24 -14.20 -8.31 16.62
N PRO A 25 -15.40 -7.74 16.68
CA PRO A 25 -15.56 -6.36 17.15
C PRO A 25 -15.21 -6.21 18.62
N GLY A 26 -13.94 -5.97 18.89
CA GLY A 26 -13.46 -5.91 20.24
C GLY A 26 -12.83 -7.23 20.58
N GLY A 27 -11.68 -7.51 19.97
CA GLY A 27 -11.07 -8.80 20.12
C GLY A 27 -9.63 -8.82 19.64
N ASP A 28 -9.22 -9.96 19.12
CA ASP A 28 -7.83 -10.18 18.69
C ASP A 28 -7.74 -10.29 17.17
N TRP A 29 -6.85 -9.52 16.53
CA TRP A 29 -6.66 -9.61 15.12
C TRP A 29 -5.90 -10.89 14.78
N LYS A 30 -6.15 -11.36 13.59
CA LYS A 30 -5.45 -12.45 12.96
C LYS A 30 -5.17 -11.93 11.57
N PRO A 31 -4.34 -12.58 10.74
CA PRO A 31 -4.24 -12.18 9.34
C PRO A 31 -5.65 -12.24 8.73
N ALA A 32 -6.08 -11.10 8.17
CA ALA A 32 -7.46 -10.88 7.68
C ALA A 32 -8.09 -12.10 7.04
N GLU A 33 -7.43 -12.57 6.03
CA GLU A 33 -7.82 -13.73 5.25
C GLU A 33 -6.62 -14.04 4.40
N ASP A 34 -6.05 -12.96 3.93
CA ASP A 34 -4.76 -12.93 3.30
C ASP A 34 -4.02 -11.81 3.97
N THR A 35 -2.72 -11.79 3.90
CA THR A 35 -1.95 -10.79 4.60
C THR A 35 -1.67 -9.60 3.69
N TYR A 36 -1.03 -9.85 2.56
CA TYR A 36 -0.72 -8.81 1.63
C TYR A 36 -1.75 -8.74 0.52
N THR A 37 -2.28 -7.57 0.33
CA THR A 37 -3.42 -7.35 -0.53
C THR A 37 -3.29 -6.02 -1.25
N ASP A 38 -4.12 -5.81 -2.25
CA ASP A 38 -4.08 -4.56 -2.98
C ASP A 38 -5.17 -3.66 -2.41
N ALA A 39 -5.40 -2.52 -3.04
CA ALA A 39 -6.37 -1.50 -2.60
C ALA A 39 -7.77 -2.04 -2.33
N ASN A 40 -8.16 -3.11 -2.99
CA ASN A 40 -9.47 -3.71 -2.78
C ASN A 40 -9.41 -4.83 -1.72
N GLY A 41 -8.33 -5.58 -1.72
CA GLY A 41 -8.21 -6.74 -0.86
C GLY A 41 -8.25 -7.97 -1.69
N ASP A 42 -7.41 -7.96 -2.68
CA ASP A 42 -7.24 -9.08 -3.54
C ASP A 42 -5.80 -9.38 -3.35
N LYS A 43 -5.57 -10.47 -2.63
CA LYS A 43 -4.21 -10.89 -2.27
C LYS A 43 -3.24 -10.80 -3.44
N ALA A 44 -2.19 -10.05 -3.20
CA ALA A 44 -1.18 -9.75 -4.18
C ALA A 44 0.16 -10.23 -3.69
N ALA A 45 1.21 -9.94 -4.42
CA ALA A 45 2.54 -10.29 -3.99
C ALA A 45 2.96 -9.41 -2.84
N SER A 46 3.76 -9.95 -1.94
CA SER A 46 4.23 -9.23 -0.78
C SER A 46 5.30 -8.24 -1.24
N PRO A 47 5.60 -7.17 -0.47
CA PRO A 47 6.61 -6.16 -0.85
C PRO A 47 8.00 -6.74 -1.15
N SER A 48 8.29 -7.93 -0.64
CA SER A 48 9.53 -8.63 -0.94
C SER A 48 9.46 -9.18 -2.37
N GLU A 49 8.36 -9.85 -2.64
CA GLU A 49 8.05 -10.42 -3.96
C GLU A 49 7.86 -9.31 -4.99
N LEU A 50 7.39 -8.16 -4.53
CA LEU A 50 7.22 -6.98 -5.36
C LEU A 50 8.58 -6.46 -5.81
N THR A 51 8.85 -6.59 -7.08
CA THR A 51 10.17 -6.29 -7.61
C THR A 51 10.20 -5.12 -8.59
N CYS A 52 11.40 -4.69 -8.90
CA CYS A 52 11.63 -3.65 -9.88
C CYS A 52 11.98 -4.27 -11.22
N PRO A 53 11.18 -3.95 -12.25
CA PRO A 53 11.39 -4.43 -13.62
C PRO A 53 12.41 -3.57 -14.37
N PRO A 54 12.78 -3.93 -15.61
CA PRO A 54 13.70 -3.13 -16.42
C PRO A 54 13.15 -1.72 -16.66
N GLY A 55 13.80 -0.75 -16.06
CA GLY A 55 13.40 0.61 -16.23
C GLY A 55 12.76 1.19 -14.99
N TRP A 56 12.58 0.39 -13.96
CA TRP A 56 11.94 0.89 -12.76
C TRP A 56 12.83 0.79 -11.53
N GLU A 57 13.04 1.94 -10.95
CA GLU A 57 13.95 2.21 -9.86
C GLU A 57 13.20 2.47 -8.55
N TRP A 58 13.52 1.69 -7.55
CA TRP A 58 13.01 1.94 -6.21
C TRP A 58 13.77 3.06 -5.50
N GLU A 59 13.15 4.22 -5.39
CA GLU A 59 13.76 5.33 -4.64
C GLU A 59 13.68 5.05 -3.17
N ASP A 60 12.51 4.57 -2.76
CA ASP A 60 12.27 4.27 -1.37
C ASP A 60 13.14 3.12 -0.92
N ASP A 61 13.57 3.15 0.32
CA ASP A 61 14.43 2.10 0.89
C ASP A 61 13.63 0.86 1.20
N ALA A 62 12.37 1.05 1.57
CA ALA A 62 11.53 -0.05 1.97
C ALA A 62 10.09 0.39 1.95
N TRP A 63 9.21 -0.56 1.83
CA TRP A 63 7.79 -0.27 1.84
C TRP A 63 7.44 0.08 3.27
N SER A 64 7.08 1.30 3.49
CA SER A 64 6.88 1.80 4.83
C SER A 64 5.45 2.27 4.92
N TYR A 65 4.84 2.20 6.08
CA TYR A 65 3.44 2.57 6.18
C TYR A 65 3.26 4.06 6.10
N ASP A 66 2.41 4.44 5.17
CA ASP A 66 2.27 5.82 4.72
C ASP A 66 1.37 6.60 5.65
N ILE A 67 1.71 7.85 5.85
CA ILE A 67 0.92 8.76 6.66
C ILE A 67 0.77 10.07 5.93
N ASN A 68 0.91 9.99 4.62
CA ASN A 68 0.77 11.14 3.74
C ASN A 68 -0.66 11.13 3.21
N ARG A 69 -1.47 10.31 3.85
CA ARG A 69 -2.85 10.03 3.47
C ARG A 69 -3.70 10.09 4.73
N ALA A 70 -5.00 9.93 4.61
CA ALA A 70 -5.85 9.97 5.79
C ALA A 70 -5.95 8.59 6.40
N VAL A 71 -4.94 8.28 7.18
CA VAL A 71 -4.78 6.99 7.84
C VAL A 71 -4.29 7.20 9.26
N ASP A 72 -4.39 6.18 10.09
CA ASP A 72 -3.79 6.17 11.44
C ASP A 72 -2.29 6.48 11.37
N GLU A 73 -1.67 6.71 12.51
CA GLU A 73 -0.23 6.95 12.58
C GLU A 73 0.55 5.79 12.00
N LYS A 74 0.01 4.62 12.14
CA LYS A 74 0.68 3.47 11.61
C LYS A 74 0.09 3.08 10.25
N GLY A 75 -0.76 3.94 9.70
CA GLY A 75 -1.31 3.74 8.36
C GLY A 75 -2.61 2.98 8.38
N TRP A 76 -2.91 2.37 9.51
CA TRP A 76 -4.14 1.62 9.71
C TRP A 76 -5.38 2.43 9.33
N GLU A 77 -6.24 1.81 8.57
CA GLU A 77 -7.49 2.38 8.11
C GLU A 77 -8.64 1.70 8.83
N TYR A 78 -9.71 2.46 8.88
CA TYR A 78 -10.97 2.14 9.51
C TYR A 78 -11.80 1.25 8.61
N GLY A 79 -11.76 -0.06 8.82
CA GLY A 79 -12.64 -0.91 8.07
C GLY A 79 -13.53 -1.72 8.96
N ILE A 80 -14.79 -1.40 9.05
CA ILE A 80 -15.65 -2.19 9.87
C ILE A 80 -16.62 -2.94 8.98
N THR A 81 -17.04 -4.07 9.44
CA THR A 81 -18.02 -4.84 8.74
C THR A 81 -19.15 -5.18 9.68
N ILE A 82 -20.28 -4.51 9.57
CA ILE A 82 -21.41 -4.86 10.41
C ILE A 82 -22.11 -6.06 9.78
N PRO A 83 -22.27 -7.16 10.53
CA PRO A 83 -22.89 -8.39 10.00
C PRO A 83 -24.34 -8.18 9.59
N PRO A 84 -24.76 -8.83 8.49
CA PRO A 84 -23.88 -9.67 7.68
C PRO A 84 -23.33 -8.96 6.46
N ASP A 85 -22.12 -9.34 6.17
CA ASP A 85 -21.28 -8.87 5.05
C ASP A 85 -19.91 -9.42 5.34
N HIS A 86 -18.93 -9.15 4.51
CA HIS A 86 -17.59 -9.63 4.73
C HIS A 86 -16.54 -8.53 4.56
N LYS A 87 -16.79 -7.60 3.65
CA LYS A 87 -15.83 -6.55 3.39
C LYS A 87 -16.31 -5.16 3.81
N PRO A 88 -15.44 -4.43 4.51
CA PRO A 88 -15.62 -3.02 4.78
C PRO A 88 -15.70 -2.24 3.46
N LYS A 89 -16.65 -1.37 3.38
CA LYS A 89 -16.88 -0.60 2.17
C LYS A 89 -16.65 0.87 2.45
N SER A 90 -16.01 1.10 3.57
CA SER A 90 -15.73 2.43 4.04
C SER A 90 -14.41 2.39 4.80
N TRP A 91 -13.58 3.40 4.58
CA TRP A 91 -12.29 3.53 5.24
C TRP A 91 -12.12 4.97 5.68
N VAL A 92 -11.62 5.13 6.89
CA VAL A 92 -11.50 6.42 7.56
C VAL A 92 -10.18 6.32 8.33
N ALA A 93 -9.74 7.33 9.04
CA ALA A 93 -8.50 7.22 9.78
C ALA A 93 -8.72 6.94 11.26
N ALA A 94 -9.97 6.74 11.69
CA ALA A 94 -10.27 6.49 13.10
C ALA A 94 -10.14 5.02 13.48
N GLU A 95 -10.62 4.68 14.67
CA GLU A 95 -10.47 3.34 15.20
C GLU A 95 -11.52 3.12 16.29
N LYS A 96 -12.51 2.33 15.96
CA LYS A 96 -13.61 2.01 16.84
C LYS A 96 -13.57 0.55 17.21
N MET A 97 -14.02 0.26 18.42
CA MET A 97 -14.12 -1.11 18.94
C MET A 97 -14.78 -2.06 17.95
N TYR A 98 -15.79 -1.56 17.25
CA TYR A 98 -16.52 -2.33 16.25
C TYR A 98 -15.64 -2.78 15.09
N HIS A 99 -14.36 -2.43 15.12
CA HIS A 99 -13.44 -2.85 14.05
C HIS A 99 -13.30 -4.35 13.96
N THR A 100 -13.68 -4.85 12.80
CA THR A 100 -13.51 -6.23 12.45
C THR A 100 -12.35 -6.35 11.46
N HIS A 101 -12.02 -5.22 10.86
CA HIS A 101 -10.97 -5.13 9.85
C HIS A 101 -10.15 -3.85 9.99
N ARG A 102 -8.90 -3.93 9.57
CA ARG A 102 -8.06 -2.76 9.45
C ARG A 102 -6.98 -3.10 8.46
N ARG A 103 -6.46 -2.11 7.77
CA ARG A 103 -5.35 -2.38 6.87
C ARG A 103 -4.48 -1.17 6.75
N ARG A 104 -3.30 -1.30 6.26
CA ARG A 104 -2.45 -0.14 6.14
C ARG A 104 -1.65 -0.19 4.87
N ARG A 105 -1.35 0.97 4.32
CA ARG A 105 -0.63 1.07 3.07
C ARG A 105 0.87 1.16 3.31
N LEU A 106 1.58 0.22 2.74
CA LEU A 106 3.01 0.32 2.61
C LEU A 106 3.27 0.98 1.27
N VAL A 107 4.08 2.00 1.29
CA VAL A 107 4.37 2.77 0.11
C VAL A 107 5.79 2.58 -0.32
N ARG A 108 5.92 2.45 -1.59
CA ARG A 108 7.22 2.44 -2.22
C ARG A 108 7.14 3.30 -3.48
N LYS A 109 7.63 4.53 -3.44
CA LYS A 109 7.58 5.36 -4.62
C LYS A 109 8.76 4.97 -5.48
N ARG A 110 8.62 5.08 -6.77
CA ARG A 110 9.62 4.58 -7.66
C ARG A 110 9.65 5.56 -8.80
N LYS A 111 10.49 5.32 -9.73
CA LYS A 111 10.56 6.14 -10.92
C LYS A 111 11.29 5.41 -11.98
N LYS A 112 11.09 5.82 -13.18
CA LYS A 112 11.69 5.19 -14.34
C LYS A 112 13.05 5.82 -14.57
N ASP A 113 13.17 6.96 -13.91
CA ASP A 113 14.30 7.89 -14.03
C ASP A 113 14.49 8.30 -15.50
N LEU A 114 13.44 8.05 -16.30
CA LEU A 114 13.42 8.20 -17.75
C LEU A 114 14.43 7.27 -18.45
N THR A 115 15.70 7.36 -18.08
CA THR A 115 16.77 6.67 -18.78
C THR A 115 17.05 5.24 -18.30
N GLN A 116 16.32 4.70 -17.31
CA GLN A 116 16.55 3.30 -16.98
C GLN A 116 15.90 2.40 -18.01
N THR A 117 14.99 2.98 -18.77
CA THR A 117 14.42 2.31 -19.92
C THR A 117 15.11 2.83 -21.16
N ALA A 118 15.54 1.93 -22.02
CA ALA A 118 16.09 2.33 -23.30
C ALA A 118 14.97 2.83 -24.19
N SER A 119 14.84 4.14 -24.27
CA SER A 119 13.82 4.78 -25.08
C SER A 119 14.41 5.93 -25.88
N SER A 120 15.43 6.57 -25.32
CA SER A 120 16.13 7.61 -26.01
C SER A 120 17.10 6.93 -26.98
N THR A 121 16.80 7.02 -28.25
CA THR A 121 17.55 6.32 -29.27
C THR A 121 18.69 7.16 -29.83
N ALA A 122 19.67 6.51 -30.39
CA ALA A 122 20.84 7.18 -30.92
C ALA A 122 20.84 7.19 -32.44
N ARG A 123 20.27 6.16 -33.05
CA ARG A 123 20.26 6.07 -34.49
C ARG A 123 18.87 6.41 -35.03
N ILE A 1 19.68 18.51 -5.59
CA ILE A 1 18.29 18.22 -5.19
C ILE A 1 17.55 19.52 -4.91
N ASP A 2 16.33 19.60 -5.39
CA ASP A 2 15.51 20.79 -5.25
C ASP A 2 14.09 20.37 -4.97
N PRO A 3 13.30 21.20 -4.26
CA PRO A 3 11.90 20.89 -3.94
C PRO A 3 11.03 20.60 -5.17
N PHE A 4 11.01 21.53 -6.12
CA PHE A 4 10.18 21.39 -7.30
C PHE A 4 10.98 20.82 -8.45
N THR A 5 12.28 21.06 -8.43
CA THR A 5 13.17 20.53 -9.44
C THR A 5 13.70 19.16 -8.98
N ALA A 6 12.84 18.41 -8.27
CA ALA A 6 13.18 17.07 -7.83
C ALA A 6 13.18 16.14 -9.03
N ASP A 7 12.30 16.42 -9.97
CA ASP A 7 12.24 15.67 -11.21
C ASP A 7 12.73 16.55 -12.36
N ALA A 8 13.71 16.05 -13.07
CA ALA A 8 14.29 16.76 -14.19
C ALA A 8 13.94 16.09 -15.51
N GLY A 9 12.95 15.20 -15.47
CA GLY A 9 12.55 14.51 -16.68
C GLY A 9 12.77 13.04 -16.57
N HIS A 10 12.13 12.45 -15.59
CA HIS A 10 12.16 11.02 -15.38
C HIS A 10 10.73 10.54 -15.54
N THR A 11 10.38 9.65 -14.65
CA THR A 11 9.06 9.19 -14.43
C THR A 11 9.22 8.42 -13.15
N GLU A 12 8.55 8.84 -12.12
CA GLU A 12 8.57 8.10 -10.90
C GLU A 12 7.15 8.08 -10.34
N PHE A 13 6.65 6.91 -10.00
CA PHE A 13 5.29 6.76 -9.51
C PHE A 13 5.36 6.12 -8.12
N THR A 14 4.56 6.60 -7.19
CA THR A 14 4.52 5.99 -5.87
C THR A 14 3.69 4.71 -5.93
N ASP A 15 4.30 3.60 -5.55
CA ASP A 15 3.62 2.32 -5.61
C ASP A 15 3.07 2.08 -4.23
N GLU A 16 2.32 1.02 -4.03
CA GLU A 16 1.61 0.85 -2.80
C GLU A 16 1.03 -0.56 -2.69
N VAL A 17 1.05 -1.08 -1.49
CA VAL A 17 0.42 -2.34 -1.17
C VAL A 17 -0.32 -2.13 0.13
N TYR A 18 -0.95 -3.14 0.68
CA TYR A 18 -1.69 -2.99 1.90
C TYR A 18 -1.41 -4.16 2.80
N GLN A 19 -1.40 -3.89 4.07
CA GLN A 19 -1.15 -4.88 5.09
C GLN A 19 -2.41 -4.98 5.92
N ASN A 20 -3.00 -6.13 5.92
CA ASN A 20 -4.27 -6.35 6.58
C ASN A 20 -4.11 -7.21 7.82
N GLU A 21 -4.87 -6.85 8.80
CA GLU A 21 -5.04 -7.61 10.02
C GLU A 21 -6.54 -7.75 10.21
N SER A 22 -6.95 -8.68 11.03
CA SER A 22 -8.36 -8.89 11.24
C SER A 22 -8.63 -9.34 12.66
N ARG A 23 -9.82 -9.02 13.14
CA ARG A 23 -10.28 -9.41 14.44
C ARG A 23 -11.77 -9.57 14.38
N TYR A 24 -12.31 -10.30 15.33
CA TYR A 24 -13.75 -10.34 15.49
C TYR A 24 -14.14 -9.01 16.14
N PRO A 25 -15.40 -8.59 16.09
CA PRO A 25 -15.82 -7.41 16.86
C PRO A 25 -15.74 -7.74 18.34
N GLY A 26 -14.61 -7.42 18.94
CA GLY A 26 -14.35 -7.83 20.31
C GLY A 26 -13.10 -8.71 20.39
N GLY A 27 -12.36 -8.76 19.28
CA GLY A 27 -11.11 -9.49 19.25
C GLY A 27 -9.99 -8.51 19.17
N ASP A 28 -8.76 -8.93 19.00
CA ASP A 28 -7.70 -7.98 18.71
C ASP A 28 -7.12 -8.44 17.38
N TRP A 29 -6.43 -7.56 16.68
CA TRP A 29 -5.99 -7.84 15.35
C TRP A 29 -4.87 -8.86 15.34
N LYS A 30 -5.07 -9.89 14.58
CA LYS A 30 -4.03 -10.85 14.29
C LYS A 30 -3.83 -10.67 12.81
N PRO A 31 -2.85 -11.29 12.16
CA PRO A 31 -2.72 -11.17 10.71
C PRO A 31 -4.01 -11.59 10.00
N ALA A 32 -4.27 -10.95 8.88
CA ALA A 32 -5.41 -11.32 8.03
C ALA A 32 -5.15 -12.69 7.39
N GLU A 33 -5.99 -13.06 6.46
CA GLU A 33 -5.86 -14.34 5.79
C GLU A 33 -5.15 -14.09 4.47
N ASP A 34 -5.36 -12.88 3.98
CA ASP A 34 -4.68 -12.36 2.83
C ASP A 34 -3.99 -11.13 3.35
N THR A 35 -2.79 -11.33 3.84
CA THR A 35 -2.06 -10.28 4.52
C THR A 35 -1.79 -9.11 3.58
N TYR A 36 -1.22 -9.37 2.43
CA TYR A 36 -0.99 -8.32 1.49
C TYR A 36 -2.00 -8.35 0.37
N THR A 37 -2.53 -7.17 0.08
CA THR A 37 -3.64 -7.02 -0.83
C THR A 37 -3.46 -5.76 -1.65
N ASP A 38 -4.36 -5.58 -2.57
CA ASP A 38 -4.41 -4.42 -3.41
C ASP A 38 -5.64 -3.64 -2.96
N ALA A 39 -5.99 -2.58 -3.66
CA ALA A 39 -7.08 -1.68 -3.26
C ALA A 39 -8.40 -2.38 -2.94
N ASN A 40 -8.71 -3.44 -3.66
CA ASN A 40 -9.97 -4.16 -3.47
C ASN A 40 -9.80 -5.44 -2.66
N GLY A 41 -8.64 -5.66 -2.04
CA GLY A 41 -8.47 -6.86 -1.23
C GLY A 41 -7.88 -7.98 -2.03
N ASP A 42 -7.61 -7.68 -3.29
CA ASP A 42 -6.92 -8.61 -4.18
C ASP A 42 -5.60 -8.97 -3.57
N LYS A 43 -5.52 -10.17 -3.02
CA LYS A 43 -4.27 -10.67 -2.45
C LYS A 43 -3.15 -10.47 -3.47
N ALA A 44 -2.19 -9.69 -3.07
CA ALA A 44 -1.08 -9.32 -3.91
C ALA A 44 0.21 -9.76 -3.25
N ALA A 45 1.32 -9.57 -3.94
CA ALA A 45 2.61 -9.92 -3.41
C ALA A 45 2.97 -9.05 -2.22
N SER A 46 3.75 -9.61 -1.31
CA SER A 46 4.17 -8.90 -0.13
C SER A 46 5.43 -8.10 -0.49
N PRO A 47 5.76 -7.02 0.25
CA PRO A 47 6.86 -6.09 -0.07
C PRO A 47 8.22 -6.73 -0.40
N SER A 48 8.55 -7.86 0.20
CA SER A 48 9.81 -8.52 -0.10
C SER A 48 9.70 -9.23 -1.45
N GLU A 49 8.58 -9.90 -1.59
CA GLU A 49 8.18 -10.62 -2.78
C GLU A 49 7.95 -9.64 -3.96
N LEU A 50 7.60 -8.40 -3.62
CA LEU A 50 7.43 -7.33 -4.57
C LEU A 50 8.79 -6.87 -5.10
N THR A 51 8.95 -6.97 -6.40
CA THR A 51 10.18 -6.65 -7.06
C THR A 51 9.96 -5.61 -8.16
N CYS A 52 11.04 -5.10 -8.70
CA CYS A 52 10.99 -4.15 -9.79
C CYS A 52 10.83 -4.86 -11.12
N PRO A 53 10.15 -4.22 -12.08
CA PRO A 53 10.03 -4.72 -13.45
C PRO A 53 11.15 -4.18 -14.35
N PRO A 54 11.36 -4.77 -15.54
CA PRO A 54 12.31 -4.23 -16.50
C PRO A 54 11.87 -2.85 -16.99
N GLY A 55 12.57 -1.82 -16.57
CA GLY A 55 12.20 -0.47 -16.92
C GLY A 55 11.87 0.36 -15.69
N TRP A 56 11.99 -0.23 -14.51
CA TRP A 56 11.74 0.49 -13.28
C TRP A 56 12.77 0.17 -12.23
N GLU A 57 13.18 1.22 -11.57
CA GLU A 57 14.23 1.25 -10.60
C GLU A 57 13.59 1.68 -9.30
N TRP A 58 14.00 1.17 -8.18
CA TRP A 58 13.51 1.72 -6.94
C TRP A 58 14.33 2.94 -6.55
N GLU A 59 13.70 3.83 -5.79
CA GLU A 59 14.39 5.01 -5.32
C GLU A 59 14.33 4.99 -3.81
N ASP A 60 13.16 4.63 -3.30
CA ASP A 60 12.94 4.52 -1.88
C ASP A 60 13.56 3.24 -1.31
N ASP A 61 13.85 3.27 -0.02
CA ASP A 61 14.62 2.20 0.65
C ASP A 61 13.82 0.90 0.91
N ALA A 62 12.71 0.97 1.63
CA ALA A 62 11.95 -0.22 2.01
C ALA A 62 10.53 0.21 2.27
N TRP A 63 9.57 -0.67 1.99
CA TRP A 63 8.15 -0.28 2.05
C TRP A 63 7.81 0.15 3.46
N SER A 64 7.37 1.37 3.56
CA SER A 64 7.07 1.99 4.84
C SER A 64 5.56 2.18 4.90
N TYR A 65 5.05 2.95 5.82
CA TYR A 65 3.60 3.11 5.87
C TYR A 65 3.17 4.50 5.45
N ASP A 66 1.94 4.60 4.96
CA ASP A 66 1.41 5.81 4.36
C ASP A 66 0.55 6.59 5.32
N ILE A 67 0.81 7.88 5.41
CA ILE A 67 0.00 8.82 6.17
C ILE A 67 -0.56 9.88 5.22
N ASN A 68 -0.72 9.49 3.97
CA ASN A 68 -1.16 10.39 2.91
C ASN A 68 -2.61 10.07 2.54
N ARG A 69 -3.30 9.50 3.51
CA ARG A 69 -4.69 9.10 3.38
C ARG A 69 -5.35 9.46 4.70
N ALA A 70 -6.62 9.14 4.84
CA ALA A 70 -7.29 9.31 6.11
C ALA A 70 -6.98 8.06 6.92
N VAL A 71 -5.81 8.05 7.52
CA VAL A 71 -5.28 6.85 8.17
C VAL A 71 -4.66 7.16 9.53
N ASP A 72 -4.61 6.13 10.37
CA ASP A 72 -3.89 6.16 11.65
C ASP A 72 -2.42 6.55 11.44
N GLU A 73 -1.72 6.80 12.53
CA GLU A 73 -0.30 7.12 12.52
C GLU A 73 0.48 6.09 11.76
N LYS A 74 0.03 4.87 11.86
CA LYS A 74 0.73 3.81 11.24
C LYS A 74 0.12 3.43 9.90
N GLY A 75 -0.89 4.16 9.46
CA GLY A 75 -1.50 3.91 8.17
C GLY A 75 -2.80 3.11 8.30
N TRP A 76 -2.98 2.53 9.46
CA TRP A 76 -4.16 1.71 9.75
C TRP A 76 -5.49 2.45 9.53
N GLU A 77 -6.27 1.97 8.60
CA GLU A 77 -7.59 2.51 8.33
C GLU A 77 -8.67 1.65 8.98
N TYR A 78 -9.78 2.34 9.20
CA TYR A 78 -11.03 1.91 9.85
C TYR A 78 -11.78 0.92 8.96
N GLY A 79 -11.71 -0.37 9.28
CA GLY A 79 -12.54 -1.31 8.56
C GLY A 79 -13.41 -2.11 9.49
N ILE A 80 -14.69 -2.04 9.27
CA ILE A 80 -15.63 -2.75 10.09
C ILE A 80 -16.63 -3.45 9.20
N THR A 81 -16.99 -4.67 9.56
CA THR A 81 -17.93 -5.43 8.81
C THR A 81 -18.95 -6.02 9.78
N ILE A 82 -20.21 -5.63 9.63
CA ILE A 82 -21.25 -6.06 10.56
C ILE A 82 -22.29 -6.96 9.90
N PRO A 83 -22.11 -8.28 10.05
CA PRO A 83 -22.94 -9.30 9.40
C PRO A 83 -24.44 -9.20 9.73
N PRO A 84 -25.31 -9.26 8.70
CA PRO A 84 -24.87 -9.40 7.31
C PRO A 84 -24.41 -8.09 6.73
N ASP A 85 -23.45 -8.19 5.88
CA ASP A 85 -22.76 -7.05 5.33
C ASP A 85 -22.19 -7.45 3.97
N HIS A 86 -21.23 -6.71 3.51
CA HIS A 86 -20.60 -6.94 2.24
C HIS A 86 -19.09 -6.76 2.33
N LYS A 87 -18.66 -5.60 2.76
CA LYS A 87 -17.27 -5.17 2.81
C LYS A 87 -17.32 -3.95 3.69
N PRO A 88 -16.25 -3.53 4.38
CA PRO A 88 -16.31 -2.28 5.15
C PRO A 88 -16.61 -1.14 4.21
N LYS A 89 -17.69 -0.45 4.49
CA LYS A 89 -18.16 0.64 3.64
C LYS A 89 -17.47 1.95 3.95
N SER A 90 -16.69 1.97 4.99
CA SER A 90 -16.08 3.20 5.42
C SER A 90 -14.69 2.91 5.93
N TRP A 91 -13.76 3.75 5.52
CA TRP A 91 -12.38 3.73 5.95
C TRP A 91 -12.00 5.17 6.26
N VAL A 92 -11.34 5.36 7.37
CA VAL A 92 -10.98 6.66 7.92
C VAL A 92 -9.89 6.41 8.94
N ALA A 93 -9.50 7.44 9.64
CA ALA A 93 -8.49 7.28 10.65
C ALA A 93 -9.21 7.14 11.98
N ALA A 94 -9.23 5.92 12.48
CA ALA A 94 -9.95 5.57 13.71
C ALA A 94 -9.73 4.10 13.98
N GLU A 95 -10.37 3.60 15.03
CA GLU A 95 -10.25 2.21 15.42
C GLU A 95 -11.21 1.97 16.58
N LYS A 96 -12.17 1.08 16.34
CA LYS A 96 -13.26 0.82 17.24
C LYS A 96 -13.43 -0.66 17.45
N MET A 97 -13.98 -1.01 18.59
CA MET A 97 -14.21 -2.39 19.00
C MET A 97 -14.97 -3.21 17.98
N TYR A 98 -16.04 -2.65 17.41
CA TYR A 98 -16.82 -3.37 16.40
C TYR A 98 -16.06 -3.57 15.10
N HIS A 99 -14.76 -3.29 15.07
CA HIS A 99 -14.00 -3.50 13.85
C HIS A 99 -13.82 -4.97 13.52
N THR A 100 -13.22 -5.23 12.39
CA THR A 100 -13.18 -6.56 11.84
C THR A 100 -11.98 -6.68 10.93
N HIS A 101 -11.78 -5.62 10.14
CA HIS A 101 -10.75 -5.58 9.11
C HIS A 101 -9.98 -4.27 9.23
N ARG A 102 -8.70 -4.30 8.96
CA ARG A 102 -7.92 -3.08 9.05
C ARG A 102 -6.77 -3.21 8.11
N ARG A 103 -6.35 -2.10 7.52
CA ARG A 103 -5.22 -2.22 6.61
C ARG A 103 -4.52 -0.91 6.48
N ARG A 104 -3.35 -0.97 5.93
CA ARG A 104 -2.56 0.21 5.73
C ARG A 104 -1.79 0.11 4.47
N ARG A 105 -1.51 1.23 3.86
CA ARG A 105 -0.72 1.24 2.67
C ARG A 105 0.74 1.22 3.06
N LEU A 106 1.49 0.32 2.46
CA LEU A 106 2.90 0.41 2.54
C LEU A 106 3.31 1.05 1.25
N VAL A 107 4.09 2.08 1.35
CA VAL A 107 4.42 2.89 0.22
C VAL A 107 5.80 2.61 -0.22
N ARG A 108 5.98 2.68 -1.51
CA ARG A 108 7.32 2.69 -2.05
C ARG A 108 7.36 3.33 -3.41
N LYS A 109 8.02 4.46 -3.49
CA LYS A 109 8.07 5.20 -4.72
C LYS A 109 9.16 4.58 -5.60
N ARG A 110 8.91 4.59 -6.90
CA ARG A 110 9.74 3.90 -7.86
C ARG A 110 9.96 4.82 -9.02
N LYS A 111 11.16 4.84 -9.48
CA LYS A 111 11.59 5.77 -10.47
C LYS A 111 12.14 5.03 -11.67
N LYS A 112 11.81 5.51 -12.84
CA LYS A 112 12.24 4.85 -14.08
C LYS A 112 13.58 5.44 -14.49
N ASP A 113 13.79 6.62 -13.94
CA ASP A 113 14.86 7.58 -14.27
C ASP A 113 14.73 8.14 -15.68
N LEU A 114 14.02 7.37 -16.49
CA LEU A 114 13.69 7.57 -17.90
C LEU A 114 14.78 6.97 -18.79
N THR A 115 15.99 6.87 -18.26
CA THR A 115 17.12 6.33 -19.01
C THR A 115 17.02 4.81 -19.14
N GLN A 116 16.18 4.20 -18.31
CA GLN A 116 15.97 2.74 -18.34
C GLN A 116 15.04 2.35 -19.47
N THR A 117 14.46 3.34 -20.12
CA THR A 117 13.57 3.08 -21.23
C THR A 117 14.05 3.80 -22.47
N ALA A 118 14.52 3.04 -23.44
CA ALA A 118 14.94 3.59 -24.70
C ALA A 118 13.70 3.97 -25.49
N SER A 119 13.48 5.25 -25.65
CA SER A 119 12.30 5.74 -26.35
C SER A 119 12.59 5.83 -27.84
N SER A 120 13.87 5.85 -28.18
CA SER A 120 14.29 5.94 -29.55
C SER A 120 14.79 4.58 -30.02
N THR A 121 14.64 4.32 -31.30
CA THR A 121 15.17 3.10 -31.88
C THR A 121 16.36 3.48 -32.74
N ALA A 122 16.64 4.77 -32.80
CA ALA A 122 17.74 5.29 -33.57
C ALA A 122 18.99 5.28 -32.72
N ARG A 123 19.97 4.52 -33.14
CA ARG A 123 21.22 4.44 -32.43
C ARG A 123 22.34 5.01 -33.29
N ILE A 1 14.03 18.81 3.42
CA ILE A 1 14.76 19.64 2.45
C ILE A 1 15.52 18.78 1.44
N ASP A 2 15.76 17.52 1.78
CA ASP A 2 16.37 16.58 0.84
C ASP A 2 15.30 16.21 -0.18
N PRO A 3 15.57 16.42 -1.48
CA PRO A 3 14.59 16.23 -2.53
C PRO A 3 14.21 14.77 -2.77
N PHE A 4 12.93 14.53 -2.66
CA PHE A 4 12.34 13.21 -2.88
C PHE A 4 12.05 13.04 -4.36
N THR A 5 12.16 14.14 -5.09
CA THR A 5 11.97 14.12 -6.51
C THR A 5 12.83 15.19 -7.18
N ALA A 6 13.94 14.74 -7.74
CA ALA A 6 14.81 15.60 -8.51
C ALA A 6 14.67 15.15 -9.95
N ASP A 7 13.77 15.79 -10.67
CA ASP A 7 13.38 15.31 -11.97
C ASP A 7 13.97 16.11 -13.12
N ALA A 8 14.77 15.44 -13.91
CA ALA A 8 15.32 16.00 -15.12
C ALA A 8 14.71 15.28 -16.31
N GLY A 9 13.61 14.59 -16.06
CA GLY A 9 12.97 13.81 -17.09
C GLY A 9 13.13 12.34 -16.83
N HIS A 10 12.52 11.89 -15.76
CA HIS A 10 12.51 10.48 -15.44
C HIS A 10 11.11 10.01 -15.72
N THR A 11 10.71 9.05 -14.94
CA THR A 11 9.37 8.62 -14.86
C THR A 11 9.33 7.88 -13.55
N GLU A 12 8.47 8.27 -12.69
CA GLU A 12 8.36 7.60 -11.43
C GLU A 12 6.94 7.77 -10.89
N PHE A 13 6.46 6.75 -10.22
CA PHE A 13 5.13 6.77 -9.65
C PHE A 13 5.19 6.10 -8.29
N THR A 14 4.41 6.58 -7.34
CA THR A 14 4.37 5.97 -6.02
C THR A 14 3.58 4.67 -6.08
N ASP A 15 4.17 3.58 -5.61
CA ASP A 15 3.50 2.30 -5.68
C ASP A 15 2.97 2.06 -4.28
N GLU A 16 1.96 1.26 -4.13
CA GLU A 16 1.35 1.10 -2.83
C GLU A 16 0.82 -0.32 -2.66
N VAL A 17 0.77 -0.75 -1.44
CA VAL A 17 0.19 -2.04 -1.10
C VAL A 17 -0.54 -1.84 0.20
N TYR A 18 -1.25 -2.84 0.67
CA TYR A 18 -2.00 -2.72 1.88
C TYR A 18 -1.78 -3.96 2.71
N GLN A 19 -1.86 -3.77 3.98
CA GLN A 19 -1.65 -4.80 4.96
C GLN A 19 -2.86 -4.85 5.84
N ASN A 20 -3.44 -6.01 6.00
CA ASN A 20 -4.65 -6.17 6.79
C ASN A 20 -4.65 -7.41 7.68
N GLU A 21 -5.38 -7.28 8.76
CA GLU A 21 -5.60 -8.31 9.77
C GLU A 21 -7.09 -8.28 10.07
N SER A 22 -7.61 -9.34 10.64
CA SER A 22 -9.01 -9.39 10.98
C SER A 22 -9.22 -9.91 12.39
N ARG A 23 -10.26 -9.40 13.02
CA ARG A 23 -10.64 -9.74 14.35
C ARG A 23 -12.14 -9.64 14.47
N TYR A 24 -12.69 -10.26 15.47
CA TYR A 24 -14.12 -10.08 15.79
C TYR A 24 -14.27 -8.62 16.19
N PRO A 25 -15.48 -8.05 16.12
CA PRO A 25 -15.70 -6.68 16.60
C PRO A 25 -15.44 -6.61 18.09
N GLY A 26 -14.22 -6.28 18.47
CA GLY A 26 -13.84 -6.25 19.86
C GLY A 26 -13.15 -7.56 20.20
N GLY A 27 -11.93 -7.75 19.68
CA GLY A 27 -11.25 -9.00 19.88
C GLY A 27 -9.74 -8.90 19.66
N ASP A 28 -9.23 -9.84 18.87
CA ASP A 28 -7.79 -9.94 18.58
C ASP A 28 -7.55 -10.24 17.11
N TRP A 29 -6.66 -9.48 16.48
CA TRP A 29 -6.39 -9.62 15.07
C TRP A 29 -5.49 -10.81 14.82
N LYS A 30 -5.67 -11.39 13.66
CA LYS A 30 -4.83 -12.44 13.11
C LYS A 30 -4.70 -12.04 11.66
N PRO A 31 -3.77 -12.60 10.86
CA PRO A 31 -3.73 -12.32 9.44
C PRO A 31 -5.11 -12.48 8.82
N ALA A 32 -5.54 -11.45 8.10
CA ALA A 32 -6.90 -11.37 7.52
C ALA A 32 -7.27 -12.65 6.81
N GLU A 33 -6.38 -13.06 5.92
CA GLU A 33 -6.46 -14.27 5.10
C GLU A 33 -5.46 -14.09 3.98
N ASP A 34 -5.36 -12.82 3.56
CA ASP A 34 -4.40 -12.36 2.60
C ASP A 34 -3.82 -11.13 3.24
N THR A 35 -2.63 -11.22 3.80
CA THR A 35 -2.07 -10.13 4.58
C THR A 35 -1.71 -8.92 3.70
N TYR A 36 -1.06 -9.16 2.57
CA TYR A 36 -0.77 -8.08 1.65
C TYR A 36 -1.69 -8.15 0.44
N THR A 37 -2.27 -7.01 0.14
CA THR A 37 -3.39 -6.90 -0.79
C THR A 37 -3.31 -5.59 -1.57
N ASP A 38 -4.20 -5.47 -2.54
CA ASP A 38 -4.34 -4.26 -3.33
C ASP A 38 -5.49 -3.51 -2.68
N ALA A 39 -5.76 -2.28 -3.06
CA ALA A 39 -6.86 -1.50 -2.48
C ALA A 39 -8.21 -2.23 -2.47
N ASN A 40 -8.43 -3.15 -3.41
CA ASN A 40 -9.68 -3.90 -3.45
C ASN A 40 -9.59 -5.26 -2.73
N GLY A 41 -8.43 -5.56 -2.14
CA GLY A 41 -8.29 -6.81 -1.39
C GLY A 41 -7.63 -7.89 -2.19
N ASP A 42 -7.36 -7.59 -3.44
CA ASP A 42 -6.66 -8.50 -4.33
C ASP A 42 -5.37 -8.97 -3.68
N LYS A 43 -5.37 -10.23 -3.28
CA LYS A 43 -4.16 -10.90 -2.78
C LYS A 43 -3.02 -10.61 -3.72
N ALA A 44 -2.07 -9.83 -3.23
CA ALA A 44 -0.98 -9.38 -4.05
C ALA A 44 0.33 -9.83 -3.44
N ALA A 45 1.42 -9.49 -4.08
CA ALA A 45 2.73 -9.80 -3.57
C ALA A 45 3.04 -8.87 -2.40
N SER A 46 3.78 -9.38 -1.44
CA SER A 46 4.17 -8.58 -0.30
C SER A 46 5.31 -7.64 -0.74
N PRO A 47 5.54 -6.51 -0.04
CA PRO A 47 6.57 -5.52 -0.42
C PRO A 47 7.98 -6.08 -0.66
N SER A 48 8.28 -7.21 -0.06
CA SER A 48 9.55 -7.87 -0.27
C SER A 48 9.58 -8.47 -1.68
N GLU A 49 8.52 -9.18 -2.00
CA GLU A 49 8.29 -9.76 -3.32
C GLU A 49 8.08 -8.67 -4.38
N LEU A 50 7.56 -7.53 -3.94
CA LEU A 50 7.37 -6.41 -4.83
C LEU A 50 8.74 -5.89 -5.25
N THR A 51 9.03 -6.10 -6.51
CA THR A 51 10.33 -5.83 -7.05
C THR A 51 10.20 -4.91 -8.26
N CYS A 52 11.31 -4.58 -8.87
CA CYS A 52 11.26 -3.74 -10.03
C CYS A 52 11.25 -4.59 -11.30
N PRO A 53 10.25 -4.37 -12.16
CA PRO A 53 10.11 -5.07 -13.43
C PRO A 53 11.05 -4.48 -14.47
N PRO A 54 11.35 -5.17 -15.59
CA PRO A 54 12.15 -4.60 -16.67
C PRO A 54 11.48 -3.34 -17.23
N GLY A 55 11.98 -2.20 -16.80
CA GLY A 55 11.41 -0.94 -17.19
C GLY A 55 11.11 -0.10 -15.98
N TRP A 56 11.36 -0.66 -14.80
CA TRP A 56 11.18 0.06 -13.54
C TRP A 56 12.28 -0.29 -12.57
N GLU A 57 12.66 0.68 -11.78
CA GLU A 57 13.76 0.62 -10.84
C GLU A 57 13.21 1.17 -9.51
N TRP A 58 13.79 0.85 -8.38
CA TRP A 58 13.39 1.55 -7.17
C TRP A 58 14.21 2.80 -6.91
N GLU A 59 13.55 3.79 -6.29
CA GLU A 59 14.19 5.05 -5.93
C GLU A 59 14.23 5.12 -4.41
N ASP A 60 13.10 4.72 -3.84
CA ASP A 60 12.87 4.73 -2.40
C ASP A 60 13.55 3.53 -1.73
N ASP A 61 13.77 3.60 -0.43
CA ASP A 61 14.48 2.55 0.32
C ASP A 61 13.61 1.36 0.76
N ALA A 62 12.54 1.59 1.52
CA ALA A 62 11.80 0.48 2.13
C ALA A 62 10.37 0.90 2.42
N TRP A 63 9.43 -0.01 2.24
CA TRP A 63 8.00 0.33 2.36
C TRP A 63 7.66 0.67 3.79
N SER A 64 6.99 1.79 3.97
CA SER A 64 6.61 2.28 5.27
C SER A 64 5.13 2.58 5.24
N TYR A 65 4.53 2.78 6.37
CA TYR A 65 3.09 3.04 6.42
C TYR A 65 2.81 4.45 5.95
N ASP A 66 1.73 4.62 5.24
CA ASP A 66 1.36 5.90 4.69
C ASP A 66 0.35 6.59 5.59
N ILE A 67 0.71 7.76 6.05
CA ILE A 67 -0.13 8.55 6.93
C ILE A 67 -0.57 9.83 6.25
N ASN A 68 -0.55 9.80 4.93
CA ASN A 68 -0.95 10.93 4.10
C ASN A 68 -2.39 10.70 3.66
N ARG A 69 -3.10 9.95 4.49
CA ARG A 69 -4.45 9.47 4.20
C ARG A 69 -5.25 9.53 5.47
N ALA A 70 -6.49 9.09 5.43
CA ALA A 70 -7.31 9.01 6.61
C ALA A 70 -6.97 7.72 7.35
N VAL A 71 -5.93 7.80 8.17
CA VAL A 71 -5.45 6.67 8.94
C VAL A 71 -5.00 7.12 10.34
N ASP A 72 -5.00 6.13 11.24
CA ASP A 72 -4.47 6.26 12.62
C ASP A 72 -3.03 6.79 12.62
N GLU A 73 -2.52 7.14 13.80
CA GLU A 73 -1.17 7.65 13.97
C GLU A 73 -0.12 6.71 13.40
N LYS A 74 -0.39 5.43 13.51
CA LYS A 74 0.55 4.44 13.05
C LYS A 74 0.14 3.95 11.67
N GLY A 75 -0.80 4.67 11.09
CA GLY A 75 -1.32 4.35 9.81
C GLY A 75 -2.15 3.10 9.86
N TRP A 76 -3.39 3.21 10.28
CA TRP A 76 -4.33 2.09 10.30
C TRP A 76 -5.72 2.67 10.05
N GLU A 77 -6.47 2.08 9.14
CA GLU A 77 -7.79 2.59 8.80
C GLU A 77 -8.91 1.69 9.33
N TYR A 78 -10.03 2.37 9.61
CA TYR A 78 -11.25 1.86 10.25
C TYR A 78 -12.05 0.99 9.30
N GLY A 79 -11.84 -0.31 9.37
CA GLY A 79 -12.60 -1.21 8.55
C GLY A 79 -13.53 -2.03 9.38
N ILE A 80 -14.76 -1.65 9.37
CA ILE A 80 -15.79 -2.35 10.08
C ILE A 80 -16.71 -3.03 9.08
N THR A 81 -17.01 -4.28 9.31
CA THR A 81 -17.83 -5.04 8.41
C THR A 81 -19.11 -5.50 9.10
N ILE A 82 -20.19 -4.77 8.90
CA ILE A 82 -21.46 -5.16 9.49
C ILE A 82 -22.16 -6.23 8.64
N PRO A 83 -22.66 -7.27 9.32
CA PRO A 83 -23.27 -8.42 8.65
C PRO A 83 -24.62 -8.13 8.01
N PRO A 84 -24.88 -8.74 6.85
CA PRO A 84 -23.92 -9.60 6.17
C PRO A 84 -23.10 -8.86 5.15
N ASP A 85 -21.87 -9.28 5.08
CA ASP A 85 -20.85 -8.71 4.18
C ASP A 85 -19.51 -9.29 4.58
N HIS A 86 -18.50 -9.12 3.75
CA HIS A 86 -17.19 -9.67 4.00
C HIS A 86 -16.11 -8.70 3.55
N LYS A 87 -16.42 -7.42 3.69
CA LYS A 87 -15.57 -6.33 3.23
C LYS A 87 -15.97 -5.02 3.88
N PRO A 88 -15.05 -4.34 4.54
CA PRO A 88 -15.27 -2.96 4.95
C PRO A 88 -15.42 -2.09 3.72
N LYS A 89 -16.50 -1.35 3.65
CA LYS A 89 -16.78 -0.49 2.52
C LYS A 89 -16.57 0.96 2.92
N SER A 90 -16.03 1.13 4.11
CA SER A 90 -15.80 2.41 4.72
C SER A 90 -14.50 2.35 5.52
N TRP A 91 -13.70 3.39 5.42
CA TRP A 91 -12.44 3.52 6.14
C TRP A 91 -12.38 4.90 6.74
N VAL A 92 -11.86 4.99 7.95
CA VAL A 92 -11.84 6.24 8.70
C VAL A 92 -10.48 6.32 9.40
N ALA A 93 -10.00 7.52 9.68
CA ALA A 93 -8.78 7.69 10.44
C ALA A 93 -9.14 7.49 11.90
N ALA A 94 -8.84 6.31 12.42
CA ALA A 94 -9.28 5.93 13.76
C ALA A 94 -8.87 4.50 14.07
N GLU A 95 -9.34 4.03 15.22
CA GLU A 95 -9.11 2.69 15.71
C GLU A 95 -9.98 2.53 16.95
N LYS A 96 -11.05 1.82 16.74
CA LYS A 96 -12.14 1.67 17.68
C LYS A 96 -12.66 0.24 17.64
N MET A 97 -13.46 -0.06 18.63
CA MET A 97 -13.98 -1.40 18.90
C MET A 97 -14.60 -2.09 17.71
N TYR A 98 -15.48 -1.41 16.97
CA TYR A 98 -16.14 -2.03 15.82
C TYR A 98 -15.20 -2.49 14.71
N HIS A 99 -13.90 -2.27 14.86
CA HIS A 99 -12.94 -2.77 13.87
C HIS A 99 -13.00 -4.28 13.73
N THR A 100 -13.47 -4.70 12.59
CA THR A 100 -13.49 -6.10 12.22
C THR A 100 -12.25 -6.38 11.38
N HIS A 101 -11.86 -5.32 10.71
CA HIS A 101 -10.73 -5.28 9.80
C HIS A 101 -9.98 -3.99 9.99
N ARG A 102 -8.73 -4.00 9.63
CA ARG A 102 -7.96 -2.79 9.58
C ARG A 102 -6.95 -3.00 8.51
N ARG A 103 -6.62 -1.96 7.82
CA ARG A 103 -5.64 -2.06 6.77
C ARG A 103 -4.85 -0.80 6.77
N ARG A 104 -3.78 -0.83 6.06
CA ARG A 104 -2.98 0.36 5.89
C ARG A 104 -2.16 0.22 4.65
N ARG A 105 -1.79 1.34 4.07
CA ARG A 105 -0.97 1.36 2.89
C ARG A 105 0.49 1.41 3.28
N LEU A 106 1.29 0.57 2.67
CA LEU A 106 2.70 0.73 2.73
C LEU A 106 3.06 1.35 1.39
N VAL A 107 3.82 2.40 1.44
CA VAL A 107 4.16 3.16 0.27
C VAL A 107 5.57 2.93 -0.15
N ARG A 108 5.76 2.94 -1.44
CA ARG A 108 7.09 2.98 -1.98
C ARG A 108 7.16 3.48 -3.40
N LYS A 109 7.81 4.62 -3.59
CA LYS A 109 7.89 5.23 -4.90
C LYS A 109 8.91 4.47 -5.76
N ARG A 110 8.60 4.33 -7.03
CA ARG A 110 9.38 3.54 -7.96
C ARG A 110 9.63 4.40 -9.16
N LYS A 111 10.77 4.25 -9.74
CA LYS A 111 11.26 5.15 -10.73
C LYS A 111 11.83 4.39 -11.91
N LYS A 112 11.51 4.80 -13.10
CA LYS A 112 12.02 4.13 -14.31
C LYS A 112 13.38 4.71 -14.61
N ASP A 113 13.54 5.88 -14.02
CA ASP A 113 14.64 6.85 -14.20
C ASP A 113 14.75 7.39 -15.62
N LEU A 114 14.12 6.66 -16.52
CA LEU A 114 14.04 6.85 -17.97
C LEU A 114 15.29 6.30 -18.65
N THR A 115 16.28 5.97 -17.85
CA THR A 115 17.55 5.48 -18.36
C THR A 115 17.52 3.97 -18.55
N GLN A 116 16.41 3.35 -18.17
CA GLN A 116 16.27 1.90 -18.29
C GLN A 116 15.59 1.52 -19.60
N THR A 117 15.37 2.49 -20.46
CA THR A 117 14.71 2.24 -21.72
C THR A 117 15.04 3.37 -22.70
N ALA A 118 14.95 3.09 -23.98
CA ALA A 118 15.14 4.11 -24.99
C ALA A 118 13.85 4.31 -25.76
N SER A 119 13.21 3.22 -26.09
CA SER A 119 11.96 3.25 -26.83
C SER A 119 11.03 2.12 -26.37
N SER A 120 11.59 1.01 -25.91
CA SER A 120 10.79 -0.15 -25.54
C SER A 120 11.49 -0.94 -24.43
N THR A 121 10.94 -2.09 -24.05
CA THR A 121 11.52 -2.92 -23.00
C THR A 121 12.94 -3.37 -23.40
N ALA A 122 13.06 -3.97 -24.58
CA ALA A 122 14.34 -4.47 -25.05
C ALA A 122 15.06 -3.42 -25.88
N ARG A 123 14.51 -2.22 -25.91
CA ARG A 123 15.07 -1.13 -26.68
C ARG A 123 15.26 0.08 -25.77
N ILE A 1 21.24 21.82 -4.32
CA ILE A 1 19.82 21.51 -4.58
C ILE A 1 19.06 21.33 -3.29
N ASP A 2 17.74 21.29 -3.38
CA ASP A 2 16.90 21.07 -2.19
C ASP A 2 16.25 19.68 -2.13
N PRO A 3 15.48 19.29 -3.14
CA PRO A 3 14.78 18.01 -3.17
C PRO A 3 15.73 16.83 -3.33
N PHE A 4 15.26 15.70 -2.85
CA PHE A 4 15.98 14.44 -2.89
C PHE A 4 15.60 13.70 -4.17
N THR A 5 14.33 13.81 -4.52
CA THR A 5 13.86 13.22 -5.74
C THR A 5 13.42 14.35 -6.67
N ALA A 6 14.23 14.61 -7.68
CA ALA A 6 13.98 15.67 -8.62
C ALA A 6 13.94 15.10 -10.02
N ASP A 7 13.00 15.57 -10.82
CA ASP A 7 12.81 15.03 -12.15
C ASP A 7 13.61 15.79 -13.19
N ALA A 8 14.06 15.04 -14.19
CA ALA A 8 14.78 15.57 -15.32
C ALA A 8 14.30 14.82 -16.57
N GLY A 9 13.11 14.28 -16.45
CA GLY A 9 12.56 13.44 -17.49
C GLY A 9 12.65 11.98 -17.09
N HIS A 10 11.91 11.61 -16.08
CA HIS A 10 11.83 10.22 -15.65
C HIS A 10 10.38 9.88 -15.50
N THR A 11 10.09 8.62 -15.50
CA THR A 11 8.85 8.17 -15.00
C THR A 11 9.11 7.61 -13.60
N GLU A 12 8.37 8.09 -12.65
CA GLU A 12 8.38 7.54 -11.31
C GLU A 12 6.92 7.53 -10.89
N PHE A 13 6.55 6.61 -10.06
CA PHE A 13 5.17 6.41 -9.68
C PHE A 13 5.20 5.74 -8.31
N THR A 14 4.33 6.15 -7.43
CA THR A 14 4.26 5.54 -6.12
C THR A 14 3.48 4.23 -6.20
N ASP A 15 4.03 3.18 -5.61
CA ASP A 15 3.38 1.88 -5.60
C ASP A 15 2.96 1.69 -4.16
N GLU A 16 1.98 0.86 -3.89
CA GLU A 16 1.44 0.76 -2.56
C GLU A 16 0.82 -0.61 -2.34
N VAL A 17 0.69 -0.96 -1.08
CA VAL A 17 0.03 -2.21 -0.68
C VAL A 17 -0.65 -1.96 0.66
N TYR A 18 -1.32 -2.95 1.21
CA TYR A 18 -2.05 -2.79 2.45
C TYR A 18 -1.88 -4.02 3.32
N GLN A 19 -1.31 -3.82 4.50
CA GLN A 19 -1.26 -4.85 5.53
C GLN A 19 -2.60 -4.93 6.23
N ASN A 20 -3.19 -6.10 6.21
CA ASN A 20 -4.51 -6.33 6.77
C ASN A 20 -4.48 -7.33 7.92
N GLU A 21 -5.31 -7.06 8.89
CA GLU A 21 -5.53 -7.94 10.04
C GLU A 21 -7.03 -7.99 10.26
N SER A 22 -7.53 -9.09 10.80
CA SER A 22 -8.95 -9.20 11.06
C SER A 22 -9.22 -9.79 12.44
N ARG A 23 -10.31 -9.34 13.03
CA ARG A 23 -10.72 -9.75 14.36
C ARG A 23 -12.22 -9.60 14.45
N TYR A 24 -12.81 -10.26 15.43
CA TYR A 24 -14.22 -10.07 15.72
C TYR A 24 -14.34 -8.66 16.29
N PRO A 25 -15.49 -8.00 16.15
CA PRO A 25 -15.72 -6.70 16.78
C PRO A 25 -15.48 -6.76 18.29
N GLY A 26 -14.31 -6.36 18.72
CA GLY A 26 -13.95 -6.48 20.11
C GLY A 26 -13.20 -7.78 20.28
N GLY A 27 -12.01 -7.86 19.69
CA GLY A 27 -11.28 -9.09 19.73
C GLY A 27 -9.79 -8.90 19.49
N ASP A 28 -9.19 -9.97 19.04
CA ASP A 28 -7.77 -10.05 18.75
C ASP A 28 -7.54 -10.29 17.26
N TRP A 29 -6.65 -9.52 16.65
CA TRP A 29 -6.43 -9.60 15.22
C TRP A 29 -5.54 -10.79 14.88
N LYS A 30 -5.69 -11.27 13.68
CA LYS A 30 -4.87 -12.30 13.08
C LYS A 30 -4.63 -11.80 11.67
N PRO A 31 -3.80 -12.43 10.83
CA PRO A 31 -3.69 -12.02 9.43
C PRO A 31 -5.08 -12.05 8.78
N ALA A 32 -5.48 -10.96 8.12
CA ALA A 32 -6.85 -10.85 7.55
C ALA A 32 -7.09 -11.73 6.32
N GLU A 33 -6.54 -12.96 6.30
CA GLU A 33 -6.76 -13.97 5.26
C GLU A 33 -5.82 -13.72 4.16
N ASP A 34 -5.93 -12.52 3.65
CA ASP A 34 -5.05 -12.10 2.65
C ASP A 34 -4.35 -10.90 3.25
N THR A 35 -3.13 -11.08 3.71
CA THR A 35 -2.43 -10.04 4.44
C THR A 35 -2.17 -8.83 3.57
N TYR A 36 -1.48 -9.01 2.45
CA TYR A 36 -1.21 -7.91 1.55
C TYR A 36 -2.21 -7.92 0.41
N THR A 37 -2.88 -6.80 0.21
CA THR A 37 -3.98 -6.68 -0.73
C THR A 37 -4.01 -5.26 -1.27
N ASP A 38 -4.99 -4.98 -2.13
CA ASP A 38 -5.21 -3.65 -2.64
C ASP A 38 -6.43 -3.08 -1.92
N ALA A 39 -6.84 -1.88 -2.29
CA ALA A 39 -8.04 -1.25 -1.73
C ALA A 39 -9.28 -2.17 -1.83
N ASN A 40 -9.34 -3.01 -2.86
CA ASN A 40 -10.44 -3.92 -3.06
C ASN A 40 -10.30 -5.21 -2.23
N GLY A 41 -9.09 -5.76 -2.16
CA GLY A 41 -8.87 -6.96 -1.35
C GLY A 41 -8.17 -8.03 -2.12
N ASP A 42 -7.93 -7.72 -3.37
CA ASP A 42 -7.15 -8.59 -4.24
C ASP A 42 -5.75 -8.70 -3.70
N LYS A 43 -5.48 -9.86 -3.09
CA LYS A 43 -4.15 -10.19 -2.58
C LYS A 43 -3.14 -9.92 -3.68
N ALA A 44 -2.22 -9.03 -3.39
CA ALA A 44 -1.26 -8.60 -4.37
C ALA A 44 0.15 -8.79 -3.85
N ALA A 45 1.11 -8.29 -4.62
CA ALA A 45 2.50 -8.36 -4.26
C ALA A 45 2.79 -7.63 -2.96
N SER A 46 3.64 -8.23 -2.18
CA SER A 46 4.01 -7.77 -0.89
C SER A 46 5.37 -7.09 -1.02
N PRO A 47 5.80 -6.27 -0.05
CA PRO A 47 7.07 -5.55 -0.13
C PRO A 47 8.28 -6.45 -0.46
N SER A 48 8.33 -7.66 0.07
CA SER A 48 9.40 -8.59 -0.28
C SER A 48 9.11 -9.27 -1.63
N GLU A 49 7.88 -9.76 -1.79
CA GLU A 49 7.45 -10.44 -3.01
C GLU A 49 7.41 -9.50 -4.24
N LEU A 50 7.60 -8.22 -4.04
CA LEU A 50 7.48 -7.27 -5.12
C LEU A 50 8.87 -6.89 -5.58
N THR A 51 9.18 -7.29 -6.79
CA THR A 51 10.48 -7.07 -7.35
C THR A 51 10.39 -5.96 -8.39
N CYS A 52 11.49 -5.29 -8.64
CA CYS A 52 11.51 -4.30 -9.70
C CYS A 52 11.59 -5.00 -11.05
N PRO A 53 10.67 -4.67 -11.95
CA PRO A 53 10.60 -5.25 -13.28
C PRO A 53 11.62 -4.60 -14.23
N PRO A 54 11.90 -5.20 -15.39
CA PRO A 54 12.73 -4.57 -16.41
C PRO A 54 12.11 -3.27 -16.87
N GLY A 55 12.66 -2.17 -16.38
CA GLY A 55 12.14 -0.87 -16.69
C GLY A 55 11.73 -0.13 -15.44
N TRP A 56 11.95 -0.70 -14.27
CA TRP A 56 11.65 -0.03 -13.02
C TRP A 56 12.72 -0.24 -11.97
N GLU A 57 13.03 0.84 -11.29
CA GLU A 57 14.08 0.93 -10.31
C GLU A 57 13.46 1.38 -8.98
N TRP A 58 13.83 0.80 -7.87
CA TRP A 58 13.32 1.28 -6.60
C TRP A 58 14.11 2.50 -6.15
N GLU A 59 13.53 3.69 -6.36
CA GLU A 59 14.17 4.91 -5.91
C GLU A 59 13.99 5.04 -4.40
N ASP A 60 12.87 4.53 -3.91
CA ASP A 60 12.55 4.59 -2.49
C ASP A 60 13.33 3.54 -1.72
N ASP A 61 13.69 3.86 -0.50
CA ASP A 61 14.47 2.99 0.36
C ASP A 61 13.70 1.75 0.85
N ALA A 62 12.47 1.91 1.31
CA ALA A 62 11.72 0.80 1.91
C ALA A 62 10.25 1.14 2.08
N TRP A 63 9.44 0.10 2.13
CA TRP A 63 8.02 0.28 2.26
C TRP A 63 7.71 0.81 3.64
N SER A 64 7.13 1.96 3.69
CA SER A 64 6.86 2.64 4.93
C SER A 64 5.38 2.97 4.98
N TYR A 65 4.76 2.99 6.14
CA TYR A 65 3.33 3.20 6.20
C TYR A 65 3.01 4.64 5.90
N ASP A 66 1.99 4.81 5.08
CA ASP A 66 1.61 6.11 4.55
C ASP A 66 0.66 6.82 5.48
N ILE A 67 1.02 8.03 5.83
CA ILE A 67 0.23 8.85 6.72
C ILE A 67 -0.18 10.15 6.05
N ASN A 68 -0.04 10.16 4.72
CA ASN A 68 -0.33 11.35 3.91
C ASN A 68 -1.79 11.34 3.47
N ARG A 69 -2.61 10.54 4.13
CA ARG A 69 -4.00 10.35 3.77
C ARG A 69 -4.81 10.25 5.05
N ALA A 70 -6.10 9.99 4.94
CA ALA A 70 -6.97 9.84 6.10
C ALA A 70 -6.70 8.51 6.80
N VAL A 71 -5.71 8.52 7.66
CA VAL A 71 -5.28 7.38 8.44
C VAL A 71 -4.90 7.88 9.83
N ASP A 72 -4.33 7.01 10.65
CA ASP A 72 -3.97 7.33 12.03
C ASP A 72 -2.45 7.53 12.05
N GLU A 73 -1.87 7.68 13.23
CA GLU A 73 -0.44 7.92 13.37
C GLU A 73 0.38 6.83 12.74
N LYS A 74 -0.11 5.63 12.84
CA LYS A 74 0.62 4.50 12.34
C LYS A 74 0.00 3.97 11.06
N GLY A 75 -0.96 4.67 10.51
CA GLY A 75 -1.66 4.16 9.37
C GLY A 75 -2.99 3.69 9.90
N TRP A 76 -3.28 2.42 9.71
CA TRP A 76 -4.45 1.74 10.28
C TRP A 76 -5.77 2.44 10.01
N GLU A 77 -6.48 1.94 9.02
CA GLU A 77 -7.74 2.49 8.61
C GLU A 77 -8.89 1.69 9.22
N TYR A 78 -9.96 2.43 9.45
CA TYR A 78 -11.25 1.97 9.97
C TYR A 78 -11.94 1.04 8.99
N GLY A 79 -11.80 -0.24 9.18
CA GLY A 79 -12.53 -1.16 8.34
C GLY A 79 -13.47 -2.03 9.13
N ILE A 80 -14.73 -1.76 9.12
CA ILE A 80 -15.60 -2.62 9.86
C ILE A 80 -16.41 -3.42 8.87
N THR A 81 -16.66 -4.65 9.18
CA THR A 81 -17.43 -5.48 8.30
C THR A 81 -18.39 -6.31 9.13
N ILE A 82 -19.65 -6.28 8.79
CA ILE A 82 -20.67 -7.04 9.52
C ILE A 82 -20.97 -8.31 8.72
N PRO A 83 -20.35 -9.44 9.10
CA PRO A 83 -20.45 -10.68 8.33
C PRO A 83 -21.82 -11.35 8.41
N PRO A 84 -22.30 -11.92 7.28
CA PRO A 84 -21.59 -11.86 6.00
C PRO A 84 -21.84 -10.53 5.31
N ASP A 85 -20.92 -10.17 4.46
CA ASP A 85 -20.96 -8.87 3.81
C ASP A 85 -20.13 -8.92 2.54
N HIS A 86 -19.30 -7.92 2.33
CA HIS A 86 -18.53 -7.77 1.12
C HIS A 86 -17.33 -6.89 1.35
N LYS A 87 -17.51 -5.76 2.03
CA LYS A 87 -16.42 -4.82 2.16
C LYS A 87 -16.79 -3.80 3.21
N PRO A 88 -15.82 -3.31 3.98
CA PRO A 88 -16.05 -2.14 4.81
C PRO A 88 -16.33 -0.94 3.94
N LYS A 89 -17.45 -0.30 4.18
CA LYS A 89 -17.82 0.87 3.38
C LYS A 89 -16.93 2.08 3.70
N SER A 90 -16.94 2.52 4.94
CA SER A 90 -16.18 3.67 5.33
C SER A 90 -14.84 3.27 5.94
N TRP A 91 -13.87 4.17 5.76
CA TRP A 91 -12.53 4.08 6.33
C TRP A 91 -12.15 5.47 6.84
N VAL A 92 -11.40 5.50 7.94
CA VAL A 92 -10.96 6.71 8.63
C VAL A 92 -9.79 6.28 9.50
N ALA A 93 -9.49 6.96 10.57
CA ALA A 93 -8.31 6.64 11.36
C ALA A 93 -8.64 5.90 12.65
N ALA A 94 -9.75 6.26 13.25
CA ALA A 94 -10.10 5.83 14.61
C ALA A 94 -10.24 4.32 14.77
N GLU A 95 -9.27 3.71 15.45
CA GLU A 95 -9.35 2.30 15.83
C GLU A 95 -10.49 2.14 16.82
N LYS A 96 -11.48 1.36 16.44
CA LYS A 96 -12.68 1.22 17.22
C LYS A 96 -12.91 -0.24 17.58
N MET A 97 -13.65 -0.46 18.64
CA MET A 97 -13.98 -1.80 19.10
C MET A 97 -14.66 -2.58 18.01
N TYR A 98 -15.67 -2.01 17.34
CA TYR A 98 -16.34 -2.75 16.27
C TYR A 98 -15.52 -2.84 15.00
N HIS A 99 -14.21 -2.80 15.13
CA HIS A 99 -13.33 -3.01 13.99
C HIS A 99 -13.15 -4.48 13.72
N THR A 100 -13.60 -4.90 12.55
CA THR A 100 -13.49 -6.28 12.12
C THR A 100 -12.20 -6.40 11.31
N HIS A 101 -11.87 -5.30 10.70
CA HIS A 101 -10.73 -5.16 9.81
C HIS A 101 -10.02 -3.85 10.04
N ARG A 102 -8.77 -3.81 9.68
CA ARG A 102 -8.01 -2.59 9.62
C ARG A 102 -6.90 -2.84 8.65
N ARG A 103 -6.44 -1.83 7.97
CA ARG A 103 -5.31 -2.04 7.08
C ARG A 103 -4.48 -0.80 6.96
N ARG A 104 -3.28 -0.94 6.48
CA ARG A 104 -2.44 0.21 6.33
C ARG A 104 -1.61 0.13 5.07
N ARG A 105 -1.42 1.24 4.41
CA ARG A 105 -0.68 1.29 3.21
C ARG A 105 0.81 1.35 3.48
N LEU A 106 1.55 0.48 2.84
CA LEU A 106 2.97 0.63 2.80
C LEU A 106 3.27 1.17 1.43
N VAL A 107 4.10 2.17 1.40
CA VAL A 107 4.42 2.85 0.16
C VAL A 107 5.82 2.59 -0.27
N ARG A 108 5.97 2.39 -1.56
CA ARG A 108 7.29 2.33 -2.15
C ARG A 108 7.29 3.08 -3.47
N LYS A 109 7.95 4.22 -3.53
CA LYS A 109 8.08 4.96 -4.78
C LYS A 109 8.99 4.19 -5.72
N ARG A 110 8.73 4.28 -7.00
CA ARG A 110 9.50 3.54 -7.96
C ARG A 110 9.74 4.40 -9.15
N LYS A 111 10.95 4.49 -9.54
CA LYS A 111 11.34 5.37 -10.59
C LYS A 111 11.99 4.56 -11.67
N LYS A 112 11.63 4.84 -12.88
CA LYS A 112 12.17 4.13 -14.05
C LYS A 112 13.49 4.80 -14.41
N ASP A 113 13.52 6.05 -13.97
CA ASP A 113 14.50 7.08 -14.30
C ASP A 113 14.50 7.41 -15.79
N LEU A 114 13.70 6.64 -16.51
CA LEU A 114 13.51 6.64 -17.96
C LEU A 114 14.70 6.04 -18.70
N THR A 115 15.90 6.22 -18.17
CA THR A 115 17.11 5.76 -18.83
C THR A 115 17.21 4.22 -18.84
N GLN A 116 16.40 3.55 -18.03
CA GLN A 116 16.40 2.10 -18.04
C GLN A 116 15.73 1.56 -19.30
N THR A 117 14.73 2.26 -19.80
CA THR A 117 14.06 1.85 -21.00
C THR A 117 14.65 2.57 -22.20
N ALA A 118 14.95 3.84 -22.04
CA ALA A 118 15.59 4.62 -23.07
C ALA A 118 17.08 4.72 -22.78
N SER A 119 17.79 3.67 -23.11
CA SER A 119 19.21 3.60 -22.88
C SER A 119 19.93 4.09 -24.12
N SER A 120 20.29 5.35 -24.11
CA SER A 120 20.94 5.98 -25.24
C SER A 120 22.45 5.67 -25.29
N THR A 121 23.01 5.81 -26.48
CA THR A 121 24.42 5.58 -26.81
C THR A 121 24.89 4.14 -26.58
N ALA A 122 25.07 3.77 -25.33
CA ALA A 122 25.58 2.45 -24.99
C ALA A 122 24.52 1.63 -24.30
N ARG A 123 24.53 0.33 -24.56
CA ARG A 123 23.58 -0.58 -23.97
C ARG A 123 24.27 -1.39 -22.88
N ILE A 1 27.85 9.24 -9.68
CA ILE A 1 27.17 10.26 -10.48
C ILE A 1 25.99 10.83 -9.70
N ASP A 2 25.59 12.03 -10.03
CA ASP A 2 24.49 12.71 -9.37
C ASP A 2 23.52 13.25 -10.41
N PRO A 3 22.22 13.09 -10.19
CA PRO A 3 21.20 13.60 -11.11
C PRO A 3 21.15 15.11 -11.10
N PHE A 4 21.83 15.71 -12.06
CA PHE A 4 21.86 17.15 -12.20
C PHE A 4 20.54 17.62 -12.76
N THR A 5 19.85 16.69 -13.43
CA THR A 5 18.53 16.93 -13.97
C THR A 5 17.51 17.03 -12.83
N ALA A 6 17.91 16.56 -11.63
CA ALA A 6 17.05 16.52 -10.44
C ALA A 6 15.83 15.65 -10.72
N ASP A 7 14.76 15.81 -9.96
CA ASP A 7 13.56 15.04 -10.23
C ASP A 7 12.86 15.65 -11.44
N ALA A 8 11.85 14.96 -11.95
CA ALA A 8 11.17 15.27 -13.21
C ALA A 8 12.05 14.91 -14.40
N GLY A 9 11.41 14.64 -15.50
CA GLY A 9 12.12 14.18 -16.68
C GLY A 9 12.39 12.72 -16.59
N HIS A 10 11.68 12.13 -15.67
CA HIS A 10 11.72 10.73 -15.46
C HIS A 10 10.30 10.25 -15.59
N THR A 11 9.98 9.34 -14.74
CA THR A 11 8.68 8.83 -14.53
C THR A 11 8.83 8.10 -13.25
N GLU A 12 8.17 8.53 -12.24
CA GLU A 12 8.21 7.86 -10.99
C GLU A 12 6.83 7.91 -10.38
N PHE A 13 6.35 6.80 -9.94
CA PHE A 13 5.03 6.71 -9.39
C PHE A 13 5.13 6.04 -8.02
N THR A 14 4.37 6.51 -7.06
CA THR A 14 4.39 5.89 -5.76
C THR A 14 3.70 4.53 -5.84
N ASP A 15 4.37 3.48 -5.38
CA ASP A 15 3.73 2.19 -5.42
C ASP A 15 3.12 1.99 -4.05
N GLU A 16 2.26 1.03 -3.90
CA GLU A 16 1.53 0.89 -2.66
C GLU A 16 0.95 -0.50 -2.52
N VAL A 17 0.84 -0.95 -1.30
CA VAL A 17 0.25 -2.23 -0.98
C VAL A 17 -0.48 -2.06 0.35
N TYR A 18 -1.18 -3.06 0.78
CA TYR A 18 -1.92 -3.00 2.01
C TYR A 18 -1.69 -4.26 2.78
N GLN A 19 -1.79 -4.13 4.08
CA GLN A 19 -1.63 -5.24 4.97
C GLN A 19 -2.91 -5.31 5.79
N ASN A 20 -3.61 -6.40 5.68
CA ASN A 20 -4.92 -6.56 6.30
C ASN A 20 -4.85 -7.49 7.48
N GLU A 21 -5.59 -7.13 8.49
CA GLU A 21 -5.73 -7.95 9.69
C GLU A 21 -7.19 -7.91 10.05
N SER A 22 -7.63 -8.90 10.79
CA SER A 22 -8.99 -9.00 11.17
C SER A 22 -9.11 -9.57 12.57
N ARG A 23 -10.05 -9.03 13.31
CA ARG A 23 -10.38 -9.44 14.64
C ARG A 23 -11.87 -9.43 14.73
N TYR A 24 -12.40 -10.13 15.69
CA TYR A 24 -13.81 -10.03 15.99
C TYR A 24 -13.99 -8.68 16.66
N PRO A 25 -15.21 -8.13 16.73
CA PRO A 25 -15.43 -6.87 17.44
C PRO A 25 -15.10 -7.01 18.93
N GLY A 26 -13.84 -6.82 19.27
CA GLY A 26 -13.39 -7.07 20.61
C GLY A 26 -12.64 -8.39 20.60
N GLY A 27 -11.46 -8.40 19.99
CA GLY A 27 -10.72 -9.63 19.85
C GLY A 27 -9.27 -9.43 19.50
N ASP A 28 -8.78 -10.29 18.62
CA ASP A 28 -7.36 -10.33 18.26
C ASP A 28 -7.16 -10.28 16.76
N TRP A 29 -6.41 -9.28 16.26
CA TRP A 29 -6.11 -9.18 14.85
C TRP A 29 -5.16 -10.31 14.47
N LYS A 30 -5.46 -10.91 13.36
CA LYS A 30 -4.73 -12.03 12.79
C LYS A 30 -4.82 -11.75 11.29
N PRO A 31 -4.24 -12.54 10.38
CA PRO A 31 -4.41 -12.28 8.94
C PRO A 31 -5.89 -12.22 8.55
N ALA A 32 -6.29 -11.09 7.94
CA ALA A 32 -7.68 -10.89 7.50
C ALA A 32 -8.18 -12.07 6.69
N GLU A 33 -7.38 -12.47 5.71
CA GLU A 33 -7.62 -13.64 4.87
C GLU A 33 -6.54 -13.62 3.79
N ASP A 34 -6.24 -12.43 3.34
CA ASP A 34 -5.17 -12.16 2.41
C ASP A 34 -4.30 -11.16 3.11
N THR A 35 -3.06 -11.54 3.41
CA THR A 35 -2.17 -10.71 4.19
C THR A 35 -1.85 -9.39 3.47
N TYR A 36 -1.27 -9.46 2.29
CA TYR A 36 -0.99 -8.27 1.51
C TYR A 36 -1.90 -8.21 0.29
N THR A 37 -2.45 -7.04 0.04
CA THR A 37 -3.46 -6.86 -0.99
C THR A 37 -3.27 -5.53 -1.68
N ASP A 38 -4.16 -5.29 -2.61
CA ASP A 38 -4.26 -4.03 -3.31
C ASP A 38 -5.40 -3.29 -2.60
N ALA A 39 -5.66 -2.05 -2.95
CA ALA A 39 -6.80 -1.32 -2.42
C ALA A 39 -8.09 -2.11 -2.60
N ASN A 40 -8.18 -2.83 -3.70
CA ASN A 40 -9.37 -3.61 -4.01
C ASN A 40 -9.33 -5.00 -3.37
N GLY A 41 -8.26 -5.33 -2.65
CA GLY A 41 -8.20 -6.61 -1.99
C GLY A 41 -7.47 -7.65 -2.77
N ASP A 42 -7.15 -7.34 -4.02
CA ASP A 42 -6.34 -8.22 -4.86
C ASP A 42 -5.06 -8.60 -4.12
N LYS A 43 -5.06 -9.78 -3.53
CA LYS A 43 -3.91 -10.24 -2.76
C LYS A 43 -2.70 -10.29 -3.66
N ALA A 44 -1.59 -9.85 -3.14
CA ALA A 44 -0.37 -9.75 -3.91
C ALA A 44 0.78 -10.30 -3.10
N ALA A 45 1.96 -10.25 -3.68
CA ALA A 45 3.16 -10.60 -2.98
C ALA A 45 3.45 -9.51 -1.96
N SER A 46 4.13 -9.84 -0.89
CA SER A 46 4.41 -8.88 0.14
C SER A 46 5.54 -7.94 -0.31
N PRO A 47 5.66 -6.72 0.27
CA PRO A 47 6.69 -5.71 -0.11
C PRO A 47 8.12 -6.25 -0.31
N SER A 48 8.51 -7.28 0.42
CA SER A 48 9.84 -7.85 0.27
C SER A 48 9.88 -8.59 -1.07
N GLU A 49 8.85 -9.37 -1.32
CA GLU A 49 8.65 -10.07 -2.57
C GLU A 49 8.44 -9.09 -3.74
N LEU A 50 7.95 -7.90 -3.44
CA LEU A 50 7.70 -6.86 -4.41
C LEU A 50 9.03 -6.28 -4.91
N THR A 51 9.32 -6.56 -6.17
CA THR A 51 10.60 -6.22 -6.77
C THR A 51 10.45 -5.25 -7.92
N CYS A 52 11.57 -4.74 -8.38
CA CYS A 52 11.59 -3.82 -9.49
C CYS A 52 11.58 -4.57 -10.81
N PRO A 53 10.67 -4.20 -11.71
CA PRO A 53 10.57 -4.79 -13.04
C PRO A 53 11.56 -4.14 -14.00
N PRO A 54 11.86 -4.76 -15.14
CA PRO A 54 12.71 -4.15 -16.17
C PRO A 54 12.11 -2.84 -16.65
N GLY A 55 12.70 -1.76 -16.21
CA GLY A 55 12.21 -0.44 -16.56
C GLY A 55 11.83 0.37 -15.33
N TRP A 56 11.96 -0.22 -14.16
CA TRP A 56 11.64 0.47 -12.92
C TRP A 56 12.70 0.22 -11.86
N GLU A 57 13.00 1.26 -11.11
CA GLU A 57 14.00 1.25 -10.07
C GLU A 57 13.31 1.53 -8.76
N TRP A 58 13.82 0.99 -7.70
CA TRP A 58 13.39 1.44 -6.40
C TRP A 58 14.18 2.65 -5.97
N GLU A 59 13.56 3.80 -6.18
CA GLU A 59 14.10 5.09 -5.79
C GLU A 59 14.12 5.15 -4.26
N ASP A 60 13.04 4.65 -3.68
CA ASP A 60 12.84 4.66 -2.25
C ASP A 60 13.52 3.47 -1.56
N ASP A 61 13.77 3.58 -0.26
CA ASP A 61 14.51 2.55 0.51
C ASP A 61 13.70 1.29 0.84
N ALA A 62 12.64 1.42 1.64
CA ALA A 62 11.92 0.25 2.16
C ALA A 62 10.47 0.64 2.46
N TRP A 63 9.54 -0.28 2.24
CA TRP A 63 8.11 0.05 2.36
C TRP A 63 7.78 0.31 3.81
N SER A 64 7.14 1.41 4.07
CA SER A 64 6.75 1.79 5.39
C SER A 64 5.33 2.28 5.26
N TYR A 65 4.73 2.79 6.29
CA TYR A 65 3.34 3.17 6.21
C TYR A 65 3.14 4.50 5.47
N ASP A 66 1.99 4.66 4.86
CA ASP A 66 1.60 5.93 4.24
C ASP A 66 0.86 6.72 5.28
N ILE A 67 1.29 7.93 5.53
CA ILE A 67 0.63 8.80 6.48
C ILE A 67 0.11 10.08 5.84
N ASN A 68 0.23 10.16 4.52
CA ASN A 68 -0.05 11.40 3.81
C ASN A 68 -1.51 11.42 3.32
N ARG A 69 -2.34 10.58 3.90
CA ARG A 69 -3.73 10.44 3.50
C ARG A 69 -4.57 10.29 4.77
N ALA A 70 -5.87 10.07 4.62
CA ALA A 70 -6.74 9.82 5.76
C ALA A 70 -6.53 8.40 6.29
N VAL A 71 -5.42 8.23 6.97
CA VAL A 71 -4.97 6.97 7.54
C VAL A 71 -4.30 7.25 8.87
N ASP A 72 -4.33 6.26 9.75
CA ASP A 72 -3.69 6.33 11.07
C ASP A 72 -2.19 6.64 10.96
N GLU A 73 -1.55 6.91 12.09
CA GLU A 73 -0.11 7.12 12.16
C GLU A 73 0.63 5.92 11.63
N LYS A 74 0.07 4.76 11.84
CA LYS A 74 0.69 3.56 11.36
C LYS A 74 0.11 3.15 10.01
N GLY A 75 -0.75 4.00 9.46
CA GLY A 75 -1.31 3.78 8.14
C GLY A 75 -2.64 3.06 8.20
N TRP A 76 -2.92 2.50 9.37
CA TRP A 76 -4.16 1.77 9.62
C TRP A 76 -5.42 2.53 9.21
N GLU A 77 -6.30 1.82 8.55
CA GLU A 77 -7.55 2.32 8.06
C GLU A 77 -8.68 1.64 8.79
N TYR A 78 -9.73 2.39 8.93
CA TYR A 78 -10.94 2.03 9.64
C TYR A 78 -11.81 1.18 8.72
N GLY A 79 -11.80 -0.12 8.89
CA GLY A 79 -12.71 -0.94 8.12
C GLY A 79 -13.61 -1.77 9.01
N ILE A 80 -14.85 -1.37 9.21
CA ILE A 80 -15.72 -2.17 10.06
C ILE A 80 -16.65 -2.94 9.15
N THR A 81 -17.06 -4.08 9.61
CA THR A 81 -17.99 -4.87 8.88
C THR A 81 -19.15 -5.24 9.79
N ILE A 82 -20.29 -4.58 9.64
CA ILE A 82 -21.47 -4.96 10.39
C ILE A 82 -22.25 -6.06 9.67
N PRO A 83 -22.27 -7.27 10.25
CA PRO A 83 -22.92 -8.42 9.63
C PRO A 83 -24.44 -8.31 9.62
N PRO A 84 -25.10 -8.87 8.58
CA PRO A 84 -24.39 -9.53 7.49
C PRO A 84 -23.90 -8.58 6.44
N ASP A 85 -22.69 -8.87 6.07
CA ASP A 85 -21.87 -8.12 5.12
C ASP A 85 -20.48 -8.66 5.28
N HIS A 86 -19.63 -8.57 4.27
CA HIS A 86 -18.34 -9.19 4.40
C HIS A 86 -17.20 -8.18 4.30
N LYS A 87 -17.31 -7.23 3.41
CA LYS A 87 -16.24 -6.27 3.20
C LYS A 87 -16.56 -4.91 3.80
N PRO A 88 -15.60 -4.34 4.55
CA PRO A 88 -15.68 -2.96 5.02
C PRO A 88 -15.87 -1.99 3.87
N LYS A 89 -16.90 -1.19 3.95
CA LYS A 89 -17.19 -0.23 2.91
C LYS A 89 -16.56 1.11 3.28
N SER A 90 -16.79 1.51 4.51
CA SER A 90 -16.31 2.75 5.05
C SER A 90 -14.88 2.60 5.59
N TRP A 91 -14.04 3.58 5.24
CA TRP A 91 -12.66 3.67 5.71
C TRP A 91 -12.41 5.08 6.21
N VAL A 92 -11.74 5.17 7.33
CA VAL A 92 -11.46 6.42 8.03
C VAL A 92 -10.10 6.18 8.69
N ALA A 93 -9.66 6.97 9.64
CA ALA A 93 -8.39 6.71 10.28
C ALA A 93 -8.55 6.36 11.76
N ALA A 94 -9.78 6.08 12.19
CA ALA A 94 -10.06 5.78 13.59
C ALA A 94 -9.91 4.29 13.93
N GLU A 95 -10.42 3.92 15.11
CA GLU A 95 -10.30 2.60 15.66
C GLU A 95 -11.41 2.40 16.69
N LYS A 96 -12.40 1.62 16.32
CA LYS A 96 -13.51 1.29 17.18
C LYS A 96 -13.44 -0.18 17.53
N MET A 97 -13.95 -0.54 18.69
CA MET A 97 -14.04 -1.95 19.12
C MET A 97 -14.74 -2.79 18.07
N TYR A 98 -15.76 -2.21 17.43
CA TYR A 98 -16.49 -2.87 16.35
C TYR A 98 -15.65 -3.03 15.09
N HIS A 99 -14.35 -2.88 15.20
CA HIS A 99 -13.46 -3.08 14.07
C HIS A 99 -13.21 -4.55 13.85
N THR A 100 -13.66 -5.01 12.71
CA THR A 100 -13.48 -6.37 12.31
C THR A 100 -12.26 -6.46 11.42
N HIS A 101 -11.98 -5.35 10.76
CA HIS A 101 -10.90 -5.25 9.78
C HIS A 101 -10.15 -3.94 9.91
N ARG A 102 -8.92 -3.99 9.49
CA ARG A 102 -8.11 -2.81 9.34
C ARG A 102 -7.04 -3.16 8.33
N ARG A 103 -6.56 -2.18 7.62
CA ARG A 103 -5.46 -2.42 6.70
C ARG A 103 -4.67 -1.17 6.61
N ARG A 104 -3.50 -1.24 6.08
CA ARG A 104 -2.69 -0.07 6.00
C ARG A 104 -1.87 -0.11 4.74
N ARG A 105 -1.60 1.05 4.18
CA ARG A 105 -0.83 1.14 2.98
C ARG A 105 0.63 1.24 3.33
N LEU A 106 1.42 0.32 2.83
CA LEU A 106 2.84 0.46 2.89
C LEU A 106 3.20 0.99 1.51
N VAL A 107 3.90 2.09 1.50
CA VAL A 107 4.20 2.78 0.28
C VAL A 107 5.63 2.60 -0.10
N ARG A 108 5.84 2.65 -1.38
CA ARG A 108 7.19 2.73 -1.89
C ARG A 108 7.26 3.28 -3.29
N LYS A 109 7.78 4.48 -3.43
CA LYS A 109 7.79 5.13 -4.72
C LYS A 109 8.93 4.55 -5.57
N ARG A 110 8.70 4.50 -6.86
CA ARG A 110 9.58 3.82 -7.79
C ARG A 110 9.76 4.70 -8.98
N LYS A 111 10.91 4.66 -9.57
CA LYS A 111 11.26 5.58 -10.61
C LYS A 111 11.80 4.85 -11.83
N LYS A 112 11.36 5.24 -12.99
CA LYS A 112 11.73 4.58 -14.23
C LYS A 112 13.04 5.17 -14.70
N ASP A 113 13.23 6.37 -14.19
CA ASP A 113 14.29 7.31 -14.56
C ASP A 113 14.23 7.62 -16.07
N LEU A 114 13.11 7.19 -16.67
CA LEU A 114 12.78 7.31 -18.10
C LEU A 114 13.67 6.39 -18.95
N THR A 115 14.98 6.50 -18.76
CA THR A 115 15.98 5.81 -19.57
C THR A 115 16.00 4.29 -19.35
N GLN A 116 15.30 3.78 -18.33
CA GLN A 116 15.26 2.33 -18.14
C GLN A 116 14.30 1.69 -19.13
N THR A 117 13.52 2.51 -19.82
CA THR A 117 12.62 2.04 -20.85
C THR A 117 13.00 2.70 -22.16
N ALA A 118 13.01 1.94 -23.23
CA ALA A 118 13.29 2.47 -24.54
C ALA A 118 12.11 2.21 -25.45
N SER A 119 11.78 3.17 -26.29
CA SER A 119 10.67 3.05 -27.21
C SER A 119 11.09 2.15 -28.36
N SER A 120 12.33 2.32 -28.78
CA SER A 120 12.86 1.53 -29.84
C SER A 120 14.31 1.14 -29.52
N THR A 121 14.50 -0.12 -29.29
CA THR A 121 15.81 -0.67 -29.07
C THR A 121 16.36 -1.12 -30.43
N ALA A 122 15.45 -1.52 -31.30
CA ALA A 122 15.79 -1.92 -32.65
C ALA A 122 16.25 -0.72 -33.47
N ARG A 123 15.34 0.21 -33.73
CA ARG A 123 15.68 1.40 -34.51
C ARG A 123 15.79 2.61 -33.60
N ILE A 1 13.37 19.39 -7.14
CA ILE A 1 12.22 20.23 -6.79
C ILE A 1 11.05 19.30 -6.48
N ASP A 2 10.24 19.68 -5.49
CA ASP A 2 9.05 18.92 -5.06
C ASP A 2 9.45 17.74 -4.17
N PRO A 3 9.06 17.77 -2.87
CA PRO A 3 9.35 16.70 -1.90
C PRO A 3 8.34 15.55 -1.96
N PHE A 4 7.73 15.39 -3.12
CA PHE A 4 6.76 14.34 -3.41
C PHE A 4 7.15 13.77 -4.75
N THR A 5 6.22 13.16 -5.46
CA THR A 5 6.48 12.71 -6.81
C THR A 5 6.78 13.91 -7.71
N ALA A 6 8.06 14.14 -7.94
CA ALA A 6 8.51 15.23 -8.76
C ALA A 6 8.33 14.88 -10.22
N ASP A 7 7.14 15.10 -10.72
CA ASP A 7 6.77 14.72 -12.06
C ASP A 7 7.31 15.69 -13.09
N ALA A 8 8.31 15.20 -13.82
CA ALA A 8 9.00 15.98 -14.84
C ALA A 8 9.53 15.03 -15.91
N GLY A 9 8.81 13.95 -16.15
CA GLY A 9 9.18 13.00 -17.18
C GLY A 9 10.18 11.98 -16.71
N HIS A 10 10.22 11.77 -15.42
CA HIS A 10 11.04 10.74 -14.86
C HIS A 10 10.25 9.47 -14.88
N THR A 11 8.95 9.64 -14.73
CA THR A 11 8.02 8.58 -14.50
C THR A 11 8.34 7.93 -13.18
N GLU A 12 7.74 8.41 -12.14
CA GLU A 12 7.88 7.76 -10.88
C GLU A 12 6.48 7.73 -10.26
N PHE A 13 6.04 6.58 -9.82
CA PHE A 13 4.73 6.44 -9.26
C PHE A 13 4.87 5.89 -7.85
N THR A 14 4.08 6.37 -6.93
CA THR A 14 4.10 5.82 -5.59
C THR A 14 3.34 4.50 -5.63
N ASP A 15 4.01 3.43 -5.27
CA ASP A 15 3.42 2.10 -5.37
C ASP A 15 2.95 1.77 -3.97
N GLU A 16 2.01 0.89 -3.80
CA GLU A 16 1.49 0.64 -2.48
C GLU A 16 0.81 -0.72 -2.38
N VAL A 17 0.74 -1.24 -1.16
CA VAL A 17 0.02 -2.48 -0.87
C VAL A 17 -0.58 -2.37 0.53
N TYR A 18 -1.77 -2.88 0.77
CA TYR A 18 -2.34 -2.81 2.11
C TYR A 18 -2.19 -4.12 2.86
N GLN A 19 -1.40 -4.12 3.90
CA GLN A 19 -1.31 -5.25 4.80
C GLN A 19 -2.48 -5.20 5.76
N ASN A 20 -3.11 -6.31 6.02
CA ASN A 20 -4.31 -6.32 6.85
C ASN A 20 -4.39 -7.50 7.81
N GLU A 21 -5.27 -7.33 8.78
CA GLU A 21 -5.57 -8.28 9.83
C GLU A 21 -7.09 -8.32 10.00
N SER A 22 -7.60 -9.36 10.61
CA SER A 22 -9.02 -9.49 10.86
C SER A 22 -9.29 -10.03 12.25
N ARG A 23 -10.40 -9.61 12.84
CA ARG A 23 -10.76 -9.91 14.19
C ARG A 23 -12.26 -9.81 14.37
N TYR A 24 -12.76 -10.41 15.44
CA TYR A 24 -14.15 -10.23 15.85
C TYR A 24 -14.38 -8.74 16.12
N PRO A 25 -15.63 -8.24 16.17
CA PRO A 25 -15.91 -6.83 16.48
C PRO A 25 -15.55 -6.47 17.92
N GLY A 26 -14.27 -6.29 18.16
CA GLY A 26 -13.77 -6.04 19.48
C GLY A 26 -13.09 -7.30 19.98
N GLY A 27 -11.90 -7.58 19.46
CA GLY A 27 -11.21 -8.80 19.81
C GLY A 27 -9.75 -8.77 19.40
N ASP A 28 -9.24 -9.94 19.10
CA ASP A 28 -7.83 -10.11 18.74
C ASP A 28 -7.70 -10.25 17.23
N TRP A 29 -6.81 -9.50 16.61
CA TRP A 29 -6.59 -9.60 15.20
C TRP A 29 -5.64 -10.74 14.96
N LYS A 30 -5.92 -11.49 13.94
CA LYS A 30 -5.04 -12.50 13.45
C LYS A 30 -4.73 -11.99 12.06
N PRO A 31 -3.71 -12.46 11.36
CA PRO A 31 -3.49 -12.01 9.99
C PRO A 31 -4.74 -12.26 9.14
N ALA A 32 -4.98 -11.43 8.14
CA ALA A 32 -6.12 -11.64 7.26
C ALA A 32 -5.96 -12.93 6.43
N GLU A 33 -6.84 -13.13 5.46
CA GLU A 33 -6.74 -14.33 4.63
C GLU A 33 -5.70 -14.06 3.63
N ASP A 34 -5.74 -12.84 3.22
CA ASP A 34 -4.86 -12.36 2.24
C ASP A 34 -4.10 -11.28 2.95
N THR A 35 -2.91 -11.58 3.43
CA THR A 35 -2.17 -10.65 4.27
C THR A 35 -1.87 -9.34 3.52
N TYR A 36 -1.32 -9.45 2.33
CA TYR A 36 -1.12 -8.29 1.50
C TYR A 36 -2.20 -8.24 0.43
N THR A 37 -2.79 -7.07 0.27
CA THR A 37 -3.96 -6.88 -0.58
C THR A 37 -3.89 -5.55 -1.29
N ASP A 38 -4.88 -5.33 -2.12
CA ASP A 38 -5.12 -4.06 -2.77
C ASP A 38 -6.32 -3.48 -2.02
N ALA A 39 -6.67 -2.24 -2.26
CA ALA A 39 -7.88 -1.67 -1.67
C ALA A 39 -9.08 -2.56 -1.94
N ASN A 40 -9.11 -3.17 -3.13
CA ASN A 40 -10.19 -4.07 -3.53
C ASN A 40 -10.11 -5.43 -2.82
N GLY A 41 -9.01 -5.71 -2.13
CA GLY A 41 -8.88 -6.98 -1.44
C GLY A 41 -8.14 -8.00 -2.26
N ASP A 42 -7.88 -7.64 -3.50
CA ASP A 42 -7.09 -8.48 -4.39
C ASP A 42 -5.73 -8.71 -3.79
N LYS A 43 -5.56 -9.92 -3.29
CA LYS A 43 -4.32 -10.37 -2.67
C LYS A 43 -3.13 -10.01 -3.53
N ALA A 44 -2.21 -9.30 -2.93
CA ALA A 44 -1.05 -8.79 -3.61
C ALA A 44 0.20 -9.43 -3.03
N ALA A 45 1.32 -9.23 -3.71
CA ALA A 45 2.60 -9.73 -3.25
C ALA A 45 3.06 -8.91 -2.05
N SER A 46 3.93 -9.47 -1.24
CA SER A 46 4.40 -8.79 -0.07
C SER A 46 5.64 -7.98 -0.46
N PRO A 47 5.90 -6.84 0.20
CA PRO A 47 7.02 -5.92 -0.11
C PRO A 47 8.39 -6.54 -0.40
N SER A 48 8.76 -7.61 0.31
CA SER A 48 10.05 -8.24 0.09
C SER A 48 10.02 -9.05 -1.21
N GLU A 49 8.89 -9.72 -1.39
CA GLU A 49 8.56 -10.45 -2.60
C GLU A 49 8.41 -9.47 -3.79
N LEU A 50 8.02 -8.24 -3.49
CA LEU A 50 7.85 -7.20 -4.48
C LEU A 50 9.21 -6.68 -4.93
N THR A 51 9.45 -6.81 -6.21
CA THR A 51 10.71 -6.43 -6.80
C THR A 51 10.51 -5.43 -7.92
N CYS A 52 11.59 -4.85 -8.39
CA CYS A 52 11.50 -3.93 -9.49
C CYS A 52 11.67 -4.68 -10.81
N PRO A 53 10.88 -4.33 -11.82
CA PRO A 53 11.02 -4.88 -13.17
C PRO A 53 12.16 -4.19 -13.93
N PRO A 54 12.54 -4.68 -15.14
CA PRO A 54 13.60 -4.09 -15.96
C PRO A 54 13.52 -2.56 -16.09
N GLY A 55 12.33 -2.04 -16.30
CA GLY A 55 12.16 -0.63 -16.51
C GLY A 55 11.63 0.10 -15.30
N TRP A 56 11.82 -0.44 -14.11
CA TRP A 56 11.48 0.28 -12.90
C TRP A 56 12.57 0.13 -11.86
N GLU A 57 12.85 1.23 -11.22
CA GLU A 57 13.91 1.40 -10.25
C GLU A 57 13.28 1.78 -8.92
N TRP A 58 13.62 1.13 -7.84
CA TRP A 58 13.13 1.59 -6.55
C TRP A 58 13.89 2.81 -6.09
N GLU A 59 13.33 4.00 -6.30
CA GLU A 59 13.98 5.22 -5.86
C GLU A 59 13.94 5.26 -4.34
N ASP A 60 12.85 4.75 -3.78
CA ASP A 60 12.67 4.73 -2.35
C ASP A 60 13.28 3.49 -1.71
N ASP A 61 13.69 3.65 -0.45
CA ASP A 61 14.49 2.63 0.27
C ASP A 61 13.75 1.33 0.60
N ALA A 62 12.74 1.41 1.45
CA ALA A 62 12.06 0.22 1.97
C ALA A 62 10.64 0.58 2.33
N TRP A 63 9.73 -0.34 2.15
CA TRP A 63 8.30 -0.03 2.26
C TRP A 63 8.00 0.49 3.64
N SER A 64 7.41 1.65 3.66
CA SER A 64 7.12 2.35 4.89
C SER A 64 5.61 2.35 5.03
N TYR A 65 5.05 3.06 5.97
CA TYR A 65 3.60 3.13 6.05
C TYR A 65 3.15 4.50 5.60
N ASP A 66 1.97 4.58 5.03
CA ASP A 66 1.46 5.82 4.45
C ASP A 66 0.77 6.63 5.52
N ILE A 67 1.28 7.83 5.76
CA ILE A 67 0.66 8.77 6.69
C ILE A 67 0.29 10.03 5.95
N ASN A 68 0.31 9.92 4.64
CA ASN A 68 0.02 11.02 3.73
C ASN A 68 -1.47 11.02 3.37
N ARG A 69 -2.26 10.34 4.20
CA ARG A 69 -3.68 10.19 4.03
C ARG A 69 -4.37 10.38 5.37
N ALA A 70 -5.68 10.19 5.37
CA ALA A 70 -6.47 10.16 6.59
C ALA A 70 -6.38 8.76 7.19
N VAL A 71 -5.29 8.54 7.89
CA VAL A 71 -4.94 7.27 8.48
C VAL A 71 -4.46 7.48 9.91
N ASP A 72 -4.45 6.41 10.68
CA ASP A 72 -3.84 6.38 12.02
C ASP A 72 -2.38 6.84 11.94
N GLU A 73 -1.79 7.06 13.10
CA GLU A 73 -0.40 7.45 13.22
C GLU A 73 0.49 6.51 12.46
N LYS A 74 0.08 5.26 12.47
CA LYS A 74 0.88 4.24 11.88
C LYS A 74 0.34 3.80 10.51
N GLY A 75 -0.61 4.57 9.97
CA GLY A 75 -1.15 4.32 8.65
C GLY A 75 -2.37 3.40 8.65
N TRP A 76 -2.59 2.75 9.79
CA TRP A 76 -3.77 1.91 9.98
C TRP A 76 -5.08 2.64 9.63
N GLU A 77 -6.03 1.88 9.13
CA GLU A 77 -7.30 2.43 8.71
C GLU A 77 -8.47 1.57 9.17
N TYR A 78 -9.57 2.29 9.36
CA TYR A 78 -10.83 1.85 9.93
C TYR A 78 -11.70 1.13 8.92
N GLY A 79 -11.60 -0.18 8.87
CA GLY A 79 -12.43 -0.92 7.97
C GLY A 79 -13.32 -1.86 8.71
N ILE A 80 -14.51 -1.43 9.00
CA ILE A 80 -15.38 -2.29 9.74
C ILE A 80 -16.42 -2.86 8.79
N THR A 81 -16.86 -4.07 9.04
CA THR A 81 -17.90 -4.62 8.21
C THR A 81 -18.91 -5.36 9.10
N ILE A 82 -20.19 -5.09 8.88
CA ILE A 82 -21.24 -5.72 9.66
C ILE A 82 -22.06 -6.63 8.75
N PRO A 83 -22.02 -7.94 8.99
CA PRO A 83 -22.74 -8.93 8.17
C PRO A 83 -24.26 -8.73 8.19
N PRO A 84 -24.91 -8.83 7.03
CA PRO A 84 -24.24 -9.15 5.78
C PRO A 84 -23.65 -7.95 5.09
N ASP A 85 -22.47 -8.21 4.60
CA ASP A 85 -21.58 -7.30 3.87
C ASP A 85 -20.23 -7.94 3.95
N HIS A 86 -19.57 -8.15 2.83
CA HIS A 86 -18.38 -8.97 2.82
C HIS A 86 -17.15 -8.17 3.20
N LYS A 87 -17.02 -6.99 2.65
CA LYS A 87 -15.83 -6.19 2.85
C LYS A 87 -16.17 -4.82 3.36
N PRO A 88 -15.35 -4.29 4.28
CA PRO A 88 -15.42 -2.90 4.68
C PRO A 88 -15.42 -1.98 3.48
N LYS A 89 -16.39 -1.11 3.44
CA LYS A 89 -16.58 -0.20 2.33
C LYS A 89 -16.25 1.20 2.79
N SER A 90 -15.59 1.25 3.93
CA SER A 90 -15.26 2.47 4.60
C SER A 90 -13.94 2.28 5.31
N TRP A 91 -13.09 3.31 5.20
CA TRP A 91 -11.80 3.41 5.86
C TRP A 91 -11.66 4.84 6.39
N VAL A 92 -11.19 4.97 7.62
CA VAL A 92 -11.16 6.24 8.35
C VAL A 92 -9.89 6.23 9.20
N ALA A 93 -9.47 7.36 9.75
CA ALA A 93 -8.21 7.46 10.48
C ALA A 93 -8.32 7.02 11.94
N ALA A 94 -9.49 6.64 12.43
CA ALA A 94 -9.63 6.33 13.85
C ALA A 94 -9.91 4.85 14.09
N GLU A 95 -9.04 4.22 14.87
CA GLU A 95 -9.25 2.84 15.27
C GLU A 95 -10.39 2.79 16.29
N LYS A 96 -11.42 2.05 15.98
CA LYS A 96 -12.60 1.93 16.83
C LYS A 96 -12.89 0.49 17.14
N MET A 97 -13.57 0.26 18.25
CA MET A 97 -13.93 -1.09 18.69
C MET A 97 -14.66 -1.87 17.62
N TYR A 98 -15.55 -1.21 16.88
CA TYR A 98 -16.28 -1.85 15.77
C TYR A 98 -15.39 -2.55 14.74
N HIS A 99 -14.09 -2.38 14.84
CA HIS A 99 -13.17 -3.02 13.93
C HIS A 99 -13.31 -4.52 13.91
N THR A 100 -12.90 -5.02 12.77
CA THR A 100 -13.13 -6.37 12.31
C THR A 100 -12.12 -6.62 11.20
N HIS A 101 -11.86 -5.55 10.49
CA HIS A 101 -10.84 -5.52 9.46
C HIS A 101 -10.02 -4.25 9.61
N ARG A 102 -8.75 -4.34 9.41
CA ARG A 102 -7.89 -3.19 9.52
C ARG A 102 -6.73 -3.39 8.64
N ARG A 103 -6.28 -2.35 8.01
CA ARG A 103 -5.15 -2.46 7.12
C ARG A 103 -4.41 -1.18 7.09
N ARG A 104 -3.24 -1.22 6.52
CA ARG A 104 -2.47 -0.02 6.34
C ARG A 104 -1.65 -0.17 5.09
N ARG A 105 -1.36 0.93 4.45
CA ARG A 105 -0.63 0.94 3.23
C ARG A 105 0.86 1.04 3.49
N LEU A 106 1.62 0.15 2.87
CA LEU A 106 3.03 0.27 2.80
C LEU A 106 3.31 0.96 1.50
N VAL A 107 4.02 2.03 1.58
CA VAL A 107 4.29 2.86 0.43
C VAL A 107 5.69 2.66 -0.03
N ARG A 108 5.84 2.56 -1.32
CA ARG A 108 7.16 2.61 -1.92
C ARG A 108 7.15 3.32 -3.24
N LYS A 109 7.71 4.50 -3.29
CA LYS A 109 7.72 5.26 -4.51
C LYS A 109 8.81 4.69 -5.42
N ARG A 110 8.53 4.63 -6.71
CA ARG A 110 9.41 3.96 -7.64
C ARG A 110 9.56 4.84 -8.84
N LYS A 111 10.70 4.87 -9.41
CA LYS A 111 11.02 5.73 -10.50
C LYS A 111 11.56 4.93 -11.66
N LYS A 112 11.15 5.26 -12.86
CA LYS A 112 11.57 4.53 -14.06
C LYS A 112 12.83 5.16 -14.58
N ASP A 113 12.95 6.41 -14.16
CA ASP A 113 13.94 7.39 -14.62
C ASP A 113 13.83 7.53 -16.15
N LEU A 114 12.65 7.13 -16.66
CA LEU A 114 12.27 7.05 -18.08
C LEU A 114 13.19 6.14 -18.94
N THR A 115 14.49 6.20 -18.74
CA THR A 115 15.46 5.54 -19.60
C THR A 115 15.41 4.01 -19.50
N GLN A 116 14.91 3.52 -18.38
CA GLN A 116 14.89 2.08 -18.13
C GLN A 116 14.04 1.29 -19.12
N THR A 117 12.85 1.76 -19.39
CA THR A 117 11.99 1.06 -20.34
C THR A 117 12.45 1.32 -21.77
N ALA A 118 12.80 2.58 -22.04
CA ALA A 118 13.25 2.99 -23.37
C ALA A 118 14.47 2.19 -23.80
N SER A 119 15.41 2.03 -22.89
CA SER A 119 16.61 1.27 -23.19
C SER A 119 16.34 -0.23 -23.12
N SER A 120 15.84 -0.69 -21.97
CA SER A 120 15.72 -2.11 -21.68
C SER A 120 17.10 -2.75 -21.84
N THR A 121 17.95 -2.44 -20.88
CA THR A 121 19.31 -2.89 -20.89
C THR A 121 19.38 -4.30 -20.33
N ALA A 122 18.79 -4.48 -19.17
CA ALA A 122 18.83 -5.74 -18.48
C ALA A 122 17.45 -6.10 -17.97
N ARG A 123 17.26 -7.36 -17.65
CA ARG A 123 16.02 -7.86 -17.11
C ARG A 123 16.34 -8.60 -15.83
N ILE A 1 0.72 17.00 -3.63
CA ILE A 1 2.12 16.67 -3.94
C ILE A 1 2.17 15.63 -5.05
N ASP A 2 2.80 16.01 -6.15
CA ASP A 2 2.91 15.12 -7.29
C ASP A 2 4.23 14.37 -7.22
N PRO A 3 4.27 13.09 -7.65
CA PRO A 3 5.49 12.28 -7.65
C PRO A 3 6.59 12.83 -8.55
N PHE A 4 6.23 13.72 -9.48
CA PHE A 4 7.19 14.34 -10.36
C PHE A 4 7.09 15.85 -10.22
N THR A 5 7.96 16.44 -9.43
CA THR A 5 7.97 17.88 -9.25
C THR A 5 9.36 18.36 -8.81
N ALA A 6 10.01 17.59 -7.96
CA ALA A 6 11.36 17.90 -7.49
C ALA A 6 12.26 16.82 -8.04
N ASP A 7 11.83 16.36 -9.19
CA ASP A 7 12.33 15.20 -9.84
C ASP A 7 12.82 15.58 -11.22
N ALA A 8 14.12 15.74 -11.34
CA ALA A 8 14.73 16.13 -12.60
C ALA A 8 14.79 15.00 -13.61
N GLY A 9 13.85 15.01 -14.53
CA GLY A 9 13.81 14.07 -15.64
C GLY A 9 13.93 12.62 -15.27
N HIS A 10 13.23 12.21 -14.23
CA HIS A 10 13.15 10.81 -13.92
C HIS A 10 11.85 10.35 -14.50
N THR A 11 11.46 9.19 -14.13
CA THR A 11 10.15 8.76 -14.41
C THR A 11 9.81 7.97 -13.21
N GLU A 12 8.82 8.35 -12.52
CA GLU A 12 8.49 7.63 -11.35
C GLU A 12 7.00 7.54 -11.17
N PHE A 13 6.61 6.71 -10.26
CA PHE A 13 5.22 6.46 -9.93
C PHE A 13 5.19 5.92 -8.51
N THR A 14 4.45 6.52 -7.62
CA THR A 14 4.37 5.99 -6.27
C THR A 14 3.46 4.75 -6.27
N ASP A 15 3.98 3.66 -5.74
CA ASP A 15 3.23 2.41 -5.73
C ASP A 15 2.74 2.23 -4.31
N GLU A 16 1.72 1.44 -4.11
CA GLU A 16 1.12 1.31 -2.81
C GLU A 16 0.47 -0.08 -2.72
N VAL A 17 0.51 -0.65 -1.54
CA VAL A 17 -0.09 -1.93 -1.25
C VAL A 17 -0.72 -1.79 0.11
N TYR A 18 -1.46 -2.76 0.56
CA TYR A 18 -2.17 -2.62 1.80
C TYR A 18 -1.96 -3.84 2.65
N GLN A 19 -1.78 -3.59 3.92
CA GLN A 19 -1.49 -4.62 4.88
C GLN A 19 -2.67 -4.71 5.82
N ASN A 20 -3.22 -5.88 5.98
CA ASN A 20 -4.33 -6.04 6.90
C ASN A 20 -4.10 -7.09 7.95
N GLU A 21 -4.57 -6.77 9.14
CA GLU A 21 -4.62 -7.66 10.28
C GLU A 21 -6.09 -7.84 10.56
N SER A 22 -6.48 -8.90 11.23
CA SER A 22 -7.89 -9.16 11.39
C SER A 22 -8.16 -9.66 12.80
N ARG A 23 -9.39 -9.41 13.24
CA ARG A 23 -9.85 -9.78 14.55
C ARG A 23 -11.35 -9.87 14.55
N TYR A 24 -11.89 -10.57 15.53
CA TYR A 24 -13.32 -10.54 15.73
C TYR A 24 -13.60 -9.23 16.44
N PRO A 25 -14.85 -8.74 16.43
CA PRO A 25 -15.20 -7.56 17.22
C PRO A 25 -15.03 -7.83 18.72
N GLY A 26 -13.83 -7.61 19.24
CA GLY A 26 -13.55 -7.90 20.63
C GLY A 26 -12.27 -8.73 20.72
N GLY A 27 -11.68 -8.99 19.56
CA GLY A 27 -10.43 -9.73 19.50
C GLY A 27 -9.28 -8.76 19.33
N ASP A 28 -8.06 -9.24 19.24
CA ASP A 28 -6.92 -8.41 18.90
C ASP A 28 -6.50 -8.78 17.49
N TRP A 29 -5.73 -7.95 16.83
CA TRP A 29 -5.42 -8.15 15.43
C TRP A 29 -4.26 -9.12 15.28
N LYS A 30 -4.38 -10.03 14.32
CA LYS A 30 -3.26 -10.87 13.94
C LYS A 30 -3.20 -10.75 12.43
N PRO A 31 -1.99 -10.65 11.83
CA PRO A 31 -1.85 -10.45 10.38
C PRO A 31 -2.67 -11.43 9.56
N ALA A 32 -3.53 -10.90 8.70
CA ALA A 32 -4.40 -11.68 7.83
C ALA A 32 -3.68 -12.73 7.00
N GLU A 33 -4.42 -13.79 6.69
CA GLU A 33 -3.97 -14.85 5.77
C GLU A 33 -3.63 -14.23 4.46
N ASP A 34 -4.54 -13.38 4.06
CA ASP A 34 -4.33 -12.64 2.88
C ASP A 34 -3.79 -11.31 3.34
N THR A 35 -2.52 -11.32 3.70
CA THR A 35 -1.89 -10.21 4.41
C THR A 35 -1.88 -8.95 3.56
N TYR A 36 -1.58 -9.10 2.27
CA TYR A 36 -1.54 -7.96 1.41
C TYR A 36 -2.70 -7.94 0.42
N THR A 37 -3.25 -6.76 0.26
CA THR A 37 -4.48 -6.49 -0.46
C THR A 37 -4.34 -5.16 -1.15
N ASP A 38 -5.30 -4.80 -1.95
CA ASP A 38 -5.35 -3.50 -2.55
C ASP A 38 -6.41 -2.68 -1.85
N ALA A 39 -6.56 -1.44 -2.27
CA ALA A 39 -7.54 -0.52 -1.70
C ALA A 39 -8.98 -1.09 -1.66
N ASN A 40 -9.31 -2.00 -2.56
CA ASN A 40 -10.64 -2.62 -2.56
C ASN A 40 -10.64 -3.94 -1.77
N GLY A 41 -9.45 -4.45 -1.46
CA GLY A 41 -9.37 -5.70 -0.71
C GLY A 41 -8.93 -6.84 -1.57
N ASP A 42 -8.75 -6.55 -2.85
CA ASP A 42 -8.25 -7.55 -3.78
C ASP A 42 -6.90 -8.02 -3.31
N LYS A 43 -6.90 -9.24 -2.81
CA LYS A 43 -5.69 -9.91 -2.33
C LYS A 43 -4.56 -9.74 -3.33
N ALA A 44 -3.51 -9.12 -2.88
CA ALA A 44 -2.39 -8.81 -3.72
C ALA A 44 -1.14 -9.51 -3.22
N ALA A 45 -0.04 -9.30 -3.92
CA ALA A 45 1.23 -9.87 -3.53
C ALA A 45 1.83 -9.06 -2.40
N SER A 46 2.71 -9.68 -1.63
CA SER A 46 3.39 -9.03 -0.55
C SER A 46 4.48 -8.15 -1.11
N PRO A 47 4.98 -7.17 -0.34
CA PRO A 47 6.09 -6.30 -0.76
C PRO A 47 7.37 -7.09 -1.04
N SER A 48 7.44 -8.31 -0.53
CA SER A 48 8.53 -9.21 -0.81
C SER A 48 8.36 -9.72 -2.24
N GLU A 49 7.14 -10.17 -2.52
CA GLU A 49 6.75 -10.65 -3.84
C GLU A 49 6.78 -9.55 -4.89
N LEU A 50 6.38 -8.34 -4.50
CA LEU A 50 6.32 -7.21 -5.41
C LEU A 50 7.71 -6.86 -5.92
N THR A 51 7.92 -7.11 -7.20
CA THR A 51 9.21 -6.90 -7.79
C THR A 51 9.20 -5.67 -8.69
N CYS A 52 10.37 -5.22 -9.04
CA CYS A 52 10.53 -4.17 -10.01
C CYS A 52 10.85 -4.81 -11.35
N PRO A 53 10.10 -4.43 -12.40
CA PRO A 53 10.34 -4.92 -13.75
C PRO A 53 11.62 -4.32 -14.32
N PRO A 54 12.13 -4.82 -15.46
CA PRO A 54 13.38 -4.32 -16.08
C PRO A 54 13.49 -2.80 -16.16
N GLY A 55 12.37 -2.10 -16.39
CA GLY A 55 12.44 -0.67 -16.54
C GLY A 55 12.01 0.08 -15.30
N TRP A 56 11.80 -0.63 -14.20
CA TRP A 56 11.41 0.01 -12.96
C TRP A 56 12.38 -0.34 -11.84
N GLU A 57 12.78 0.68 -11.13
CA GLU A 57 13.80 0.66 -10.08
C GLU A 57 13.21 1.25 -8.79
N TRP A 58 13.17 0.49 -7.71
CA TRP A 58 12.58 0.99 -6.47
C TRP A 58 13.45 2.07 -5.81
N GLU A 59 13.03 3.34 -5.93
CA GLU A 59 13.81 4.43 -5.36
C GLU A 59 13.75 4.42 -3.82
N ASP A 60 12.58 4.10 -3.26
CA ASP A 60 12.41 4.13 -1.79
C ASP A 60 13.01 2.92 -1.14
N ASP A 61 13.41 3.10 0.10
CA ASP A 61 13.91 2.02 0.93
C ASP A 61 12.73 1.39 1.64
N ALA A 62 12.38 0.19 1.19
CA ALA A 62 11.25 -0.58 1.70
C ALA A 62 9.90 0.15 1.61
N TRP A 63 8.89 -0.62 1.92
CA TRP A 63 7.54 -0.11 1.95
C TRP A 63 7.25 0.38 3.36
N SER A 64 6.85 1.62 3.45
CA SER A 64 6.62 2.26 4.73
C SER A 64 5.19 2.78 4.73
N TYR A 65 4.58 2.96 5.86
CA TYR A 65 3.17 3.36 5.88
C TYR A 65 3.01 4.81 5.50
N ASP A 66 1.92 5.10 4.80
CA ASP A 66 1.66 6.42 4.25
C ASP A 66 0.64 7.15 5.09
N ILE A 67 1.01 8.34 5.50
CA ILE A 67 0.16 9.18 6.32
C ILE A 67 -0.23 10.45 5.57
N ASN A 68 -0.24 10.37 4.24
CA ASN A 68 -0.57 11.52 3.40
C ASN A 68 -1.94 11.24 2.77
N ARG A 69 -2.71 10.46 3.50
CA ARG A 69 -4.03 10.05 3.11
C ARG A 69 -4.85 10.08 4.39
N ALA A 70 -6.12 9.71 4.35
CA ALA A 70 -6.92 9.73 5.56
C ALA A 70 -6.80 8.40 6.28
N VAL A 71 -5.73 8.29 7.03
CA VAL A 71 -5.41 7.09 7.77
C VAL A 71 -5.13 7.46 9.23
N ASP A 72 -4.67 6.50 10.00
CA ASP A 72 -4.31 6.73 11.40
C ASP A 72 -2.82 7.06 11.46
N GLU A 73 -2.30 7.28 12.65
CA GLU A 73 -0.89 7.59 12.88
C GLU A 73 0.01 6.54 12.33
N LYS A 74 -0.46 5.32 12.37
CA LYS A 74 0.32 4.25 11.88
C LYS A 74 -0.25 3.70 10.57
N GLY A 75 -1.10 4.51 9.96
CA GLY A 75 -1.68 4.17 8.68
C GLY A 75 -2.94 3.33 8.78
N TRP A 76 -3.08 2.63 9.90
CA TRP A 76 -4.22 1.73 10.11
C TRP A 76 -5.56 2.44 9.97
N GLU A 77 -6.28 2.11 8.94
CA GLU A 77 -7.55 2.67 8.63
C GLU A 77 -8.67 1.77 9.12
N TYR A 78 -9.79 2.43 9.30
CA TYR A 78 -11.04 1.93 9.86
C TYR A 78 -11.68 0.84 9.00
N GLY A 79 -11.48 -0.41 9.37
CA GLY A 79 -12.19 -1.47 8.68
C GLY A 79 -13.05 -2.29 9.62
N ILE A 80 -14.35 -2.24 9.43
CA ILE A 80 -15.25 -3.07 10.20
C ILE A 80 -15.97 -3.94 9.19
N THR A 81 -16.40 -5.10 9.57
CA THR A 81 -17.18 -5.90 8.69
C THR A 81 -18.41 -6.46 9.40
N ILE A 82 -19.51 -5.76 9.21
CA ILE A 82 -20.78 -6.11 9.79
C ILE A 82 -21.61 -6.88 8.77
N PRO A 83 -21.90 -8.16 9.06
CA PRO A 83 -22.67 -9.02 8.16
C PRO A 83 -24.08 -8.48 7.89
N PRO A 84 -24.55 -8.64 6.64
CA PRO A 84 -23.78 -9.28 5.60
C PRO A 84 -22.92 -8.33 4.78
N ASP A 85 -21.77 -8.86 4.48
CA ASP A 85 -20.71 -8.25 3.65
C ASP A 85 -19.42 -8.96 3.99
N HIS A 86 -18.40 -8.78 3.18
CA HIS A 86 -17.09 -9.33 3.47
C HIS A 86 -16.13 -8.18 3.63
N LYS A 87 -16.39 -7.12 2.88
CA LYS A 87 -15.49 -6.02 2.78
C LYS A 87 -15.95 -4.79 3.54
N PRO A 88 -15.04 -4.18 4.29
CA PRO A 88 -15.24 -2.85 4.86
C PRO A 88 -15.31 -1.82 3.75
N LYS A 89 -16.36 -1.04 3.74
CA LYS A 89 -16.54 -0.05 2.67
C LYS A 89 -15.78 1.21 3.02
N SER A 90 -16.13 1.72 4.17
CA SER A 90 -15.65 2.98 4.67
C SER A 90 -14.34 2.82 5.45
N TRP A 91 -13.40 3.73 5.19
CA TRP A 91 -12.09 3.77 5.85
C TRP A 91 -11.81 5.21 6.26
N VAL A 92 -11.29 5.39 7.47
CA VAL A 92 -11.01 6.71 8.08
C VAL A 92 -10.06 6.48 9.24
N ALA A 93 -9.79 7.50 10.02
CA ALA A 93 -8.96 7.33 11.21
C ALA A 93 -9.88 7.18 12.41
N ALA A 94 -10.10 5.94 12.81
CA ALA A 94 -11.02 5.66 13.90
C ALA A 94 -10.84 4.24 14.40
N GLU A 95 -11.43 3.95 15.54
CA GLU A 95 -11.38 2.66 16.14
C GLU A 95 -12.66 2.41 16.91
N LYS A 96 -13.52 1.65 16.29
CA LYS A 96 -14.75 1.19 16.86
C LYS A 96 -14.70 -0.31 16.90
N MET A 97 -15.12 -0.88 18.02
CA MET A 97 -15.09 -2.33 18.29
C MET A 97 -15.58 -3.23 17.16
N TYR A 98 -16.39 -2.69 16.26
CA TYR A 98 -16.86 -3.46 15.12
C TYR A 98 -15.71 -3.77 14.17
N HIS A 99 -14.55 -3.15 14.43
CA HIS A 99 -13.32 -3.36 13.69
C HIS A 99 -12.98 -4.83 13.55
N THR A 100 -13.15 -5.31 12.35
CA THR A 100 -12.87 -6.69 12.01
C THR A 100 -11.54 -6.73 11.24
N HIS A 101 -11.18 -5.60 10.68
CA HIS A 101 -10.03 -5.49 9.76
C HIS A 101 -9.29 -4.15 9.89
N ARG A 102 -8.01 -4.23 10.17
CA ARG A 102 -7.12 -3.08 10.12
C ARG A 102 -6.37 -3.15 8.82
N ARG A 103 -6.23 -2.06 8.12
CA ARG A 103 -5.48 -2.08 6.87
C ARG A 103 -4.67 -0.81 6.82
N ARG A 104 -3.67 -0.76 5.99
CA ARG A 104 -2.92 0.47 5.81
C ARG A 104 -2.18 0.43 4.52
N ARG A 105 -1.82 1.58 4.02
CA ARG A 105 -1.06 1.70 2.83
C ARG A 105 0.42 1.69 3.15
N LEU A 106 1.12 0.73 2.60
CA LEU A 106 2.56 0.76 2.61
C LEU A 106 2.95 1.19 1.22
N VAL A 107 3.75 2.20 1.13
CA VAL A 107 4.11 2.77 -0.14
C VAL A 107 5.54 2.50 -0.47
N ARG A 108 5.77 2.45 -1.75
CA ARG A 108 7.11 2.43 -2.28
C ARG A 108 7.11 3.10 -3.63
N LYS A 109 7.73 4.25 -3.68
CA LYS A 109 7.83 5.01 -4.89
C LYS A 109 8.77 4.24 -5.81
N ARG A 110 8.43 4.17 -7.08
CA ARG A 110 9.20 3.36 -8.00
C ARG A 110 9.63 4.32 -9.05
N LYS A 111 10.74 4.08 -9.65
CA LYS A 111 11.38 5.03 -10.48
C LYS A 111 12.05 4.35 -11.66
N LYS A 112 11.83 4.86 -12.83
CA LYS A 112 12.44 4.27 -14.05
C LYS A 112 13.80 4.92 -14.24
N ASP A 113 13.84 6.10 -13.68
CA ASP A 113 14.87 7.13 -13.84
C ASP A 113 15.17 7.43 -15.32
N LEU A 114 14.33 6.88 -16.19
CA LEU A 114 14.39 7.01 -17.65
C LEU A 114 15.71 6.46 -18.22
N THR A 115 16.44 5.72 -17.40
CA THR A 115 17.75 5.26 -17.80
C THR A 115 17.79 3.76 -17.65
N GLN A 116 16.64 3.21 -17.34
CA GLN A 116 16.55 1.79 -17.12
C GLN A 116 15.74 1.13 -18.22
N THR A 117 16.23 -0.01 -18.67
CA THR A 117 15.70 -0.76 -19.82
C THR A 117 14.19 -1.01 -19.81
N ALA A 118 13.50 -0.13 -20.50
CA ALA A 118 12.09 -0.34 -20.78
C ALA A 118 12.02 -0.85 -22.21
N SER A 119 12.89 -0.30 -23.02
CA SER A 119 13.01 -0.68 -24.40
C SER A 119 14.15 -1.68 -24.53
N SER A 120 13.85 -2.94 -24.28
CA SER A 120 14.83 -4.00 -24.39
C SER A 120 14.99 -4.38 -25.86
N THR A 121 14.07 -3.88 -26.67
CA THR A 121 14.09 -4.07 -28.10
C THR A 121 15.36 -3.47 -28.70
N ALA A 122 16.07 -4.26 -29.48
CA ALA A 122 17.30 -3.81 -30.09
C ALA A 122 17.03 -2.85 -31.25
N ARG A 123 16.89 -1.59 -30.92
CA ARG A 123 16.72 -0.54 -31.90
C ARG A 123 17.72 0.56 -31.59
N ILE A 1 16.69 16.46 -5.59
CA ILE A 1 15.41 17.01 -6.04
C ILE A 1 15.29 18.48 -5.67
N ASP A 2 14.19 19.08 -6.07
CA ASP A 2 13.89 20.47 -5.76
C ASP A 2 12.45 20.55 -5.28
N PRO A 3 12.12 21.49 -4.36
CA PRO A 3 10.74 21.71 -3.88
C PRO A 3 9.68 21.69 -4.99
N PHE A 4 9.98 22.28 -6.14
CA PHE A 4 9.05 22.25 -7.25
C PHE A 4 9.51 21.27 -8.31
N THR A 5 10.82 21.25 -8.57
CA THR A 5 11.37 20.31 -9.53
C THR A 5 11.63 18.96 -8.84
N ALA A 6 10.56 18.23 -8.62
CA ALA A 6 10.62 16.92 -8.01
C ALA A 6 10.98 15.91 -9.07
N ASP A 7 10.62 16.24 -10.29
CA ASP A 7 10.90 15.39 -11.43
C ASP A 7 11.54 16.19 -12.54
N ALA A 8 12.47 15.57 -13.22
CA ALA A 8 13.16 16.17 -14.34
C ALA A 8 13.06 15.26 -15.55
N GLY A 9 12.14 14.30 -15.46
CA GLY A 9 11.95 13.34 -16.52
C GLY A 9 12.48 12.00 -16.11
N HIS A 10 12.00 11.50 -14.99
CA HIS A 10 12.40 10.18 -14.53
C HIS A 10 11.33 9.16 -14.77
N THR A 11 10.07 9.59 -14.70
CA THR A 11 8.93 8.70 -14.63
C THR A 11 9.05 7.87 -13.39
N GLU A 12 8.58 8.40 -12.32
CA GLU A 12 8.60 7.70 -11.09
C GLU A 12 7.17 7.24 -10.85
N PHE A 13 6.97 6.35 -9.93
CA PHE A 13 5.65 5.82 -9.65
C PHE A 13 5.55 5.46 -8.18
N THR A 14 4.59 6.02 -7.47
CA THR A 14 4.36 5.60 -6.10
C THR A 14 3.66 4.26 -6.13
N ASP A 15 4.33 3.24 -5.65
CA ASP A 15 3.74 1.93 -5.61
C ASP A 15 3.11 1.80 -4.23
N GLU A 16 2.21 0.87 -4.03
CA GLU A 16 1.44 0.82 -2.79
C GLU A 16 0.83 -0.56 -2.60
N VAL A 17 0.72 -0.99 -1.35
CA VAL A 17 -0.01 -2.22 -1.03
C VAL A 17 -0.49 -2.21 0.41
N TYR A 18 -1.76 -2.47 0.58
CA TYR A 18 -2.40 -2.40 1.87
C TYR A 18 -2.36 -3.73 2.62
N GLN A 19 -1.63 -3.74 3.71
CA GLN A 19 -1.62 -4.87 4.64
C GLN A 19 -2.86 -4.80 5.54
N ASN A 20 -3.59 -5.89 5.61
CA ASN A 20 -4.83 -5.97 6.39
C ASN A 20 -4.67 -7.03 7.49
N GLU A 21 -5.32 -6.77 8.61
CA GLU A 21 -5.46 -7.72 9.71
C GLU A 21 -6.94 -7.77 10.04
N SER A 22 -7.36 -8.68 10.91
CA SER A 22 -8.75 -8.84 11.18
C SER A 22 -8.96 -9.38 12.60
N ARG A 23 -9.94 -8.79 13.27
CA ARG A 23 -10.36 -9.19 14.59
C ARG A 23 -11.87 -9.18 14.61
N TYR A 24 -12.47 -9.87 15.54
CA TYR A 24 -13.90 -9.75 15.73
C TYR A 24 -14.10 -8.49 16.57
N PRO A 25 -15.32 -7.97 16.69
CA PRO A 25 -15.58 -6.91 17.64
C PRO A 25 -15.47 -7.45 19.05
N GLY A 26 -14.26 -7.46 19.57
CA GLY A 26 -13.98 -8.07 20.84
C GLY A 26 -12.77 -9.01 20.72
N GLY A 27 -12.08 -8.98 19.57
CA GLY A 27 -10.93 -9.84 19.40
C GLY A 27 -9.71 -8.98 19.19
N ASP A 28 -8.54 -9.56 18.98
CA ASP A 28 -7.37 -8.76 18.62
C ASP A 28 -7.02 -9.13 17.19
N TRP A 29 -6.31 -8.27 16.48
CA TRP A 29 -6.03 -8.50 15.10
C TRP A 29 -5.11 -9.68 14.92
N LYS A 30 -5.41 -10.47 13.92
CA LYS A 30 -4.63 -11.59 13.49
C LYS A 30 -4.50 -11.32 11.99
N PRO A 31 -3.84 -12.10 11.15
CA PRO A 31 -3.81 -11.81 9.72
C PRO A 31 -5.21 -11.84 9.12
N ALA A 32 -5.45 -10.95 8.16
CA ALA A 32 -6.72 -10.92 7.44
C ALA A 32 -6.90 -12.18 6.59
N GLU A 33 -7.90 -12.16 5.73
CA GLU A 33 -8.19 -13.31 4.91
C GLU A 33 -7.42 -13.15 3.61
N ASP A 34 -7.33 -11.90 3.20
CA ASP A 34 -6.46 -11.48 2.13
C ASP A 34 -5.60 -10.41 2.73
N THR A 35 -4.39 -10.77 3.12
CA THR A 35 -3.54 -9.84 3.84
C THR A 35 -3.07 -8.68 2.98
N TYR A 36 -2.37 -8.94 1.90
CA TYR A 36 -1.93 -7.85 1.06
C TYR A 36 -2.91 -7.64 -0.08
N THR A 37 -3.35 -6.41 -0.24
CA THR A 37 -4.47 -6.06 -1.11
C THR A 37 -4.31 -4.66 -1.70
N ASP A 38 -5.30 -4.28 -2.46
CA ASP A 38 -5.43 -2.95 -3.01
C ASP A 38 -6.57 -2.33 -2.23
N ALA A 39 -6.79 -1.03 -2.35
CA ALA A 39 -7.94 -0.39 -1.70
C ALA A 39 -9.25 -1.13 -2.06
N ASN A 40 -9.30 -1.70 -3.26
CA ASN A 40 -10.46 -2.47 -3.71
C ASN A 40 -10.52 -3.88 -3.12
N GLY A 41 -9.47 -4.32 -2.43
CA GLY A 41 -9.49 -5.65 -1.83
C GLY A 41 -8.86 -6.68 -2.71
N ASP A 42 -8.48 -6.26 -3.91
CA ASP A 42 -7.78 -7.14 -4.84
C ASP A 42 -6.45 -7.56 -4.23
N LYS A 43 -6.44 -8.79 -3.73
CA LYS A 43 -5.27 -9.41 -3.13
C LYS A 43 -4.08 -9.26 -4.08
N ALA A 44 -3.04 -8.66 -3.58
CA ALA A 44 -1.86 -8.42 -4.38
C ALA A 44 -0.66 -9.13 -3.78
N ALA A 45 0.50 -8.87 -4.34
CA ALA A 45 1.72 -9.45 -3.82
C ALA A 45 2.16 -8.67 -2.60
N SER A 46 2.88 -9.31 -1.69
CA SER A 46 3.37 -8.65 -0.52
C SER A 46 4.60 -7.83 -0.92
N PRO A 47 4.98 -6.79 -0.17
CA PRO A 47 6.14 -5.93 -0.48
C PRO A 47 7.44 -6.69 -0.80
N SER A 48 7.61 -7.91 -0.30
CA SER A 48 8.79 -8.70 -0.60
C SER A 48 8.63 -9.34 -1.99
N GLU A 49 7.42 -9.86 -2.23
CA GLU A 49 7.04 -10.43 -3.54
C GLU A 49 7.05 -9.34 -4.61
N LEU A 50 6.72 -8.14 -4.18
CA LEU A 50 6.74 -6.96 -5.02
C LEU A 50 8.18 -6.64 -5.33
N THR A 51 8.50 -6.67 -6.61
CA THR A 51 9.86 -6.57 -7.06
C THR A 51 10.02 -5.46 -8.08
N CYS A 52 11.20 -5.33 -8.65
CA CYS A 52 11.43 -4.35 -9.66
C CYS A 52 11.62 -5.02 -11.01
N PRO A 53 10.82 -4.62 -12.01
CA PRO A 53 10.98 -5.08 -13.39
C PRO A 53 12.15 -4.35 -14.08
N PRO A 54 12.53 -4.75 -15.31
CA PRO A 54 13.65 -4.17 -16.08
C PRO A 54 13.77 -2.65 -16.02
N GLY A 55 12.69 -1.93 -16.23
CA GLY A 55 12.77 -0.49 -16.28
C GLY A 55 12.29 0.18 -15.00
N TRP A 56 12.13 -0.57 -13.93
CA TRP A 56 11.68 0.06 -12.69
C TRP A 56 12.69 -0.12 -11.59
N GLU A 57 13.13 0.99 -11.08
CA GLU A 57 14.19 1.15 -10.11
C GLU A 57 13.61 1.59 -8.77
N TRP A 58 13.93 0.90 -7.71
CA TRP A 58 13.52 1.34 -6.40
C TRP A 58 14.26 2.58 -5.94
N GLU A 59 13.55 3.68 -5.94
CA GLU A 59 14.05 4.92 -5.39
C GLU A 59 14.07 4.77 -3.87
N ASP A 60 12.95 4.28 -3.35
CA ASP A 60 12.79 4.10 -1.94
C ASP A 60 13.31 2.77 -1.45
N ASP A 61 13.57 2.68 -0.15
CA ASP A 61 14.31 1.56 0.41
C ASP A 61 13.44 0.39 0.89
N ALA A 62 12.45 0.65 1.73
CA ALA A 62 11.67 -0.41 2.35
C ALA A 62 10.25 0.09 2.57
N TRP A 63 9.27 -0.73 2.20
CA TRP A 63 7.87 -0.29 2.21
C TRP A 63 7.46 0.06 3.61
N SER A 64 7.00 1.27 3.79
CA SER A 64 6.64 1.76 5.10
C SER A 64 5.18 2.21 5.06
N TYR A 65 4.49 2.24 6.18
CA TYR A 65 3.10 2.66 6.15
C TYR A 65 3.01 4.17 5.93
N ASP A 66 2.02 4.55 5.15
CA ASP A 66 1.89 5.91 4.66
C ASP A 66 1.03 6.75 5.60
N ILE A 67 1.54 7.90 5.95
CA ILE A 67 0.88 8.82 6.85
C ILE A 67 0.51 10.12 6.15
N ASN A 68 0.56 10.11 4.84
CA ASN A 68 0.30 11.29 4.02
C ASN A 68 -1.16 11.26 3.54
N ARG A 69 -1.97 10.42 4.17
CA ARG A 69 -3.36 10.19 3.78
C ARG A 69 -4.18 10.08 5.05
N ALA A 70 -5.49 9.87 4.91
CA ALA A 70 -6.37 9.75 6.06
C ALA A 70 -6.22 8.38 6.70
N VAL A 71 -5.26 8.28 7.58
CA VAL A 71 -4.99 7.07 8.32
C VAL A 71 -4.98 7.38 9.81
N ASP A 72 -4.73 6.36 10.61
CA ASP A 72 -4.64 6.51 12.06
C ASP A 72 -3.32 7.22 12.37
N GLU A 73 -3.04 7.50 13.64
CA GLU A 73 -1.83 8.21 13.99
C GLU A 73 -0.59 7.41 13.68
N LYS A 74 -0.75 6.11 13.69
CA LYS A 74 0.33 5.24 13.34
C LYS A 74 0.31 5.07 11.83
N GLY A 75 -0.83 4.61 11.36
CA GLY A 75 -1.07 4.44 9.95
C GLY A 75 -1.84 3.17 9.69
N TRP A 76 -3.12 3.21 10.04
CA TRP A 76 -4.05 2.11 9.85
C TRP A 76 -5.39 2.73 9.56
N GLU A 77 -6.17 2.19 8.65
CA GLU A 77 -7.46 2.74 8.32
C GLU A 77 -8.55 1.96 9.03
N TYR A 78 -9.69 2.64 9.11
CA TYR A 78 -10.91 2.25 9.79
C TYR A 78 -11.72 1.36 8.87
N GLY A 79 -11.65 0.06 9.07
CA GLY A 79 -12.49 -0.80 8.29
C GLY A 79 -13.37 -1.62 9.18
N ILE A 80 -14.65 -1.50 9.01
CA ILE A 80 -15.53 -2.32 9.79
C ILE A 80 -16.49 -3.05 8.88
N THR A 81 -16.80 -4.27 9.22
CA THR A 81 -17.68 -5.10 8.47
C THR A 81 -18.43 -5.96 9.48
N ILE A 82 -19.61 -6.44 9.15
CA ILE A 82 -20.31 -7.32 10.06
C ILE A 82 -20.49 -8.70 9.46
N PRO A 83 -19.74 -9.68 9.99
CA PRO A 83 -19.78 -11.05 9.48
C PRO A 83 -21.11 -11.75 9.78
N PRO A 84 -21.65 -12.47 8.80
CA PRO A 84 -21.06 -12.59 7.48
C PRO A 84 -21.50 -11.48 6.54
N ASP A 85 -20.61 -11.17 5.65
CA ASP A 85 -20.79 -10.16 4.63
C ASP A 85 -19.72 -10.36 3.57
N HIS A 86 -18.55 -9.76 3.80
CA HIS A 86 -17.38 -10.00 2.98
C HIS A 86 -16.22 -9.20 3.53
N LYS A 87 -16.17 -7.92 3.20
CA LYS A 87 -15.11 -7.06 3.72
C LYS A 87 -15.70 -5.69 3.97
N PRO A 88 -15.02 -4.87 4.80
CA PRO A 88 -15.34 -3.46 4.96
C PRO A 88 -15.24 -2.73 3.63
N LYS A 89 -16.13 -1.79 3.45
CA LYS A 89 -16.21 -1.03 2.22
C LYS A 89 -15.48 0.26 2.48
N SER A 90 -15.87 0.82 3.61
CA SER A 90 -15.44 2.11 4.03
C SER A 90 -14.15 2.04 4.85
N TRP A 91 -13.29 3.01 4.59
CA TRP A 91 -12.03 3.18 5.30
C TRP A 91 -11.92 4.67 5.61
N VAL A 92 -11.58 4.97 6.84
CA VAL A 92 -11.62 6.32 7.38
C VAL A 92 -10.41 6.45 8.30
N ALA A 93 -10.08 7.62 8.78
CA ALA A 93 -9.03 7.73 9.77
C ALA A 93 -9.67 7.64 11.15
N ALA A 94 -9.63 6.44 11.75
CA ALA A 94 -10.27 6.18 13.04
C ALA A 94 -9.98 4.75 13.48
N GLU A 95 -10.45 4.39 14.67
CA GLU A 95 -10.24 3.07 15.23
C GLU A 95 -11.12 2.90 16.46
N LYS A 96 -12.12 2.06 16.32
CA LYS A 96 -13.11 1.76 17.34
C LYS A 96 -13.08 0.27 17.62
N MET A 97 -13.42 -0.11 18.83
CA MET A 97 -13.41 -1.52 19.26
C MET A 97 -14.21 -2.42 18.34
N TYR A 98 -15.32 -1.89 17.82
CA TYR A 98 -16.21 -2.64 16.94
C TYR A 98 -15.60 -2.82 15.55
N HIS A 99 -14.30 -2.56 15.44
CA HIS A 99 -13.56 -2.87 14.26
C HIS A 99 -13.55 -4.37 14.02
N THR A 100 -12.95 -4.72 12.93
CA THR A 100 -13.04 -6.06 12.39
C THR A 100 -11.94 -6.24 11.36
N HIS A 101 -11.58 -5.15 10.72
CA HIS A 101 -10.51 -5.12 9.75
C HIS A 101 -9.80 -3.78 9.82
N ARG A 102 -8.57 -3.76 9.40
CA ARG A 102 -7.80 -2.53 9.34
C ARG A 102 -6.77 -2.75 8.29
N ARG A 103 -6.32 -1.71 7.66
CA ARG A 103 -5.29 -1.91 6.65
C ARG A 103 -4.45 -0.68 6.55
N ARG A 104 -3.33 -0.79 5.92
CA ARG A 104 -2.48 0.36 5.78
C ARG A 104 -1.71 0.27 4.51
N ARG A 105 -1.46 1.40 3.88
CA ARG A 105 -0.74 1.42 2.66
C ARG A 105 0.74 1.44 2.97
N LEU A 106 1.42 0.40 2.61
CA LEU A 106 2.84 0.44 2.61
C LEU A 106 3.18 1.04 1.27
N VAL A 107 3.91 2.11 1.30
CA VAL A 107 4.24 2.83 0.10
C VAL A 107 5.63 2.51 -0.29
N ARG A 108 5.85 2.55 -1.56
CA ARG A 108 7.22 2.55 -2.05
C ARG A 108 7.31 3.23 -3.39
N LYS A 109 7.95 4.39 -3.39
CA LYS A 109 8.04 5.17 -4.59
C LYS A 109 9.24 4.64 -5.39
N ARG A 110 9.14 4.66 -6.69
CA ARG A 110 10.10 4.02 -7.56
C ARG A 110 10.24 4.95 -8.72
N LYS A 111 11.04 4.62 -9.68
CA LYS A 111 11.21 5.46 -10.86
C LYS A 111 11.85 4.67 -11.94
N LYS A 112 11.62 5.09 -13.14
CA LYS A 112 12.04 4.35 -14.31
C LYS A 112 13.41 4.80 -14.75
N ASP A 113 13.80 5.91 -14.15
CA ASP A 113 15.05 6.62 -14.47
C ASP A 113 15.03 7.04 -15.95
N LEU A 114 13.79 7.06 -16.48
CA LEU A 114 13.45 7.39 -17.86
C LEU A 114 14.03 6.45 -18.93
N THR A 115 15.19 5.85 -18.70
CA THR A 115 15.85 5.16 -19.78
C THR A 115 16.39 3.83 -19.29
N GLN A 116 15.83 3.35 -18.19
CA GLN A 116 16.28 2.09 -17.63
C GLN A 116 15.74 0.91 -18.44
N THR A 117 14.68 1.18 -19.18
CA THR A 117 14.08 0.18 -20.01
C THR A 117 14.85 0.13 -21.33
N ALA A 118 15.58 -0.96 -21.55
CA ALA A 118 16.37 -1.14 -22.75
C ALA A 118 15.49 -1.04 -24.00
N SER A 119 15.82 -0.11 -24.87
CA SER A 119 15.06 0.08 -26.09
C SER A 119 15.72 -0.69 -27.23
N SER A 120 17.04 -0.76 -27.17
CA SER A 120 17.80 -1.51 -28.15
C SER A 120 18.48 -2.68 -27.48
N THR A 121 18.28 -3.86 -28.03
CA THR A 121 18.90 -5.06 -27.52
C THR A 121 19.81 -5.63 -28.60
N ALA A 122 21.11 -5.52 -28.40
CA ALA A 122 22.08 -6.00 -29.35
C ALA A 122 22.62 -7.36 -28.91
N ARG A 123 23.40 -7.99 -29.75
CA ARG A 123 23.99 -9.27 -29.42
C ARG A 123 25.46 -9.06 -29.12
N ILE A 1 4.87 21.77 -0.83
CA ILE A 1 6.09 21.11 -0.34
C ILE A 1 7.26 21.47 -1.22
N ASP A 2 8.46 21.25 -0.74
CA ASP A 2 9.64 21.49 -1.53
C ASP A 2 10.04 20.18 -2.19
N PRO A 3 10.74 20.24 -3.34
CA PRO A 3 11.21 19.04 -4.05
C PRO A 3 12.20 18.25 -3.22
N PHE A 4 11.69 17.26 -2.53
CA PHE A 4 12.48 16.40 -1.65
C PHE A 4 13.53 15.63 -2.43
N THR A 5 13.14 15.16 -3.60
CA THR A 5 13.98 14.29 -4.39
C THR A 5 14.64 15.06 -5.54
N ALA A 6 14.19 16.30 -5.72
CA ALA A 6 14.58 17.14 -6.86
C ALA A 6 14.01 16.54 -8.14
N ASP A 7 13.06 17.21 -8.72
CA ASP A 7 12.34 16.65 -9.84
C ASP A 7 12.99 17.04 -11.15
N ALA A 8 13.72 16.08 -11.68
CA ALA A 8 14.30 16.14 -13.00
C ALA A 8 13.42 15.27 -13.87
N GLY A 9 13.96 14.67 -14.91
CA GLY A 9 13.17 13.82 -15.78
C GLY A 9 12.92 12.46 -15.17
N HIS A 10 11.97 12.37 -14.26
CA HIS A 10 11.63 11.08 -13.71
C HIS A 10 10.16 10.85 -13.81
N THR A 11 9.83 9.70 -14.28
CA THR A 11 8.53 9.17 -14.07
C THR A 11 8.65 8.36 -12.80
N GLU A 12 8.01 8.77 -11.75
CA GLU A 12 8.05 7.98 -10.55
C GLU A 12 6.62 7.78 -10.08
N PHE A 13 6.22 6.56 -9.81
CA PHE A 13 4.88 6.27 -9.39
C PHE A 13 4.97 5.60 -8.04
N THR A 14 4.14 6.00 -7.11
CA THR A 14 4.13 5.36 -5.82
C THR A 14 3.54 3.98 -5.95
N ASP A 15 4.28 2.97 -5.54
CA ASP A 15 3.77 1.62 -5.64
C ASP A 15 3.25 1.30 -4.25
N GLU A 16 2.34 0.39 -4.13
CA GLU A 16 1.67 0.18 -2.88
C GLU A 16 1.15 -1.25 -2.79
N VAL A 17 0.91 -1.67 -1.57
CA VAL A 17 0.23 -2.92 -1.30
C VAL A 17 -0.33 -2.87 0.09
N TYR A 18 -1.57 -3.21 0.20
CA TYR A 18 -2.25 -3.16 1.46
C TYR A 18 -1.95 -4.38 2.28
N GLN A 19 -1.98 -4.15 3.56
CA GLN A 19 -1.71 -5.17 4.52
C GLN A 19 -2.91 -5.15 5.43
N ASN A 20 -3.52 -6.29 5.59
CA ASN A 20 -4.71 -6.38 6.42
C ASN A 20 -4.53 -7.42 7.50
N GLU A 21 -5.13 -7.10 8.62
CA GLU A 21 -5.13 -7.91 9.82
C GLU A 21 -6.54 -7.83 10.37
N SER A 22 -6.97 -8.82 11.11
CA SER A 22 -8.34 -8.91 11.52
C SER A 22 -8.46 -9.30 12.98
N ARG A 23 -9.51 -8.81 13.59
CA ARG A 23 -9.84 -9.03 14.98
C ARG A 23 -11.34 -9.08 15.12
N TYR A 24 -11.84 -9.63 16.20
CA TYR A 24 -13.27 -9.53 16.49
C TYR A 24 -13.52 -8.05 16.77
N PRO A 25 -14.75 -7.54 16.66
CA PRO A 25 -15.03 -6.15 17.07
C PRO A 25 -14.75 -5.98 18.57
N GLY A 26 -13.49 -5.70 18.89
CA GLY A 26 -13.06 -5.64 20.26
C GLY A 26 -12.15 -6.84 20.49
N GLY A 27 -10.94 -6.79 19.95
CA GLY A 27 -10.10 -7.96 19.98
C GLY A 27 -8.65 -7.69 19.63
N ASP A 28 -8.05 -8.66 18.96
CA ASP A 28 -6.61 -8.65 18.67
C ASP A 28 -6.36 -8.90 17.19
N TRP A 29 -5.65 -8.00 16.50
CA TRP A 29 -5.40 -8.15 15.09
C TRP A 29 -4.38 -9.23 14.90
N LYS A 30 -4.63 -10.07 13.95
CA LYS A 30 -3.76 -11.18 13.62
C LYS A 30 -3.86 -11.23 12.12
N PRO A 31 -2.95 -11.89 11.39
CA PRO A 31 -2.98 -11.90 9.92
C PRO A 31 -4.36 -12.21 9.34
N ALA A 32 -4.70 -11.44 8.32
CA ALA A 32 -5.94 -11.67 7.58
C ALA A 32 -5.89 -13.02 6.86
N GLU A 33 -6.88 -13.27 6.05
CA GLU A 33 -6.98 -14.53 5.33
C GLU A 33 -6.12 -14.40 4.09
N ASP A 34 -6.14 -13.21 3.53
CA ASP A 34 -5.24 -12.82 2.45
C ASP A 34 -4.51 -11.60 2.95
N THR A 35 -3.30 -11.79 3.47
CA THR A 35 -2.56 -10.74 4.18
C THR A 35 -2.26 -9.53 3.29
N TYR A 36 -1.72 -9.76 2.11
CA TYR A 36 -1.48 -8.67 1.19
C TYR A 36 -2.52 -8.61 0.09
N THR A 37 -3.10 -7.45 -0.03
CA THR A 37 -4.21 -7.19 -0.93
C THR A 37 -4.00 -5.89 -1.68
N ASP A 38 -4.78 -5.73 -2.71
CA ASP A 38 -4.84 -4.50 -3.45
C ASP A 38 -5.95 -3.69 -2.78
N ALA A 39 -6.11 -2.42 -3.11
CA ALA A 39 -7.17 -1.58 -2.50
C ALA A 39 -8.56 -2.23 -2.59
N ASN A 40 -8.78 -3.03 -3.62
CA ASN A 40 -10.06 -3.69 -3.81
C ASN A 40 -10.07 -5.11 -3.25
N GLY A 41 -9.05 -5.47 -2.46
CA GLY A 41 -8.98 -6.80 -1.90
C GLY A 41 -8.67 -7.82 -2.92
N ASP A 42 -7.67 -7.56 -3.70
CA ASP A 42 -7.26 -8.50 -4.69
C ASP A 42 -5.97 -9.05 -4.14
N LYS A 43 -6.02 -10.29 -3.72
CA LYS A 43 -4.85 -10.98 -3.17
C LYS A 43 -3.61 -10.74 -4.04
N ALA A 44 -2.65 -10.04 -3.45
CA ALA A 44 -1.45 -9.65 -4.15
C ALA A 44 -0.24 -10.27 -3.47
N ALA A 45 0.92 -10.06 -4.06
CA ALA A 45 2.16 -10.54 -3.50
C ALA A 45 2.63 -9.59 -2.41
N SER A 46 3.48 -10.06 -1.53
CA SER A 46 3.93 -9.26 -0.44
C SER A 46 5.13 -8.44 -0.91
N PRO A 47 5.44 -7.32 -0.22
CA PRO A 47 6.57 -6.43 -0.55
C PRO A 47 7.91 -7.12 -0.83
N SER A 48 8.13 -8.31 -0.27
CA SER A 48 9.36 -9.06 -0.52
C SER A 48 9.33 -9.62 -1.96
N GLU A 49 8.23 -10.25 -2.32
CA GLU A 49 8.05 -10.76 -3.69
C GLU A 49 7.99 -9.60 -4.68
N LEU A 50 7.44 -8.48 -4.22
CA LEU A 50 7.34 -7.29 -5.03
C LEU A 50 8.74 -6.76 -5.34
N THR A 51 9.11 -6.87 -6.59
CA THR A 51 10.45 -6.54 -7.04
C THR A 51 10.39 -5.60 -8.22
N CYS A 52 11.52 -5.18 -8.77
CA CYS A 52 11.49 -4.21 -9.85
C CYS A 52 11.53 -4.88 -11.21
N PRO A 53 10.70 -4.39 -12.14
CA PRO A 53 10.67 -4.88 -13.51
C PRO A 53 11.72 -4.17 -14.35
N PRO A 54 12.01 -4.67 -15.58
CA PRO A 54 12.94 -4.00 -16.47
C PRO A 54 12.36 -2.66 -16.93
N GLY A 55 12.86 -1.59 -16.36
CA GLY A 55 12.36 -0.28 -16.66
C GLY A 55 11.92 0.46 -15.42
N TRP A 56 12.02 -0.19 -14.27
CA TRP A 56 11.62 0.44 -13.04
C TRP A 56 12.65 0.22 -11.95
N GLU A 57 12.98 1.32 -11.33
CA GLU A 57 14.08 1.48 -10.40
C GLU A 57 13.51 1.88 -9.03
N TRP A 58 13.94 1.23 -7.96
CA TRP A 58 13.47 1.61 -6.63
C TRP A 58 14.30 2.76 -6.06
N GLU A 59 13.70 3.47 -5.13
CA GLU A 59 14.34 4.62 -4.51
C GLU A 59 14.03 4.65 -3.02
N ASP A 60 12.81 4.26 -2.68
CA ASP A 60 12.37 4.20 -1.29
C ASP A 60 13.13 3.12 -0.56
N ASP A 61 13.40 3.34 0.70
CA ASP A 61 14.17 2.39 1.51
C ASP A 61 13.43 1.07 1.74
N ALA A 62 12.15 1.16 2.06
CA ALA A 62 11.36 -0.02 2.39
C ALA A 62 9.91 0.36 2.40
N TRP A 63 9.07 -0.64 2.45
CA TRP A 63 7.65 -0.41 2.45
C TRP A 63 7.27 0.20 3.77
N SER A 64 6.75 1.39 3.68
CA SER A 64 6.44 2.20 4.84
C SER A 64 4.93 2.24 4.88
N TYR A 65 4.29 3.16 5.55
CA TYR A 65 2.84 3.19 5.52
C TYR A 65 2.37 4.51 4.95
N ASP A 66 1.20 4.51 4.35
CA ASP A 66 0.68 5.67 3.65
C ASP A 66 0.03 6.63 4.60
N ILE A 67 0.63 7.79 4.71
CA ILE A 67 0.11 8.87 5.51
C ILE A 67 -0.44 9.95 4.59
N ASN A 68 -0.55 11.20 5.07
CA ASN A 68 -1.23 12.27 4.30
C ASN A 68 -2.60 11.75 3.84
N ARG A 69 -3.28 11.09 4.75
CA ARG A 69 -4.52 10.39 4.46
C ARG A 69 -5.30 10.35 5.76
N ALA A 70 -6.47 9.75 5.74
CA ALA A 70 -7.27 9.59 6.94
C ALA A 70 -6.84 8.29 7.61
N VAL A 71 -5.64 8.32 8.14
CA VAL A 71 -5.02 7.14 8.70
C VAL A 71 -4.62 7.30 10.15
N ASP A 72 -4.64 6.17 10.83
CA ASP A 72 -4.09 5.99 12.16
C ASP A 72 -2.61 6.40 12.20
N GLU A 73 -2.06 6.44 13.41
CA GLU A 73 -0.66 6.78 13.64
C GLU A 73 0.25 5.95 12.81
N LYS A 74 -0.15 4.73 12.59
CA LYS A 74 0.70 3.83 11.89
C LYS A 74 0.23 3.56 10.46
N GLY A 75 -0.66 4.41 9.93
CA GLY A 75 -1.06 4.32 8.52
C GLY A 75 -2.31 3.49 8.32
N TRP A 76 -2.69 2.83 9.38
CA TRP A 76 -3.89 2.00 9.41
C TRP A 76 -5.19 2.78 9.13
N GLU A 77 -6.18 2.06 8.61
CA GLU A 77 -7.49 2.62 8.27
C GLU A 77 -8.64 1.70 8.68
N TYR A 78 -9.77 2.36 8.93
CA TYR A 78 -11.03 1.77 9.39
C TYR A 78 -11.60 0.78 8.35
N GLY A 79 -11.40 -0.51 8.54
CA GLY A 79 -12.07 -1.45 7.66
C GLY A 79 -13.01 -2.34 8.41
N ILE A 80 -14.19 -1.86 8.62
CA ILE A 80 -15.15 -2.60 9.41
C ILE A 80 -16.00 -3.47 8.50
N THR A 81 -16.16 -4.71 8.84
CA THR A 81 -16.92 -5.63 8.04
C THR A 81 -17.91 -6.39 8.93
N ILE A 82 -19.18 -6.09 8.75
CA ILE A 82 -20.23 -6.71 9.54
C ILE A 82 -21.15 -7.51 8.63
N PRO A 83 -21.26 -8.83 8.85
CA PRO A 83 -22.13 -9.70 8.08
C PRO A 83 -23.60 -9.26 8.17
N PRO A 84 -24.35 -9.42 7.07
CA PRO A 84 -23.84 -9.96 5.83
C PRO A 84 -23.32 -8.89 4.90
N ASP A 85 -22.11 -9.16 4.52
CA ASP A 85 -21.24 -8.33 3.68
C ASP A 85 -19.83 -8.77 4.00
N HIS A 86 -18.96 -8.82 3.02
CA HIS A 86 -17.58 -9.18 3.29
C HIS A 86 -16.69 -8.10 2.73
N LYS A 87 -17.14 -6.89 2.96
CA LYS A 87 -16.47 -5.70 2.52
C LYS A 87 -16.57 -4.69 3.64
N PRO A 88 -15.49 -3.93 3.92
CA PRO A 88 -15.56 -2.77 4.79
C PRO A 88 -16.58 -1.74 4.33
N LYS A 89 -16.82 -0.76 5.18
CA LYS A 89 -17.88 0.22 4.95
C LYS A 89 -17.31 1.60 4.64
N SER A 90 -16.35 2.01 5.44
CA SER A 90 -15.79 3.34 5.34
C SER A 90 -14.44 3.32 6.02
N TRP A 91 -13.53 4.12 5.53
CA TRP A 91 -12.14 4.14 5.99
C TRP A 91 -11.92 5.49 6.66
N VAL A 92 -11.49 5.43 7.90
CA VAL A 92 -11.44 6.57 8.80
C VAL A 92 -10.18 6.39 9.64
N ALA A 93 -9.72 7.46 10.27
CA ALA A 93 -8.48 7.43 11.03
C ALA A 93 -8.75 7.15 12.51
N ALA A 94 -10.02 7.00 12.87
CA ALA A 94 -10.37 6.82 14.26
C ALA A 94 -10.65 5.37 14.59
N GLU A 95 -9.82 4.81 15.45
CA GLU A 95 -9.99 3.45 15.89
C GLU A 95 -11.20 3.31 16.79
N LYS A 96 -12.15 2.57 16.29
CA LYS A 96 -13.38 2.27 16.99
C LYS A 96 -13.50 0.79 17.15
N MET A 97 -14.11 0.37 18.23
CA MET A 97 -14.27 -1.03 18.56
C MET A 97 -14.85 -1.83 17.43
N TYR A 98 -15.79 -1.24 16.69
CA TYR A 98 -16.43 -1.89 15.54
C TYR A 98 -15.43 -2.41 14.49
N HIS A 99 -14.18 -2.00 14.59
CA HIS A 99 -13.13 -2.48 13.70
C HIS A 99 -12.99 -4.00 13.76
N THR A 100 -13.40 -4.64 12.69
CA THR A 100 -13.29 -6.06 12.52
C THR A 100 -12.04 -6.37 11.68
N HIS A 101 -11.76 -5.45 10.82
CA HIS A 101 -10.65 -5.55 9.87
C HIS A 101 -9.93 -4.23 9.83
N ARG A 102 -8.68 -4.24 9.45
CA ARG A 102 -7.92 -3.04 9.33
C ARG A 102 -6.84 -3.27 8.30
N ARG A 103 -6.61 -2.27 7.47
CA ARG A 103 -5.63 -2.33 6.38
C ARG A 103 -4.83 -1.09 6.41
N ARG A 104 -3.75 -1.11 5.70
CA ARG A 104 -2.99 0.09 5.44
C ARG A 104 -2.20 -0.10 4.18
N ARG A 105 -1.89 0.97 3.49
CA ARG A 105 -1.07 0.88 2.33
C ARG A 105 0.38 0.95 2.76
N LEU A 106 1.14 -0.06 2.44
CA LEU A 106 2.55 0.00 2.60
C LEU A 106 3.06 0.61 1.30
N VAL A 107 3.87 1.62 1.43
CA VAL A 107 4.29 2.39 0.29
C VAL A 107 5.72 2.14 -0.07
N ARG A 108 5.92 1.97 -1.34
CA ARG A 108 7.26 1.92 -1.89
C ARG A 108 7.20 2.63 -3.23
N LYS A 109 7.57 3.87 -3.27
CA LYS A 109 7.54 4.61 -4.52
C LYS A 109 8.71 4.15 -5.39
N ARG A 110 8.55 4.27 -6.70
CA ARG A 110 9.49 3.73 -7.66
C ARG A 110 9.56 4.73 -8.76
N LYS A 111 10.53 4.61 -9.63
CA LYS A 111 10.72 5.55 -10.70
C LYS A 111 11.45 4.93 -11.84
N LYS A 112 11.20 5.44 -12.99
CA LYS A 112 11.80 4.92 -14.22
C LYS A 112 13.08 5.69 -14.44
N ASP A 113 13.06 6.84 -13.80
CA ASP A 113 14.03 7.94 -13.95
C ASP A 113 14.29 8.23 -15.44
N LEU A 114 13.26 7.91 -16.25
CA LEU A 114 13.20 8.12 -17.69
C LEU A 114 14.12 7.18 -18.49
N THR A 115 15.37 7.05 -18.08
CA THR A 115 16.38 6.35 -18.88
C THR A 115 16.48 4.83 -18.57
N GLN A 116 15.50 4.28 -17.89
CA GLN A 116 15.47 2.84 -17.63
C GLN A 116 14.23 2.22 -18.24
N THR A 117 14.42 1.38 -19.23
CA THR A 117 13.34 0.63 -19.85
C THR A 117 13.80 -0.80 -20.09
N ALA A 118 12.94 -1.62 -20.65
CA ALA A 118 13.26 -2.99 -20.98
C ALA A 118 13.77 -3.07 -22.40
N SER A 119 13.14 -2.28 -23.27
CA SER A 119 13.47 -2.28 -24.68
C SER A 119 14.74 -1.48 -24.99
N SER A 120 14.95 -0.36 -24.33
CA SER A 120 16.15 0.43 -24.59
C SER A 120 17.33 -0.07 -23.76
N THR A 121 18.00 -1.06 -24.31
CA THR A 121 19.21 -1.58 -23.75
C THR A 121 20.36 -0.70 -24.22
N ALA A 122 20.30 -0.37 -25.50
CA ALA A 122 21.26 0.52 -26.12
C ALA A 122 20.54 1.56 -26.97
N ARG A 123 19.47 1.14 -27.61
CA ARG A 123 18.69 2.03 -28.46
C ARG A 123 17.22 2.01 -28.06
N ILE A 1 3.18 24.73 -3.13
CA ILE A 1 3.44 24.67 -4.57
C ILE A 1 4.77 24.00 -4.89
N ASP A 2 5.62 23.81 -3.87
CA ASP A 2 6.87 23.09 -4.06
C ASP A 2 6.70 21.65 -3.63
N PRO A 3 6.65 20.71 -4.58
CA PRO A 3 6.45 19.30 -4.28
C PRO A 3 7.77 18.52 -4.27
N PHE A 4 7.66 17.23 -4.03
CA PHE A 4 8.81 16.35 -4.10
C PHE A 4 8.80 15.65 -5.44
N THR A 5 7.61 15.59 -6.02
CA THR A 5 7.43 15.04 -7.35
C THR A 5 7.86 16.11 -8.36
N ALA A 6 9.15 16.16 -8.61
CA ALA A 6 9.75 17.09 -9.54
C ALA A 6 10.85 16.37 -10.27
N ASP A 7 10.90 16.52 -11.58
CA ASP A 7 11.85 15.77 -12.37
C ASP A 7 12.47 16.63 -13.44
N ALA A 8 13.70 16.29 -13.79
CA ALA A 8 14.37 16.87 -14.94
C ALA A 8 14.07 15.99 -16.13
N GLY A 9 13.93 14.71 -15.84
CA GLY A 9 13.53 13.73 -16.83
C GLY A 9 13.42 12.34 -16.26
N HIS A 10 12.76 12.20 -15.11
CA HIS A 10 12.52 10.87 -14.59
C HIS A 10 11.05 10.66 -14.53
N THR A 11 10.61 9.49 -14.86
CA THR A 11 9.27 9.11 -14.49
C THR A 11 9.39 8.38 -13.16
N GLU A 12 8.70 8.85 -12.15
CA GLU A 12 8.59 8.13 -10.93
C GLU A 12 7.15 8.25 -10.44
N PHE A 13 6.57 7.18 -9.95
CA PHE A 13 5.21 7.16 -9.47
C PHE A 13 5.19 6.38 -8.15
N THR A 14 4.44 6.81 -7.17
CA THR A 14 4.35 6.09 -5.90
C THR A 14 3.57 4.77 -6.03
N ASP A 15 4.14 3.67 -5.56
CA ASP A 15 3.47 2.38 -5.60
C ASP A 15 2.91 2.15 -4.20
N GLU A 16 1.94 1.28 -4.06
CA GLU A 16 1.24 1.15 -2.81
C GLU A 16 0.55 -0.22 -2.70
N VAL A 17 0.51 -0.75 -1.51
CA VAL A 17 -0.14 -2.02 -1.21
C VAL A 17 -0.84 -1.87 0.13
N TYR A 18 -1.63 -2.84 0.51
CA TYR A 18 -2.39 -2.76 1.73
C TYR A 18 -2.14 -3.99 2.56
N GLN A 19 -2.09 -3.79 3.86
CA GLN A 19 -1.88 -4.87 4.79
C GLN A 19 -3.10 -5.00 5.69
N ASN A 20 -3.73 -6.12 5.62
CA ASN A 20 -4.93 -6.44 6.38
C ASN A 20 -4.60 -7.21 7.63
N GLU A 21 -5.08 -6.66 8.71
CA GLU A 21 -5.09 -7.33 10.00
C GLU A 21 -6.54 -7.38 10.40
N SER A 22 -6.92 -8.33 11.22
CA SER A 22 -8.31 -8.51 11.51
C SER A 22 -8.51 -8.93 12.95
N ARG A 23 -9.70 -8.69 13.43
CA ARG A 23 -10.09 -9.05 14.75
C ARG A 23 -11.57 -9.30 14.78
N TYR A 24 -12.01 -10.01 15.78
CA TYR A 24 -13.42 -10.22 16.02
C TYR A 24 -13.92 -8.91 16.64
N PRO A 25 -15.23 -8.67 16.74
CA PRO A 25 -15.73 -7.47 17.41
C PRO A 25 -15.50 -7.55 18.93
N GLY A 26 -14.24 -7.36 19.32
CA GLY A 26 -13.82 -7.47 20.69
C GLY A 26 -12.46 -8.17 20.77
N GLY A 27 -11.86 -8.37 19.59
CA GLY A 27 -10.56 -9.01 19.50
C GLY A 27 -9.47 -7.99 19.29
N ASP A 28 -8.27 -8.43 18.91
CA ASP A 28 -7.20 -7.50 18.59
C ASP A 28 -6.71 -7.85 17.20
N TRP A 29 -6.04 -6.93 16.54
CA TRP A 29 -5.62 -7.13 15.19
C TRP A 29 -4.47 -8.10 15.14
N LYS A 30 -4.63 -9.07 14.30
CA LYS A 30 -3.61 -10.01 13.99
C LYS A 30 -3.86 -10.32 12.53
N PRO A 31 -2.82 -10.42 11.72
CA PRO A 31 -2.93 -10.50 10.26
C PRO A 31 -3.92 -11.55 9.77
N ALA A 32 -4.87 -11.10 8.96
CA ALA A 32 -5.78 -11.97 8.20
C ALA A 32 -5.00 -13.00 7.40
N GLU A 33 -5.69 -13.82 6.63
CA GLU A 33 -4.99 -14.98 6.18
C GLU A 33 -4.56 -14.79 4.73
N ASP A 34 -4.92 -13.62 4.23
CA ASP A 34 -4.48 -13.11 2.96
C ASP A 34 -4.08 -11.68 3.30
N THR A 35 -2.88 -11.54 3.80
CA THR A 35 -2.45 -10.32 4.42
C THR A 35 -2.26 -9.17 3.41
N TYR A 36 -1.78 -9.47 2.21
CA TYR A 36 -1.52 -8.42 1.25
C TYR A 36 -2.50 -8.44 0.10
N THR A 37 -3.06 -7.26 -0.18
CA THR A 37 -4.17 -7.11 -1.10
C THR A 37 -4.04 -5.80 -1.85
N ASP A 38 -4.99 -5.58 -2.72
CA ASP A 38 -5.10 -4.36 -3.48
C ASP A 38 -6.15 -3.53 -2.76
N ALA A 39 -6.34 -2.28 -3.15
CA ALA A 39 -7.39 -1.43 -2.58
C ALA A 39 -8.76 -2.14 -2.65
N ASN A 40 -8.95 -2.97 -3.67
CA ASN A 40 -10.19 -3.74 -3.84
C ASN A 40 -10.18 -5.01 -2.98
N GLY A 41 -9.03 -5.41 -2.49
CA GLY A 41 -8.96 -6.60 -1.66
C GLY A 41 -8.43 -7.79 -2.42
N ASP A 42 -8.21 -7.58 -3.70
CA ASP A 42 -7.59 -8.59 -4.54
C ASP A 42 -6.25 -8.95 -3.96
N LYS A 43 -6.21 -10.09 -3.31
CA LYS A 43 -5.00 -10.59 -2.69
C LYS A 43 -3.87 -10.60 -3.71
N ALA A 44 -2.76 -10.05 -3.31
CA ALA A 44 -1.64 -9.85 -4.20
C ALA A 44 -0.39 -10.38 -3.56
N ALA A 45 0.70 -10.35 -4.31
CA ALA A 45 1.99 -10.74 -3.79
C ALA A 45 2.38 -9.78 -2.67
N SER A 46 3.04 -10.29 -1.66
CA SER A 46 3.45 -9.49 -0.54
C SER A 46 4.55 -8.50 -0.98
N PRO A 47 4.78 -7.40 -0.24
CA PRO A 47 5.78 -6.37 -0.58
C PRO A 47 7.19 -6.92 -0.82
N SER A 48 7.47 -8.10 -0.29
CA SER A 48 8.73 -8.76 -0.52
C SER A 48 8.79 -9.24 -1.98
N GLU A 49 7.76 -9.99 -2.37
CA GLU A 49 7.62 -10.48 -3.74
C GLU A 49 7.32 -9.33 -4.70
N LEU A 50 6.75 -8.24 -4.18
CA LEU A 50 6.50 -7.05 -4.97
C LEU A 50 7.84 -6.49 -5.42
N THR A 51 8.06 -6.57 -6.70
CA THR A 51 9.34 -6.27 -7.27
C THR A 51 9.19 -5.31 -8.44
N CYS A 52 10.30 -4.80 -8.91
CA CYS A 52 10.28 -3.86 -10.00
C CYS A 52 10.32 -4.59 -11.34
N PRO A 53 9.60 -4.06 -12.33
CA PRO A 53 9.64 -4.58 -13.70
C PRO A 53 10.95 -4.15 -14.39
N PRO A 54 11.23 -4.61 -15.63
CA PRO A 54 12.48 -4.24 -16.33
C PRO A 54 12.72 -2.73 -16.41
N GLY A 55 11.70 -1.96 -16.77
CA GLY A 55 11.88 -0.53 -16.90
C GLY A 55 11.93 0.18 -15.56
N TRP A 56 11.03 -0.16 -14.67
CA TRP A 56 10.98 0.48 -13.36
C TRP A 56 12.04 0.01 -12.36
N GLU A 57 12.48 0.96 -11.57
CA GLU A 57 13.49 0.83 -10.54
C GLU A 57 12.84 1.35 -9.25
N TRP A 58 13.21 0.86 -8.09
CA TRP A 58 12.70 1.48 -6.87
C TRP A 58 13.58 2.66 -6.43
N GLU A 59 13.00 3.57 -5.66
CA GLU A 59 13.75 4.71 -5.17
C GLU A 59 13.74 4.71 -3.65
N ASP A 60 12.56 4.46 -3.10
CA ASP A 60 12.35 4.48 -1.66
C ASP A 60 12.83 3.21 -1.02
N ASP A 61 13.13 3.29 0.25
CA ASP A 61 13.56 2.14 0.99
C ASP A 61 12.37 1.39 1.57
N ALA A 62 12.14 0.22 0.99
CA ALA A 62 11.13 -0.71 1.44
C ALA A 62 9.72 -0.14 1.47
N TRP A 63 8.81 -0.99 1.81
CA TRP A 63 7.44 -0.59 1.94
C TRP A 63 7.24 -0.14 3.35
N SER A 64 6.84 1.08 3.50
CA SER A 64 6.68 1.69 4.79
C SER A 64 5.27 2.23 4.86
N TYR A 65 4.66 2.20 6.01
CA TYR A 65 3.26 2.61 6.12
C TYR A 65 3.16 4.11 6.00
N ASP A 66 2.19 4.52 5.20
CA ASP A 66 2.05 5.90 4.80
C ASP A 66 1.27 6.70 5.82
N ILE A 67 1.80 7.86 6.14
CA ILE A 67 1.15 8.78 7.04
C ILE A 67 0.74 10.06 6.34
N ASN A 68 0.59 9.97 5.01
CA ASN A 68 0.23 11.12 4.19
C ASN A 68 -1.23 10.99 3.79
N ARG A 69 -1.99 10.37 4.66
CA ARG A 69 -3.41 10.10 4.46
C ARG A 69 -4.12 10.40 5.77
N ALA A 70 -5.42 10.21 5.76
CA ALA A 70 -6.18 10.28 6.99
C ALA A 70 -6.01 8.94 7.68
N VAL A 71 -4.93 8.81 8.41
CA VAL A 71 -4.55 7.55 9.03
C VAL A 71 -4.57 7.58 10.56
N ASP A 72 -4.21 6.44 11.09
CA ASP A 72 -4.08 6.14 12.50
C ASP A 72 -2.81 6.82 13.03
N GLU A 73 -2.50 6.69 14.33
CA GLU A 73 -1.29 7.28 14.90
C GLU A 73 -0.05 6.76 14.25
N LYS A 74 -0.13 5.54 13.83
CA LYS A 74 1.02 4.89 13.29
C LYS A 74 0.92 4.88 11.77
N GLY A 75 -0.26 4.55 11.29
CA GLY A 75 -0.53 4.57 9.87
C GLY A 75 -1.34 3.39 9.46
N TRP A 76 -2.61 3.46 9.79
CA TRP A 76 -3.58 2.43 9.50
C TRP A 76 -4.87 3.12 9.07
N GLU A 77 -5.89 2.35 8.75
CA GLU A 77 -7.15 2.88 8.27
C GLU A 77 -8.32 2.08 8.79
N TYR A 78 -9.42 2.78 8.87
CA TYR A 78 -10.68 2.31 9.47
C TYR A 78 -11.50 1.45 8.50
N GLY A 79 -11.53 0.13 8.67
CA GLY A 79 -12.44 -0.65 7.83
C GLY A 79 -13.30 -1.58 8.65
N ILE A 80 -14.59 -1.40 8.62
CA ILE A 80 -15.43 -2.28 9.41
C ILE A 80 -16.20 -3.20 8.50
N THR A 81 -16.48 -4.36 8.98
CA THR A 81 -17.31 -5.27 8.27
C THR A 81 -18.26 -5.93 9.24
N ILE A 82 -19.54 -5.68 9.07
CA ILE A 82 -20.53 -6.30 9.90
C ILE A 82 -21.10 -7.46 9.10
N PRO A 83 -20.78 -8.69 9.48
CA PRO A 83 -21.19 -9.88 8.74
C PRO A 83 -22.69 -10.13 8.80
N PRO A 84 -23.24 -10.74 7.74
CA PRO A 84 -22.47 -11.12 6.58
C PRO A 84 -22.43 -10.02 5.54
N ASP A 85 -21.33 -9.98 4.86
CA ASP A 85 -21.08 -9.06 3.77
C ASP A 85 -19.90 -9.55 2.96
N HIS A 86 -18.69 -9.14 3.36
CA HIS A 86 -17.42 -9.46 2.69
C HIS A 86 -16.36 -8.45 3.08
N LYS A 87 -16.44 -7.27 2.49
CA LYS A 87 -15.42 -6.26 2.64
C LYS A 87 -16.00 -4.92 3.10
N PRO A 88 -15.19 -4.15 3.83
CA PRO A 88 -15.50 -2.75 4.19
C PRO A 88 -15.58 -1.89 2.95
N LYS A 89 -16.43 -0.91 2.97
CA LYS A 89 -16.58 -0.02 1.83
C LYS A 89 -15.67 1.16 2.06
N SER A 90 -15.86 1.71 3.24
CA SER A 90 -15.23 2.94 3.63
C SER A 90 -14.04 2.71 4.55
N TRP A 91 -13.12 3.66 4.48
CA TRP A 91 -11.87 3.66 5.23
C TRP A 91 -11.67 5.06 5.79
N VAL A 92 -11.26 5.13 7.04
CA VAL A 92 -11.12 6.41 7.72
C VAL A 92 -9.80 6.37 8.49
N ALA A 93 -9.85 6.32 9.82
CA ALA A 93 -8.64 6.46 10.61
C ALA A 93 -8.88 6.06 12.06
N ALA A 94 -10.11 6.28 12.54
CA ALA A 94 -10.47 6.03 13.93
C ALA A 94 -10.56 4.53 14.26
N GLU A 95 -11.09 4.25 15.46
CA GLU A 95 -11.09 2.91 15.97
C GLU A 95 -12.31 2.68 16.88
N LYS A 96 -13.27 1.94 16.34
CA LYS A 96 -14.48 1.55 17.04
C LYS A 96 -14.49 0.04 17.21
N MET A 97 -14.93 -0.43 18.37
CA MET A 97 -15.00 -1.86 18.72
C MET A 97 -15.61 -2.75 17.65
N TYR A 98 -16.56 -2.25 16.87
CA TYR A 98 -17.17 -3.12 15.86
C TYR A 98 -16.23 -3.32 14.66
N HIS A 99 -15.03 -2.79 14.81
CA HIS A 99 -13.95 -3.04 13.87
C HIS A 99 -13.60 -4.51 13.76
N THR A 100 -13.77 -5.04 12.59
CA THR A 100 -13.38 -6.39 12.28
C THR A 100 -12.17 -6.39 11.33
N HIS A 101 -11.90 -5.22 10.74
CA HIS A 101 -10.86 -5.09 9.72
C HIS A 101 -10.04 -3.80 9.84
N ARG A 102 -8.80 -3.89 9.47
CA ARG A 102 -7.91 -2.76 9.45
C ARG A 102 -6.87 -3.01 8.38
N ARG A 103 -6.47 -1.96 7.72
CA ARG A 103 -5.49 -2.00 6.65
C ARG A 103 -4.60 -0.85 6.84
N ARG A 104 -3.55 -0.85 6.11
CA ARG A 104 -2.72 0.29 6.01
C ARG A 104 -2.00 0.24 4.69
N ARG A 105 -1.63 1.38 4.18
CA ARG A 105 -0.92 1.43 2.93
C ARG A 105 0.57 1.39 3.18
N LEU A 106 1.19 0.34 2.72
CA LEU A 106 2.62 0.28 2.70
C LEU A 106 3.00 0.85 1.35
N VAL A 107 3.83 1.84 1.36
CA VAL A 107 4.18 2.56 0.16
C VAL A 107 5.60 2.33 -0.21
N ARG A 108 5.82 2.46 -1.48
CA ARG A 108 7.16 2.53 -2.01
C ARG A 108 7.14 3.18 -3.37
N LYS A 109 7.68 4.38 -3.44
CA LYS A 109 7.69 5.11 -4.68
C LYS A 109 8.76 4.51 -5.57
N ARG A 110 8.54 4.58 -6.87
CA ARG A 110 9.36 3.87 -7.82
C ARG A 110 9.65 4.79 -8.96
N LYS A 111 10.85 4.73 -9.41
CA LYS A 111 11.36 5.63 -10.41
C LYS A 111 11.92 4.83 -11.55
N LYS A 112 11.62 5.22 -12.76
CA LYS A 112 12.06 4.49 -13.95
C LYS A 112 13.43 5.02 -14.33
N ASP A 113 13.63 6.22 -13.83
CA ASP A 113 14.73 7.16 -14.13
C ASP A 113 14.91 7.46 -15.61
N LEU A 114 14.12 6.79 -16.42
CA LEU A 114 14.07 6.92 -17.87
C LEU A 114 15.41 6.53 -18.52
N THR A 115 16.26 5.84 -17.77
CA THR A 115 17.54 5.45 -18.30
C THR A 115 17.62 3.94 -18.18
N GLN A 116 16.52 3.38 -17.71
CA GLN A 116 16.43 1.96 -17.51
C GLN A 116 15.63 1.40 -18.66
N THR A 117 16.17 0.34 -19.28
CA THR A 117 15.66 -0.28 -20.52
C THR A 117 15.76 0.68 -21.71
N ALA A 118 16.49 1.75 -21.48
CA ALA A 118 16.73 2.78 -22.46
C ALA A 118 18.23 3.01 -22.54
N SER A 119 18.67 3.82 -23.50
CA SER A 119 20.08 4.11 -23.71
C SER A 119 20.82 2.86 -24.14
N SER A 120 20.89 2.66 -25.44
CA SER A 120 21.50 1.48 -26.01
C SER A 120 22.68 1.83 -26.91
N THR A 121 23.88 1.74 -26.37
CA THR A 121 25.08 1.94 -27.14
C THR A 121 25.72 0.60 -27.46
N ALA A 122 25.98 0.37 -28.73
CA ALA A 122 26.71 -0.81 -29.15
C ALA A 122 28.16 -0.69 -28.67
N ARG A 123 28.47 -1.39 -27.59
CA ARG A 123 29.77 -1.33 -26.98
C ARG A 123 30.53 -2.61 -27.31
N ILE A 1 9.88 22.38 -8.61
CA ILE A 1 10.04 20.92 -8.51
C ILE A 1 10.06 20.49 -7.05
N ASP A 2 9.98 19.19 -6.83
CA ASP A 2 10.05 18.63 -5.49
C ASP A 2 11.37 17.88 -5.33
N PRO A 3 11.99 17.90 -4.14
CA PRO A 3 13.22 17.13 -3.89
C PRO A 3 12.95 15.63 -3.80
N PHE A 4 11.67 15.27 -3.69
CA PHE A 4 11.27 13.88 -3.60
C PHE A 4 11.21 13.27 -4.99
N THR A 5 10.88 14.08 -5.98
CA THR A 5 10.83 13.65 -7.37
C THR A 5 12.15 13.95 -8.07
N ALA A 6 12.68 15.14 -7.76
CA ALA A 6 13.87 15.68 -8.37
C ALA A 6 13.64 15.82 -9.86
N ASP A 7 12.47 16.37 -10.19
CA ASP A 7 11.97 16.52 -11.55
C ASP A 7 13.01 17.09 -12.49
N ALA A 8 13.32 16.29 -13.48
CA ALA A 8 14.34 16.60 -14.48
C ALA A 8 14.10 15.70 -15.67
N GLY A 9 12.85 15.33 -15.87
CA GLY A 9 12.49 14.41 -16.92
C GLY A 9 12.73 12.98 -16.51
N HIS A 10 12.01 12.54 -15.50
CA HIS A 10 12.02 11.14 -15.13
C HIS A 10 10.63 10.63 -15.33
N THR A 11 10.31 9.63 -14.56
CA THR A 11 9.01 9.09 -14.44
C THR A 11 9.09 8.34 -13.16
N GLU A 12 8.33 8.71 -12.20
CA GLU A 12 8.26 7.99 -10.97
C GLU A 12 6.81 8.01 -10.51
N PHE A 13 6.33 6.91 -10.02
CA PHE A 13 4.99 6.80 -9.52
C PHE A 13 5.07 6.16 -8.18
N THR A 14 4.29 6.61 -7.23
CA THR A 14 4.29 6.00 -5.92
C THR A 14 3.45 4.71 -5.98
N ASP A 15 4.08 3.60 -5.61
CA ASP A 15 3.44 2.30 -5.75
C ASP A 15 2.92 1.97 -4.37
N GLU A 16 1.97 1.07 -4.24
CA GLU A 16 1.34 0.87 -2.96
C GLU A 16 0.77 -0.54 -2.83
N VAL A 17 0.62 -0.97 -1.60
CA VAL A 17 0.01 -2.24 -1.27
C VAL A 17 -0.64 -2.08 0.09
N TYR A 18 -1.31 -3.09 0.60
CA TYR A 18 -1.99 -3.02 1.85
C TYR A 18 -1.76 -4.30 2.61
N GLN A 19 -1.79 -4.17 3.91
CA GLN A 19 -1.54 -5.26 4.83
C GLN A 19 -2.81 -5.37 5.65
N ASN A 20 -3.40 -6.54 5.68
CA ASN A 20 -4.68 -6.70 6.36
C ASN A 20 -4.58 -7.68 7.52
N GLU A 21 -5.41 -7.42 8.52
CA GLU A 21 -5.59 -8.27 9.71
C GLU A 21 -7.07 -8.21 10.08
N SER A 22 -7.52 -9.18 10.84
CA SER A 22 -8.91 -9.24 11.25
C SER A 22 -9.05 -9.75 12.69
N ARG A 23 -10.00 -9.17 13.39
CA ARG A 23 -10.27 -9.44 14.77
C ARG A 23 -11.77 -9.42 14.97
N TYR A 24 -12.23 -10.01 16.04
CA TYR A 24 -13.63 -9.86 16.42
C TYR A 24 -13.78 -8.40 16.82
N PRO A 25 -14.97 -7.81 16.70
CA PRO A 25 -15.18 -6.45 17.14
C PRO A 25 -14.92 -6.26 18.64
N GLY A 26 -13.68 -5.93 18.95
CA GLY A 26 -13.26 -5.80 20.32
C GLY A 26 -12.51 -7.05 20.72
N GLY A 27 -11.32 -7.25 20.15
CA GLY A 27 -10.60 -8.47 20.40
C GLY A 27 -9.12 -8.28 20.14
N ASP A 28 -8.61 -9.12 19.25
CA ASP A 28 -7.19 -9.10 18.87
C ASP A 28 -7.05 -9.48 17.41
N TRP A 29 -6.29 -8.69 16.65
CA TRP A 29 -6.12 -8.93 15.25
C TRP A 29 -5.24 -10.14 15.05
N LYS A 30 -5.58 -10.90 14.08
CA LYS A 30 -4.83 -12.04 13.66
C LYS A 30 -4.61 -11.76 12.21
N PRO A 31 -3.52 -12.20 11.61
CA PRO A 31 -3.26 -11.90 10.20
C PRO A 31 -4.39 -12.34 9.30
N ALA A 32 -4.53 -11.66 8.20
CA ALA A 32 -5.53 -12.04 7.20
C ALA A 32 -5.08 -13.35 6.53
N GLU A 33 -5.77 -13.77 5.49
CA GLU A 33 -5.36 -14.97 4.77
C GLU A 33 -4.72 -14.56 3.45
N ASP A 34 -5.03 -13.34 3.06
CA ASP A 34 -4.37 -12.67 1.98
C ASP A 34 -3.76 -11.46 2.62
N THR A 35 -2.55 -11.64 3.15
CA THR A 35 -1.88 -10.62 3.94
C THR A 35 -1.71 -9.32 3.15
N TYR A 36 -1.12 -9.40 1.97
CA TYR A 36 -0.96 -8.23 1.14
C TYR A 36 -1.93 -8.25 -0.02
N THR A 37 -2.56 -7.11 -0.23
CA THR A 37 -3.65 -6.96 -1.17
C THR A 37 -3.58 -5.60 -1.84
N ASP A 38 -4.42 -5.43 -2.84
CA ASP A 38 -4.53 -4.19 -3.57
C ASP A 38 -5.86 -3.56 -3.14
N ALA A 39 -6.24 -2.44 -3.74
CA ALA A 39 -7.43 -1.69 -3.35
C ALA A 39 -8.70 -2.53 -3.25
N ASN A 40 -8.87 -3.53 -4.10
CA ASN A 40 -10.09 -4.34 -4.07
C ASN A 40 -9.88 -5.73 -3.46
N GLY A 41 -8.72 -5.98 -2.86
CA GLY A 41 -8.51 -7.27 -2.22
C GLY A 41 -7.69 -8.19 -3.07
N ASP A 42 -7.34 -7.71 -4.26
CA ASP A 42 -6.44 -8.41 -5.17
C ASP A 42 -5.19 -8.80 -4.42
N LYS A 43 -5.12 -10.07 -4.04
CA LYS A 43 -3.99 -10.61 -3.31
C LYS A 43 -2.73 -10.36 -4.12
N ALA A 44 -1.79 -9.71 -3.51
CA ALA A 44 -0.58 -9.32 -4.20
C ALA A 44 0.61 -9.92 -3.51
N ALA A 45 1.78 -9.65 -4.05
CA ALA A 45 3.02 -10.09 -3.42
C ALA A 45 3.29 -9.18 -2.24
N SER A 46 4.01 -9.66 -1.27
CA SER A 46 4.33 -8.85 -0.14
C SER A 46 5.54 -7.98 -0.51
N PRO A 47 5.67 -6.78 0.07
CA PRO A 47 6.71 -5.78 -0.27
C PRO A 47 8.13 -6.30 -0.49
N SER A 48 8.55 -7.33 0.23
CA SER A 48 9.91 -7.83 0.06
C SER A 48 9.95 -8.70 -1.20
N GLU A 49 8.93 -9.53 -1.35
CA GLU A 49 8.74 -10.36 -2.54
C GLU A 49 8.43 -9.51 -3.79
N LEU A 50 7.87 -8.32 -3.59
CA LEU A 50 7.51 -7.41 -4.67
C LEU A 50 8.76 -6.91 -5.39
N THR A 51 8.94 -7.36 -6.63
CA THR A 51 10.12 -7.02 -7.40
C THR A 51 9.83 -6.00 -8.48
N CYS A 52 10.86 -5.25 -8.86
CA CYS A 52 10.73 -4.25 -9.89
C CYS A 52 11.03 -4.86 -11.26
N PRO A 53 10.48 -4.29 -12.33
CA PRO A 53 10.81 -4.71 -13.69
C PRO A 53 12.17 -4.13 -14.10
N PRO A 54 12.76 -4.59 -15.22
CA PRO A 54 14.06 -4.07 -15.69
C PRO A 54 14.03 -2.58 -16.09
N GLY A 55 12.83 -2.00 -16.17
CA GLY A 55 12.69 -0.60 -16.50
C GLY A 55 12.11 0.22 -15.36
N TRP A 56 12.14 -0.32 -14.16
CA TRP A 56 11.68 0.41 -12.99
C TRP A 56 12.63 0.20 -11.83
N GLU A 57 12.93 1.28 -11.19
CA GLU A 57 13.96 1.39 -10.20
C GLU A 57 13.35 1.76 -8.86
N TRP A 58 13.73 1.10 -7.82
CA TRP A 58 13.25 1.48 -6.50
C TRP A 58 14.10 2.63 -5.97
N GLU A 59 13.59 3.84 -6.09
CA GLU A 59 14.27 4.98 -5.52
C GLU A 59 14.10 4.94 -4.00
N ASP A 60 12.88 4.58 -3.61
CA ASP A 60 12.44 4.51 -2.23
C ASP A 60 13.23 3.48 -1.41
N ASP A 61 13.58 3.87 -0.19
CA ASP A 61 14.27 3.01 0.77
C ASP A 61 13.56 1.68 0.96
N ALA A 62 12.32 1.74 1.40
CA ALA A 62 11.58 0.55 1.81
C ALA A 62 10.12 0.89 1.98
N TRP A 63 9.28 -0.12 1.84
CA TRP A 63 7.84 0.08 1.94
C TRP A 63 7.52 0.50 3.36
N SER A 64 7.01 1.69 3.48
CA SER A 64 6.77 2.29 4.77
C SER A 64 5.29 2.59 4.83
N TYR A 65 4.71 2.60 5.99
CA TYR A 65 3.28 2.83 6.06
C TYR A 65 2.97 4.29 5.78
N ASP A 66 1.98 4.48 4.95
CA ASP A 66 1.64 5.80 4.43
C ASP A 66 0.77 6.53 5.44
N ILE A 67 1.23 7.69 5.85
CA ILE A 67 0.54 8.49 6.85
C ILE A 67 0.04 9.79 6.23
N ASN A 68 0.15 9.88 4.92
CA ASN A 68 -0.19 11.10 4.19
C ASN A 68 -1.65 11.01 3.72
N ARG A 69 -2.46 10.35 4.52
CA ARG A 69 -3.87 10.08 4.20
C ARG A 69 -4.68 10.16 5.48
N ALA A 70 -5.97 9.88 5.38
CA ALA A 70 -6.82 9.77 6.54
C ALA A 70 -6.70 8.34 7.08
N VAL A 71 -5.60 8.11 7.80
CA VAL A 71 -5.23 6.80 8.32
C VAL A 71 -4.69 6.92 9.73
N ASP A 72 -4.68 5.80 10.44
CA ASP A 72 -4.06 5.67 11.77
C ASP A 72 -2.59 6.09 11.74
N GLU A 73 -1.99 6.21 12.92
CA GLU A 73 -0.59 6.57 13.06
C GLU A 73 0.29 5.60 12.27
N LYS A 74 -0.17 4.36 12.21
CA LYS A 74 0.55 3.34 11.51
C LYS A 74 0.00 3.09 10.10
N GLY A 75 -0.93 3.95 9.65
CA GLY A 75 -1.45 3.85 8.29
C GLY A 75 -2.69 2.99 8.24
N TRP A 76 -2.93 2.31 9.35
CA TRP A 76 -4.10 1.46 9.52
C TRP A 76 -5.43 2.19 9.25
N GLU A 77 -6.34 1.52 8.58
CA GLU A 77 -7.62 2.09 8.18
C GLU A 77 -8.78 1.42 8.91
N TYR A 78 -9.84 2.19 9.00
CA TYR A 78 -11.10 1.85 9.63
C TYR A 78 -11.95 0.94 8.75
N GLY A 79 -11.96 -0.36 9.03
CA GLY A 79 -12.87 -1.22 8.31
C GLY A 79 -13.74 -2.06 9.22
N ILE A 80 -14.95 -1.64 9.46
CA ILE A 80 -15.84 -2.42 10.31
C ILE A 80 -16.72 -3.24 9.38
N THR A 81 -17.07 -4.41 9.81
CA THR A 81 -17.98 -5.22 9.06
C THR A 81 -19.27 -5.41 9.86
N ILE A 82 -20.10 -4.38 9.82
CA ILE A 82 -21.37 -4.40 10.51
C ILE A 82 -22.39 -5.30 9.81
N PRO A 83 -22.96 -6.26 10.54
CA PRO A 83 -23.90 -7.23 9.98
C PRO A 83 -25.27 -6.63 9.61
N PRO A 84 -25.85 -7.11 8.50
CA PRO A 84 -25.21 -8.08 7.64
C PRO A 84 -24.54 -7.44 6.44
N ASP A 85 -23.39 -7.96 6.20
CA ASP A 85 -22.51 -7.53 5.10
C ASP A 85 -21.30 -8.44 5.15
N HIS A 86 -20.37 -8.30 4.23
CA HIS A 86 -19.19 -9.16 4.22
C HIS A 86 -17.90 -8.41 4.37
N LYS A 87 -17.76 -7.31 3.68
CA LYS A 87 -16.51 -6.61 3.70
C LYS A 87 -16.72 -5.17 4.11
N PRO A 88 -15.72 -4.56 4.76
CA PRO A 88 -15.73 -3.12 5.03
C PRO A 88 -15.88 -2.33 3.74
N LYS A 89 -16.88 -1.50 3.70
CA LYS A 89 -17.20 -0.72 2.52
C LYS A 89 -16.94 0.75 2.79
N SER A 90 -16.28 0.99 3.90
CA SER A 90 -16.00 2.32 4.35
C SER A 90 -14.68 2.28 5.11
N TRP A 91 -13.87 3.31 4.94
CA TRP A 91 -12.56 3.42 5.57
C TRP A 91 -12.37 4.86 6.02
N VAL A 92 -11.74 5.00 7.18
CA VAL A 92 -11.51 6.28 7.86
C VAL A 92 -10.22 6.02 8.65
N ALA A 93 -9.87 6.84 9.61
CA ALA A 93 -8.65 6.60 10.37
C ALA A 93 -8.92 5.99 11.74
N ALA A 94 -10.05 6.35 12.34
CA ALA A 94 -10.33 6.06 13.75
C ALA A 94 -10.54 4.58 14.07
N GLU A 95 -9.73 4.07 15.00
CA GLU A 95 -9.93 2.73 15.56
C GLU A 95 -11.17 2.72 16.46
N LYS A 96 -12.15 1.92 16.08
CA LYS A 96 -13.32 1.71 16.92
C LYS A 96 -13.38 0.26 17.35
N MET A 97 -13.98 0.03 18.49
CA MET A 97 -14.23 -1.30 19.02
C MET A 97 -14.86 -2.19 17.99
N TYR A 98 -15.86 -1.69 17.27
CA TYR A 98 -16.53 -2.49 16.24
C TYR A 98 -15.62 -2.85 15.07
N HIS A 99 -14.32 -2.56 15.17
CA HIS A 99 -13.39 -2.95 14.13
C HIS A 99 -13.23 -4.43 14.03
N THR A 100 -13.68 -4.92 12.91
CA THR A 100 -13.59 -6.29 12.55
C THR A 100 -12.35 -6.48 11.67
N HIS A 101 -12.10 -5.48 10.87
CA HIS A 101 -11.02 -5.49 9.86
C HIS A 101 -10.27 -4.18 9.88
N ARG A 102 -9.03 -4.22 9.46
CA ARG A 102 -8.22 -3.00 9.32
C ARG A 102 -7.06 -3.28 8.39
N ARG A 103 -6.64 -2.28 7.64
CA ARG A 103 -5.54 -2.50 6.68
C ARG A 103 -4.77 -1.24 6.47
N ARG A 104 -3.53 -1.36 6.08
CA ARG A 104 -2.71 -0.17 5.93
C ARG A 104 -1.91 -0.21 4.65
N ARG A 105 -1.65 0.94 4.08
CA ARG A 105 -0.89 1.02 2.88
C ARG A 105 0.60 1.10 3.20
N LEU A 106 1.38 0.25 2.56
CA LEU A 106 2.80 0.40 2.56
C LEU A 106 3.14 0.95 1.19
N VAL A 107 3.91 2.01 1.20
CA VAL A 107 4.25 2.74 -0.01
C VAL A 107 5.66 2.50 -0.42
N ARG A 108 5.84 2.40 -1.71
CA ARG A 108 7.18 2.37 -2.27
C ARG A 108 7.22 3.24 -3.51
N LYS A 109 7.82 4.40 -3.43
CA LYS A 109 7.90 5.27 -4.58
C LYS A 109 8.90 4.66 -5.57
N ARG A 110 8.57 4.63 -6.86
CA ARG A 110 9.38 3.93 -7.81
C ARG A 110 9.62 4.83 -8.97
N LYS A 111 10.82 4.89 -9.41
CA LYS A 111 11.25 5.81 -10.41
C LYS A 111 11.89 5.05 -11.55
N LYS A 112 11.60 5.42 -12.78
CA LYS A 112 12.16 4.76 -13.96
C LYS A 112 13.43 5.51 -14.32
N ASP A 113 13.45 6.69 -13.76
CA ASP A 113 14.43 7.75 -14.02
C ASP A 113 14.39 8.20 -15.50
N LEU A 114 13.50 7.56 -16.25
CA LEU A 114 13.22 7.77 -17.68
C LEU A 114 14.35 7.24 -18.58
N THR A 115 15.41 6.72 -18.00
CA THR A 115 16.50 6.25 -18.81
C THR A 115 16.69 4.78 -18.53
N GLN A 116 15.88 4.29 -17.63
CA GLN A 116 15.98 2.90 -17.26
C GLN A 116 14.98 2.12 -18.07
N THR A 117 15.43 1.06 -18.66
CA THR A 117 14.58 0.19 -19.43
C THR A 117 15.15 -1.21 -19.43
N ALA A 118 16.46 -1.33 -19.24
CA ALA A 118 17.08 -2.63 -19.22
C ALA A 118 18.17 -2.70 -18.17
N SER A 119 17.77 -2.84 -16.92
CA SER A 119 18.70 -3.19 -15.87
C SER A 119 19.04 -4.66 -16.06
N SER A 120 18.08 -5.34 -16.68
CA SER A 120 18.23 -6.71 -17.08
C SER A 120 17.88 -6.74 -18.56
N THR A 121 18.89 -6.83 -19.41
CA THR A 121 18.69 -6.77 -20.84
C THR A 121 18.14 -8.10 -21.35
N ALA A 122 18.80 -9.18 -20.95
CA ALA A 122 18.39 -10.52 -21.31
C ALA A 122 19.02 -11.47 -20.31
N ARG A 123 18.82 -12.75 -20.49
CA ARG A 123 19.43 -13.74 -19.63
C ARG A 123 20.16 -14.75 -20.49
N ILE A 1 11.58 22.85 -0.33
CA ILE A 1 13.03 23.06 -0.16
C ILE A 1 13.76 21.72 -0.08
N ASP A 2 13.14 20.74 0.55
CA ASP A 2 13.70 19.39 0.61
C ASP A 2 12.85 18.46 -0.23
N PRO A 3 13.26 18.19 -1.47
CA PRO A 3 12.56 17.27 -2.33
C PRO A 3 12.78 15.85 -1.90
N PHE A 4 11.74 15.26 -1.34
CA PHE A 4 11.79 13.85 -0.98
C PHE A 4 11.85 13.03 -2.25
N THR A 5 11.13 13.49 -3.24
CA THR A 5 11.16 12.91 -4.55
C THR A 5 11.57 14.00 -5.54
N ALA A 6 12.86 14.05 -5.84
CA ALA A 6 13.40 15.03 -6.76
C ALA A 6 13.35 14.50 -8.17
N ASP A 7 13.45 15.39 -9.14
CA ASP A 7 13.44 15.02 -10.53
C ASP A 7 14.51 15.75 -11.31
N ALA A 8 15.15 15.02 -12.20
CA ALA A 8 16.13 15.54 -13.12
C ALA A 8 15.90 14.90 -14.48
N GLY A 9 14.75 14.26 -14.63
CA GLY A 9 14.43 13.56 -15.86
C GLY A 9 14.10 12.10 -15.60
N HIS A 10 13.15 11.87 -14.72
CA HIS A 10 12.71 10.51 -14.43
C HIS A 10 11.24 10.48 -14.59
N THR A 11 10.71 9.33 -14.82
CA THR A 11 9.34 9.15 -14.56
C THR A 11 9.26 8.28 -13.35
N GLU A 12 8.47 8.66 -12.39
CA GLU A 12 8.32 7.88 -11.19
C GLU A 12 6.87 7.96 -10.70
N PHE A 13 6.39 6.91 -10.10
CA PHE A 13 5.06 6.87 -9.52
C PHE A 13 5.13 6.10 -8.21
N THR A 14 4.36 6.51 -7.22
CA THR A 14 4.33 5.83 -5.94
C THR A 14 3.54 4.52 -6.04
N ASP A 15 4.11 3.44 -5.55
CA ASP A 15 3.44 2.15 -5.58
C ASP A 15 2.99 1.88 -4.15
N GLU A 16 2.02 1.03 -3.94
CA GLU A 16 1.49 0.81 -2.61
C GLU A 16 0.97 -0.62 -2.48
N VAL A 17 0.91 -1.11 -1.26
CA VAL A 17 0.26 -2.38 -0.97
C VAL A 17 -0.25 -2.39 0.44
N TYR A 18 -1.48 -2.77 0.60
CA TYR A 18 -2.12 -2.76 1.89
C TYR A 18 -1.77 -3.97 2.72
N GLN A 19 -1.71 -3.72 4.01
CA GLN A 19 -1.44 -4.71 5.01
C GLN A 19 -2.67 -4.81 5.87
N ASN A 20 -3.34 -5.92 5.78
CA ASN A 20 -4.64 -6.12 6.41
C ASN A 20 -4.59 -7.09 7.56
N GLU A 21 -5.36 -6.76 8.57
CA GLU A 21 -5.59 -7.60 9.73
C GLU A 21 -7.03 -7.45 10.12
N SER A 22 -7.55 -8.37 10.91
CA SER A 22 -8.94 -8.32 11.30
C SER A 22 -9.16 -8.95 12.66
N ARG A 23 -10.25 -8.53 13.26
CA ARG A 23 -10.70 -8.98 14.55
C ARG A 23 -12.21 -8.91 14.56
N TYR A 24 -12.82 -9.64 15.44
CA TYR A 24 -14.24 -9.45 15.69
C TYR A 24 -14.36 -8.20 16.54
N PRO A 25 -15.55 -7.63 16.70
CA PRO A 25 -15.75 -6.59 17.68
C PRO A 25 -15.56 -7.18 19.07
N GLY A 26 -14.33 -7.14 19.56
CA GLY A 26 -14.00 -7.81 20.79
C GLY A 26 -12.75 -8.67 20.64
N GLY A 27 -12.24 -8.84 19.41
CA GLY A 27 -11.07 -9.66 19.21
C GLY A 27 -9.87 -8.77 19.01
N ASP A 28 -8.68 -9.28 18.76
CA ASP A 28 -7.57 -8.43 18.41
C ASP A 28 -7.11 -8.84 17.01
N TRP A 29 -6.36 -7.99 16.35
CA TRP A 29 -5.98 -8.19 14.97
C TRP A 29 -5.11 -9.42 14.77
N LYS A 30 -5.46 -10.15 13.74
CA LYS A 30 -4.80 -11.36 13.30
C LYS A 30 -4.78 -11.22 11.78
N PRO A 31 -4.10 -12.07 11.01
CA PRO A 31 -4.15 -11.97 9.54
C PRO A 31 -5.60 -11.95 9.05
N ALA A 32 -5.93 -10.89 8.30
CA ALA A 32 -7.30 -10.64 7.84
C ALA A 32 -7.95 -11.80 7.13
N GLU A 33 -7.43 -12.12 5.98
CA GLU A 33 -8.01 -13.08 5.08
C GLU A 33 -6.94 -13.32 4.04
N ASP A 34 -6.49 -12.20 3.54
CA ASP A 34 -5.35 -12.09 2.67
C ASP A 34 -4.54 -10.96 3.26
N THR A 35 -3.28 -11.19 3.53
CA THR A 35 -2.47 -10.20 4.20
C THR A 35 -2.26 -8.96 3.33
N TYR A 36 -1.70 -9.14 2.16
CA TYR A 36 -1.45 -8.00 1.29
C TYR A 36 -2.47 -7.93 0.17
N THR A 37 -3.02 -6.75 -0.04
CA THR A 37 -4.13 -6.57 -0.96
C THR A 37 -4.00 -5.27 -1.72
N ASP A 38 -4.95 -5.08 -2.61
CA ASP A 38 -5.13 -3.88 -3.38
C ASP A 38 -6.24 -3.10 -2.69
N ALA A 39 -6.50 -1.87 -3.09
CA ALA A 39 -7.60 -1.08 -2.52
C ALA A 39 -8.91 -1.86 -2.55
N ASN A 40 -9.11 -2.64 -3.60
CA ASN A 40 -10.32 -3.44 -3.74
C ASN A 40 -10.27 -4.65 -2.82
N GLY A 41 -9.11 -5.28 -2.71
CA GLY A 41 -8.96 -6.44 -1.86
C GLY A 41 -8.24 -7.56 -2.54
N ASP A 42 -7.98 -7.37 -3.82
CA ASP A 42 -7.22 -8.32 -4.60
C ASP A 42 -5.86 -8.51 -3.98
N LYS A 43 -5.68 -9.65 -3.33
CA LYS A 43 -4.41 -10.00 -2.73
C LYS A 43 -3.27 -9.86 -3.73
N ALA A 44 -2.26 -9.15 -3.31
CA ALA A 44 -1.09 -8.86 -4.11
C ALA A 44 0.10 -9.52 -3.46
N ALA A 45 1.29 -9.24 -3.95
CA ALA A 45 2.48 -9.79 -3.34
C ALA A 45 2.88 -8.93 -2.14
N SER A 46 3.64 -9.50 -1.26
CA SER A 46 4.14 -8.81 -0.11
C SER A 46 5.36 -7.98 -0.52
N PRO A 47 5.63 -6.87 0.17
CA PRO A 47 6.74 -5.96 -0.13
C PRO A 47 8.09 -6.65 -0.42
N SER A 48 8.37 -7.74 0.26
CA SER A 48 9.62 -8.45 0.05
C SER A 48 9.55 -9.22 -1.28
N GLU A 49 8.44 -9.92 -1.47
CA GLU A 49 8.14 -10.64 -2.71
C GLU A 49 7.85 -9.69 -3.88
N LEU A 50 7.81 -8.40 -3.61
CA LEU A 50 7.52 -7.39 -4.61
C LEU A 50 8.80 -6.91 -5.26
N THR A 51 8.94 -7.20 -6.54
CA THR A 51 10.12 -6.80 -7.29
C THR A 51 9.77 -5.83 -8.40
N CYS A 52 10.78 -5.30 -9.06
CA CYS A 52 10.56 -4.33 -10.11
C CYS A 52 10.58 -5.00 -11.49
N PRO A 53 9.70 -4.55 -12.39
CA PRO A 53 9.56 -5.11 -13.73
C PRO A 53 10.56 -4.51 -14.73
N PRO A 54 10.67 -5.07 -15.95
CA PRO A 54 11.52 -4.50 -17.00
C PRO A 54 11.00 -3.13 -17.41
N GLY A 55 11.66 -2.11 -16.93
CA GLY A 55 11.23 -0.76 -17.22
C GLY A 55 11.04 0.02 -15.95
N TRP A 56 11.14 -0.65 -14.81
CA TRP A 56 10.93 0.03 -13.54
C TRP A 56 11.98 -0.36 -12.52
N GLU A 57 12.41 0.64 -11.82
CA GLU A 57 13.52 0.63 -10.90
C GLU A 57 13.07 1.22 -9.57
N TRP A 58 13.60 0.74 -8.46
CA TRP A 58 13.28 1.34 -7.18
C TRP A 58 14.17 2.54 -6.88
N GLU A 59 13.64 3.43 -6.07
CA GLU A 59 14.36 4.61 -5.61
C GLU A 59 14.25 4.68 -4.09
N ASP A 60 13.09 4.30 -3.60
CA ASP A 60 12.81 4.25 -2.16
C ASP A 60 13.52 3.03 -1.56
N ASP A 61 13.87 3.10 -0.28
CA ASP A 61 14.65 2.03 0.36
C ASP A 61 13.77 0.93 0.99
N ALA A 62 12.57 1.26 1.46
CA ALA A 62 11.76 0.29 2.19
C ALA A 62 10.31 0.75 2.31
N TRP A 63 9.41 -0.22 2.19
CA TRP A 63 7.98 0.06 2.25
C TRP A 63 7.66 0.61 3.63
N SER A 64 7.07 1.77 3.64
CA SER A 64 6.77 2.48 4.87
C SER A 64 5.26 2.59 4.95
N TYR A 65 4.69 3.41 5.79
CA TYR A 65 3.24 3.53 5.82
C TYR A 65 2.83 4.95 5.49
N ASP A 66 1.68 5.10 4.85
CA ASP A 66 1.22 6.40 4.38
C ASP A 66 0.28 7.01 5.39
N ILE A 67 0.70 8.12 5.93
CA ILE A 67 -0.05 8.81 6.96
C ILE A 67 -0.71 10.07 6.42
N ASN A 68 -0.78 10.18 5.10
CA ASN A 68 -1.40 11.33 4.46
C ASN A 68 -2.84 10.98 4.11
N ARG A 69 -3.47 10.25 5.01
CA ARG A 69 -4.79 9.73 4.84
C ARG A 69 -5.51 9.83 6.17
N ALA A 70 -6.72 9.35 6.21
CA ALA A 70 -7.42 9.23 7.47
C ALA A 70 -6.93 7.94 8.10
N VAL A 71 -5.83 8.04 8.81
CA VAL A 71 -5.19 6.89 9.43
C VAL A 71 -4.76 7.16 10.86
N ASP A 72 -4.76 6.09 11.64
CA ASP A 72 -4.22 6.06 13.00
C ASP A 72 -2.77 6.56 13.05
N GLU A 73 -2.27 6.78 14.26
CA GLU A 73 -0.90 7.23 14.50
C GLU A 73 0.11 6.32 13.85
N LYS A 74 -0.21 5.05 13.81
CA LYS A 74 0.69 4.08 13.26
C LYS A 74 0.35 3.80 11.82
N GLY A 75 -0.52 4.63 11.27
CA GLY A 75 -0.97 4.48 9.91
C GLY A 75 -1.84 3.26 9.77
N TRP A 76 -3.08 3.37 10.20
CA TRP A 76 -4.02 2.28 10.10
C TRP A 76 -5.39 2.86 9.87
N GLU A 77 -6.08 2.39 8.87
CA GLU A 77 -7.42 2.83 8.59
C GLU A 77 -8.42 1.80 9.08
N TYR A 78 -9.61 2.25 9.39
CA TYR A 78 -10.60 1.39 10.00
C TYR A 78 -11.71 1.08 9.07
N GLY A 79 -11.96 -0.20 8.95
CA GLY A 79 -13.03 -0.70 8.16
C GLY A 79 -13.87 -1.63 8.97
N ILE A 80 -15.16 -1.54 8.77
CA ILE A 80 -16.11 -2.37 9.48
C ILE A 80 -16.93 -3.19 8.51
N THR A 81 -17.16 -4.44 8.86
CA THR A 81 -17.99 -5.27 8.05
C THR A 81 -18.77 -6.21 8.97
N ILE A 82 -19.95 -6.61 8.57
CA ILE A 82 -20.73 -7.54 9.34
C ILE A 82 -20.72 -8.87 8.59
N PRO A 83 -19.88 -9.82 9.03
CA PRO A 83 -19.70 -11.09 8.33
C PRO A 83 -20.92 -12.02 8.44
N PRO A 84 -21.33 -12.60 7.31
CA PRO A 84 -20.70 -12.38 6.04
C PRO A 84 -21.37 -11.31 5.21
N ASP A 85 -20.55 -10.68 4.42
CA ASP A 85 -20.94 -9.65 3.48
C ASP A 85 -19.98 -9.72 2.31
N HIS A 86 -18.86 -9.03 2.43
CA HIS A 86 -17.73 -9.13 1.49
C HIS A 86 -16.53 -8.62 2.25
N LYS A 87 -16.41 -7.31 2.24
CA LYS A 87 -15.37 -6.60 2.94
C LYS A 87 -15.87 -5.24 3.34
N PRO A 88 -15.21 -4.60 4.32
CA PRO A 88 -15.42 -3.19 4.64
C PRO A 88 -15.20 -2.31 3.42
N LYS A 89 -16.00 -1.28 3.30
CA LYS A 89 -15.96 -0.40 2.14
C LYS A 89 -15.74 1.01 2.63
N SER A 90 -15.40 1.10 3.89
CA SER A 90 -15.28 2.35 4.56
C SER A 90 -14.00 2.32 5.39
N TRP A 91 -13.16 3.32 5.18
CA TRP A 91 -11.87 3.42 5.87
C TRP A 91 -11.67 4.86 6.32
N VAL A 92 -11.26 5.02 7.56
CA VAL A 92 -11.19 6.32 8.23
C VAL A 92 -10.08 6.19 9.27
N ALA A 93 -9.81 7.21 10.06
CA ALA A 93 -8.82 7.12 11.12
C ALA A 93 -9.29 6.12 12.17
N ALA A 94 -8.61 4.99 12.22
CA ALA A 94 -8.92 3.89 13.12
C ALA A 94 -9.00 4.35 14.58
N GLU A 95 -10.21 4.39 15.13
CA GLU A 95 -10.37 4.78 16.52
C GLU A 95 -11.20 3.77 17.34
N LYS A 96 -12.33 3.37 16.79
CA LYS A 96 -13.34 2.60 17.52
C LYS A 96 -13.04 1.12 17.70
N MET A 97 -13.48 0.57 18.79
CA MET A 97 -13.35 -0.86 19.07
C MET A 97 -14.10 -1.71 18.08
N TYR A 98 -15.30 -1.28 17.69
CA TYR A 98 -16.15 -2.06 16.80
C TYR A 98 -15.61 -2.16 15.38
N HIS A 99 -14.44 -1.60 15.14
CA HIS A 99 -13.89 -1.82 13.79
C HIS A 99 -13.19 -3.15 13.70
N THR A 100 -13.59 -3.92 12.68
CA THR A 100 -13.25 -5.33 12.57
C THR A 100 -12.10 -5.58 11.60
N HIS A 101 -11.77 -4.57 10.85
CA HIS A 101 -10.74 -4.73 9.82
C HIS A 101 -9.86 -3.49 9.80
N ARG A 102 -8.59 -3.67 9.56
CA ARG A 102 -7.69 -2.54 9.42
C ARG A 102 -6.69 -2.85 8.35
N ARG A 103 -6.20 -1.82 7.71
CA ARG A 103 -5.16 -1.94 6.70
C ARG A 103 -4.42 -0.65 6.62
N ARG A 104 -3.31 -0.69 5.96
CA ARG A 104 -2.53 0.49 5.71
C ARG A 104 -1.78 0.36 4.41
N ARG A 105 -1.48 1.47 3.81
CA ARG A 105 -0.74 1.51 2.59
C ARG A 105 0.75 1.52 2.89
N LEU A 106 1.44 0.48 2.50
CA LEU A 106 2.86 0.51 2.56
C LEU A 106 3.30 1.14 1.26
N VAL A 107 4.11 2.14 1.37
CA VAL A 107 4.50 2.93 0.23
C VAL A 107 5.88 2.60 -0.24
N ARG A 108 6.01 2.43 -1.52
CA ARG A 108 7.30 2.29 -2.13
C ARG A 108 7.28 3.02 -3.46
N LYS A 109 7.86 4.20 -3.51
CA LYS A 109 7.85 4.95 -4.74
C LYS A 109 8.87 4.34 -5.70
N ARG A 110 8.59 4.36 -6.99
CA ARG A 110 9.39 3.67 -7.98
C ARG A 110 9.56 4.61 -9.14
N LYS A 111 10.56 4.40 -9.93
CA LYS A 111 10.89 5.30 -11.00
C LYS A 111 11.35 4.48 -12.18
N LYS A 112 11.15 4.99 -13.34
CA LYS A 112 11.59 4.33 -14.55
C LYS A 112 13.00 4.81 -14.83
N ASP A 113 13.24 5.96 -14.21
CA ASP A 113 14.44 6.80 -14.36
C ASP A 113 14.71 7.21 -15.81
N LEU A 114 13.85 6.72 -16.69
CA LEU A 114 13.86 6.91 -18.13
C LEU A 114 15.09 6.22 -18.75
N THR A 115 15.82 5.49 -17.93
CA THR A 115 17.02 4.82 -18.35
C THR A 115 16.75 3.34 -18.47
N GLN A 116 15.58 2.94 -18.00
CA GLN A 116 15.21 1.53 -18.05
C GLN A 116 14.19 1.27 -19.14
N THR A 117 13.82 2.31 -19.85
CA THR A 117 12.91 2.21 -20.96
C THR A 117 13.24 3.32 -21.94
N ALA A 118 14.14 3.01 -22.85
CA ALA A 118 14.60 3.96 -23.84
C ALA A 118 13.92 3.69 -25.17
N SER A 119 14.29 4.45 -26.19
CA SER A 119 13.72 4.29 -27.51
C SER A 119 14.28 3.02 -28.16
N SER A 120 13.44 2.00 -28.27
CA SER A 120 13.85 0.80 -28.95
C SER A 120 13.79 1.11 -30.44
N THR A 121 14.89 0.92 -31.12
CA THR A 121 15.01 1.31 -32.51
C THR A 121 14.26 0.38 -33.45
N ALA A 122 13.77 0.94 -34.55
CA ALA A 122 13.11 0.14 -35.56
C ALA A 122 14.17 -0.52 -36.43
N ARG A 123 15.24 0.23 -36.66
CA ARG A 123 16.37 -0.25 -37.42
C ARG A 123 17.47 -0.60 -36.43
#